data_5SK3
#
_entry.id   5SK3
#
_cell.length_a   135.212
_cell.length_b   135.212
_cell.length_c   235.801
_cell.angle_alpha   90.000
_cell.angle_beta   90.000
_cell.angle_gamma   120.000
#
_symmetry.space_group_name_H-M   'H 3'
#
loop_
_entity.id
_entity.type
_entity.pdbx_description
1 polymer "cAMP and cAMP-inhibited cGMP 3',5'-cyclic phosphodiesterase 10A"
2 non-polymer {(4S)-2-cyclopropyl-6-[(1-methyl-4-phenyl-1H-imidazol-2-yl)ethynyl]imidazo[1,2-b]pyridazin-3-yl}methanol
3 non-polymer 'ZINC ION'
4 non-polymer 'MAGNESIUM ION'
5 water water
#
_entity_poly.entity_id   1
_entity_poly.type   'polypeptide(L)'
_entity_poly.pdbx_seq_one_letter_code
;GSSICTSEEWQGLMQFTLPVRLCKEIELFHFDIGPFENMWPGIFVYMVHRSCGTSCFELEKL(CME)RFIMSVKKNYRRV
PYHNWKHAVTVAHCMYAILQNNHTLFTDLERKGLLIACLCHDLDHRGFSNSYLQKFDHPLAALYSTSTMEQHHFSQTVSI
LQLEGHNIFSTLSSSEYEQVLEIIRKAIIATDLALYFGNRKQLEEMYQTGSLNLNNQSHRDRVIGLMMTACDLCSVTKLW
PVTKLTANDIYAEFWAEGDEMKKLGIQPIPMMDRDKKDEVPQGQLGFYNAVAIPCYTTLTQILPPTEPLLKACRDNLSQW
EKVIRGEETATWISSPSVAQKAAASED
;
_entity_poly.pdbx_strand_id   A,B,C,D
#
loop_
_chem_comp.id
_chem_comp.type
_chem_comp.name
_chem_comp.formula
IIR non-polymer {(4S)-2-cyclopropyl-6-[(1-methyl-4-phenyl-1H-imidazol-2-yl)ethynyl]imidazo[1,2-b]pyridazin-3-yl}methanol 'C22 H19 N5 O'
MG non-polymer 'MAGNESIUM ION' 'Mg 2'
ZN non-polymer 'ZINC ION' 'Zn 2'
#
# COMPACT_ATOMS: atom_id res chain seq x y z
N GLY A 12 -1.15 23.39 41.17
CA GLY A 12 -0.48 23.27 42.51
C GLY A 12 -1.11 22.19 43.39
N LEU A 13 -2.46 22.16 43.46
CA LEU A 13 -3.31 21.08 44.05
C LEU A 13 -3.58 19.95 43.03
N MET A 14 -2.84 19.93 41.89
CA MET A 14 -3.00 19.03 40.72
C MET A 14 -1.95 17.92 40.82
N GLN A 15 -2.34 16.73 41.28
CA GLN A 15 -1.50 15.51 41.27
C GLN A 15 -1.57 14.88 39.87
N PHE A 16 -0.49 14.22 39.45
CA PHE A 16 -0.53 13.16 38.43
C PHE A 16 -0.81 11.85 39.18
N THR A 17 -1.77 11.07 38.72
CA THR A 17 -1.99 9.65 39.19
C THR A 17 -1.97 8.71 38.00
N LEU A 18 -1.82 7.44 38.30
CA LEU A 18 -1.63 6.37 37.32
C LEU A 18 -2.64 5.29 37.67
N PRO A 19 -3.10 4.52 36.68
CA PRO A 19 -3.88 3.34 36.97
C PRO A 19 -3.17 2.52 38.06
N VAL A 20 -3.97 1.79 38.82
CA VAL A 20 -3.52 1.03 40.02
C VAL A 20 -2.32 0.12 39.67
N ARG A 21 -2.32 -0.66 38.60
CA ARG A 21 -1.22 -1.64 38.35
C ARG A 21 0.07 -0.82 38.18
N LEU A 22 0.01 0.34 37.51
CA LEU A 22 1.22 1.16 37.26
C LEU A 22 1.63 1.82 38.58
N CYS A 23 0.67 2.34 39.33
CA CYS A 23 0.91 3.08 40.60
C CYS A 23 1.76 2.20 41.52
N LYS A 24 1.44 0.91 41.59
CA LYS A 24 2.19 -0.09 42.38
C LYS A 24 3.47 -0.54 41.68
N GLU A 25 3.41 -0.97 40.42
CA GLU A 25 4.56 -1.63 39.73
C GLU A 25 5.66 -0.57 39.47
N ILE A 26 5.37 0.73 39.42
CA ILE A 26 6.37 1.76 39.02
C ILE A 26 7.41 1.91 40.13
N GLU A 27 7.07 1.44 41.33
CA GLU A 27 7.97 1.60 42.50
C GLU A 27 9.02 0.51 42.49
N LEU A 28 8.81 -0.54 41.70
CA LEU A 28 9.77 -1.67 41.64
C LEU A 28 10.85 -1.39 40.58
N PHE A 29 12.02 -1.96 40.75
CA PHE A 29 13.16 -1.80 39.84
C PHE A 29 12.82 -2.36 38.44
N HIS A 30 12.04 -3.41 38.33
CA HIS A 30 11.88 -4.19 37.08
C HIS A 30 10.67 -3.65 36.29
N PHE A 31 10.04 -2.58 36.71
CA PHE A 31 8.94 -1.97 35.96
C PHE A 31 9.38 -1.71 34.51
N ASP A 32 8.50 -2.02 33.56
CA ASP A 32 8.58 -1.76 32.11
C ASP A 32 7.55 -0.67 31.82
N ILE A 33 7.87 0.36 31.04
CA ILE A 33 6.98 1.54 30.94
C ILE A 33 5.89 1.29 29.90
N GLY A 34 5.94 0.17 29.23
CA GLY A 34 4.86 -0.20 28.32
C GLY A 34 5.02 0.37 26.92
N PRO A 35 4.15 -0.08 26.01
CA PRO A 35 4.17 0.31 24.61
C PRO A 35 3.34 1.54 24.26
N PHE A 36 2.73 2.20 25.23
CA PHE A 36 1.91 3.41 24.98
C PHE A 36 2.76 4.68 25.17
N GLU A 37 3.36 5.14 24.09
CA GLU A 37 4.29 6.29 24.11
C GLU A 37 3.65 7.48 24.80
N ASN A 38 2.37 7.72 24.53
CA ASN A 38 1.63 8.90 25.03
C ASN A 38 1.52 8.85 26.56
N MET A 39 1.80 7.72 27.21
CA MET A 39 1.77 7.73 28.69
C MET A 39 3.18 7.98 29.26
N TRP A 40 4.22 8.08 28.44
CA TRP A 40 5.59 8.16 29.04
C TRP A 40 5.84 9.51 29.68
N PRO A 41 5.40 10.67 29.12
CA PRO A 41 5.56 11.96 29.79
C PRO A 41 4.90 11.97 31.17
N GLY A 42 3.68 11.44 31.24
CA GLY A 42 2.90 11.43 32.48
C GLY A 42 3.62 10.60 33.52
N ILE A 43 4.15 9.45 33.08
CA ILE A 43 4.96 8.58 33.96
C ILE A 43 6.16 9.40 34.46
N PHE A 44 6.84 10.11 33.58
CA PHE A 44 8.03 10.86 34.05
C PHE A 44 7.60 11.90 35.10
N VAL A 45 6.55 12.67 34.83
CA VAL A 45 6.13 13.78 35.72
C VAL A 45 5.75 13.18 37.07
N TYR A 46 4.95 12.11 37.06
CA TYR A 46 4.59 11.32 38.24
C TYR A 46 5.83 11.06 39.06
N MET A 47 6.91 10.65 38.40
CA MET A 47 8.15 10.23 39.12
C MET A 47 8.85 11.46 39.69
N VAL A 48 8.90 12.57 38.96
CA VAL A 48 9.45 13.85 39.48
C VAL A 48 8.65 14.24 40.72
N HIS A 49 7.32 14.20 40.67
CA HIS A 49 6.48 14.72 41.78
C HIS A 49 6.75 13.94 43.06
N ARG A 50 6.91 12.60 43.02
CA ARG A 50 7.10 11.75 44.22
C ARG A 50 8.55 11.74 44.71
N SER A 51 9.51 11.93 43.79
CA SER A 51 10.97 11.87 44.02
C SER A 51 11.53 13.23 44.52
N CYS A 52 10.85 14.32 44.19
CA CYS A 52 11.41 15.70 44.23
C CYS A 52 10.40 16.60 44.94
N GLY A 53 9.13 16.47 44.58
CA GLY A 53 7.99 17.26 45.07
C GLY A 53 7.25 17.87 43.90
N THR A 54 5.99 18.27 44.10
CA THR A 54 5.19 18.98 43.07
C THR A 54 5.66 20.44 42.91
N SER A 55 6.53 20.91 43.81
CA SER A 55 7.12 22.28 43.89
C SER A 55 8.46 22.40 43.14
N CYS A 56 9.07 21.30 42.67
CA CYS A 56 10.42 21.26 42.07
C CYS A 56 10.42 22.06 40.76
N PHE A 57 9.38 21.90 39.94
CA PHE A 57 9.33 22.50 38.58
C PHE A 57 7.94 23.08 38.31
N GLU A 58 7.93 24.28 37.77
CA GLU A 58 6.75 24.88 37.09
C GLU A 58 6.24 23.82 36.10
N LEU A 59 5.03 23.32 36.31
CA LEU A 59 4.44 22.28 35.47
C LEU A 59 4.47 22.68 33.99
N GLU A 60 3.92 23.83 33.60
CA GLU A 60 3.94 24.39 32.20
C GLU A 60 5.37 24.23 31.62
N LYS A 61 6.41 24.63 32.35
CA LYS A 61 7.82 24.59 31.87
C LYS A 61 8.27 23.13 31.75
N LEU A 62 7.95 22.28 32.74
CA LEU A 62 8.38 20.86 32.71
C LEU A 62 7.82 20.19 31.44
N CME A 63 6.53 20.34 31.21
CA CME A 63 5.83 19.67 30.08
CB CME A 63 4.32 19.84 30.19
SG CME A 63 3.56 18.78 31.47
SD CME A 63 3.63 16.92 30.63
CE CME A 63 1.90 16.57 30.22
CZ CME A 63 1.55 15.26 30.83
OH CME A 63 0.59 14.55 30.09
C CME A 63 6.44 20.15 28.76
O CME A 63 6.74 19.31 27.89
N ARG A 64 6.73 21.43 28.67
CA ARG A 64 7.36 21.97 27.46
C ARG A 64 8.79 21.40 27.38
N PHE A 65 9.51 21.26 28.47
CA PHE A 65 10.88 20.67 28.39
C PHE A 65 10.86 19.18 27.98
N ILE A 66 9.97 18.39 28.57
CA ILE A 66 9.74 16.95 28.25
C ILE A 66 9.46 16.80 26.75
N MET A 67 8.58 17.63 26.20
CA MET A 67 8.15 17.49 24.78
C MET A 67 9.30 17.88 23.85
N SER A 68 10.08 18.91 24.20
CA SER A 68 11.27 19.26 23.39
C SER A 68 12.31 18.13 23.46
N VAL A 69 12.55 17.61 24.65
CA VAL A 69 13.49 16.46 24.78
C VAL A 69 13.06 15.30 23.88
N LYS A 70 11.81 14.85 24.02
CA LYS A 70 11.24 13.80 23.17
C LYS A 70 11.53 14.08 21.68
N LYS A 71 11.20 15.28 21.21
CA LYS A 71 11.34 15.68 19.80
C LYS A 71 12.78 15.53 19.35
N ASN A 72 13.76 15.65 20.25
CA ASN A 72 15.19 15.56 19.88
C ASN A 72 15.78 14.15 20.10
N TYR A 73 14.98 13.15 20.42
CA TYR A 73 15.37 11.72 20.31
C TYR A 73 14.94 11.25 18.92
N ARG A 74 15.72 10.39 18.30
CA ARG A 74 15.44 9.95 16.93
C ARG A 74 14.84 8.55 16.95
N ARG A 75 14.35 8.10 15.81
CA ARG A 75 13.56 6.85 15.73
C ARG A 75 14.55 5.73 15.41
N VAL A 76 15.53 5.53 16.25
CA VAL A 76 16.48 4.41 16.08
C VAL A 76 15.93 3.25 16.91
N PRO A 77 16.36 2.01 16.63
CA PRO A 77 15.81 0.83 17.31
C PRO A 77 15.92 0.78 18.86
N TYR A 78 16.97 1.38 19.43
CA TYR A 78 17.29 1.21 20.87
C TYR A 78 17.47 2.57 21.54
N HIS A 79 18.38 3.42 21.05
CA HIS A 79 18.77 4.70 21.70
C HIS A 79 17.72 5.78 21.41
N ASN A 80 16.54 5.58 21.94
CA ASN A 80 15.31 6.31 21.56
C ASN A 80 14.62 6.81 22.82
N TRP A 81 13.48 7.44 22.62
CA TRP A 81 12.75 8.15 23.68
C TRP A 81 12.36 7.15 24.77
N LYS A 82 11.99 5.94 24.40
CA LYS A 82 11.66 4.87 25.40
C LYS A 82 12.89 4.53 26.26
N HIS A 83 14.08 4.43 25.68
CA HIS A 83 15.32 4.24 26.46
C HIS A 83 15.45 5.36 27.50
N ALA A 84 15.16 6.59 27.12
CA ALA A 84 15.40 7.74 28.02
C ALA A 84 14.48 7.61 29.23
N VAL A 85 13.23 7.27 28.98
CA VAL A 85 12.24 7.24 30.09
C VAL A 85 12.54 6.00 30.93
N THR A 86 12.95 4.90 30.33
CA THR A 86 13.35 3.66 31.08
C THR A 86 14.52 3.97 32.04
N VAL A 87 15.55 4.67 31.55
CA VAL A 87 16.77 4.98 32.36
C VAL A 87 16.37 5.93 33.50
N ALA A 88 15.48 6.92 33.27
CA ALA A 88 14.96 7.80 34.34
C ALA A 88 14.16 6.99 35.34
N HIS A 89 13.35 6.03 34.92
CA HIS A 89 12.56 5.25 35.89
C HIS A 89 13.53 4.48 36.82
N CYS A 90 14.56 3.84 36.30
CA CYS A 90 15.53 3.14 37.16
C CYS A 90 16.16 4.14 38.15
N MET A 91 16.57 5.32 37.70
CA MET A 91 17.11 6.36 38.62
C MET A 91 16.04 6.62 39.69
N TYR A 92 14.76 6.66 39.30
CA TYR A 92 13.64 7.00 40.21
C TYR A 92 13.58 5.98 41.36
N ALA A 93 13.71 4.71 41.01
CA ALA A 93 13.64 3.57 41.94
C ALA A 93 14.83 3.64 42.87
N ILE A 94 16.01 3.94 42.34
CA ILE A 94 17.22 4.04 43.21
C ILE A 94 17.01 5.20 44.20
N LEU A 95 16.52 6.32 43.73
CA LEU A 95 16.40 7.51 44.59
C LEU A 95 15.33 7.27 45.66
N GLN A 96 14.25 6.57 45.35
CA GLN A 96 13.15 6.34 46.31
C GLN A 96 13.55 5.30 47.36
N ASN A 97 14.46 4.40 47.04
CA ASN A 97 14.87 3.30 47.97
C ASN A 97 16.07 3.74 48.80
N ASN A 98 16.53 4.98 48.61
CA ASN A 98 17.69 5.62 49.29
C ASN A 98 17.35 7.09 49.57
N HIS A 99 16.17 7.31 50.15
CA HIS A 99 15.51 8.60 50.47
C HIS A 99 16.55 9.63 50.94
N THR A 100 17.21 9.33 52.04
CA THR A 100 17.92 10.33 52.87
C THR A 100 19.36 10.60 52.39
N LEU A 101 19.87 9.92 51.37
CA LEU A 101 21.30 10.04 50.97
C LEU A 101 21.54 11.19 49.98
N PHE A 102 20.51 11.85 49.47
CA PHE A 102 20.72 12.71 48.29
C PHE A 102 20.10 14.08 48.53
N THR A 103 20.80 15.09 48.02
CA THR A 103 20.39 16.52 48.11
C THR A 103 19.11 16.76 47.29
N ASP A 104 18.45 17.87 47.61
CA ASP A 104 17.27 18.41 46.88
C ASP A 104 17.68 18.63 45.42
N LEU A 105 18.95 19.04 45.19
CA LEU A 105 19.50 19.40 43.86
C LEU A 105 19.78 18.13 43.06
N GLU A 106 20.31 17.12 43.76
CA GLU A 106 20.72 15.84 43.16
C GLU A 106 19.47 15.17 42.62
N ARG A 107 18.39 15.20 43.39
CA ARG A 107 17.13 14.50 43.03
C ARG A 107 16.58 15.15 41.76
N LYS A 108 16.61 16.49 41.72
CA LYS A 108 16.21 17.41 40.61
C LYS A 108 17.04 17.13 39.36
N GLY A 109 18.36 17.16 39.50
CA GLY A 109 19.30 17.05 38.37
C GLY A 109 19.35 15.65 37.80
N LEU A 110 19.36 14.63 38.63
CA LEU A 110 19.57 13.23 38.17
C LEU A 110 18.39 12.71 37.31
N LEU A 111 17.15 13.00 37.63
CA LEU A 111 16.05 12.45 36.78
C LEU A 111 16.15 13.14 35.43
N ILE A 112 16.52 14.42 35.42
CA ILE A 112 16.61 15.23 34.17
C ILE A 112 17.82 14.74 33.38
N ALA A 113 18.92 14.50 34.08
CA ALA A 113 20.13 13.95 33.42
C ALA A 113 19.76 12.66 32.65
N CYS A 114 19.00 11.79 33.25
CA CYS A 114 18.68 10.45 32.70
C CYS A 114 17.79 10.64 31.46
N LEU A 115 16.77 11.50 31.53
CA LEU A 115 15.84 11.76 30.41
C LEU A 115 16.68 12.27 29.23
N CYS A 116 17.71 13.03 29.53
CA CYS A 116 18.49 13.75 28.49
C CYS A 116 19.74 12.97 28.07
N HIS A 117 20.08 11.81 28.69
CA HIS A 117 21.47 11.31 28.65
C HIS A 117 21.85 10.88 27.24
N ASP A 118 20.91 10.66 26.34
CA ASP A 118 21.23 10.12 24.99
C ASP A 118 20.57 11.01 23.91
N LEU A 119 20.33 12.27 24.25
CA LEU A 119 19.72 13.25 23.32
C LEU A 119 20.41 13.22 21.93
N ASP A 120 19.59 13.13 20.90
CA ASP A 120 20.02 13.23 19.50
C ASP A 120 21.01 12.14 19.16
N HIS A 121 20.88 10.97 19.77
CA HIS A 121 21.73 9.80 19.44
C HIS A 121 21.36 9.34 18.03
N ARG A 122 22.32 8.85 17.29
CA ARG A 122 22.10 8.42 15.88
C ARG A 122 22.16 6.92 15.78
N GLY A 123 22.40 6.18 16.86
CA GLY A 123 22.48 4.72 16.77
C GLY A 123 23.89 4.22 16.47
N PHE A 124 24.90 5.10 16.55
CA PHE A 124 26.30 4.71 16.30
C PHE A 124 27.18 5.00 17.51
N SER A 125 28.18 4.15 17.73
CA SER A 125 29.19 4.32 18.81
C SER A 125 30.11 5.50 18.52
N ASN A 126 30.81 5.96 19.57
CA ASN A 126 31.87 6.97 19.48
C ASN A 126 32.93 6.49 18.48
N SER A 127 33.18 5.18 18.43
CA SER A 127 34.22 4.56 17.58
C SER A 127 33.86 4.80 16.12
N TYR A 128 32.58 4.56 15.75
CA TYR A 128 32.14 4.75 14.34
C TYR A 128 32.23 6.24 13.98
N LEU A 129 31.89 7.16 14.89
CA LEU A 129 31.98 8.62 14.61
C LEU A 129 33.45 8.93 14.24
N GLN A 130 34.41 8.35 14.95
CA GLN A 130 35.85 8.64 14.81
C GLN A 130 36.34 8.02 13.49
N LYS A 131 35.94 6.82 13.16
CA LYS A 131 36.41 6.19 11.91
C LYS A 131 35.71 6.82 10.70
N PHE A 132 34.51 7.35 10.86
CA PHE A 132 33.81 8.04 9.77
C PHE A 132 34.39 9.45 9.61
N ASP A 133 34.92 10.02 10.69
CA ASP A 133 35.48 11.38 10.73
C ASP A 133 34.31 12.36 10.78
N HIS A 134 33.36 12.07 11.66
CA HIS A 134 32.14 12.86 11.80
C HIS A 134 32.59 14.16 12.41
N PRO A 135 32.05 15.33 12.02
CA PRO A 135 32.40 16.59 12.66
C PRO A 135 32.38 16.50 14.18
N LEU A 136 31.39 15.81 14.77
CA LEU A 136 31.31 15.76 16.26
C LEU A 136 32.60 15.16 16.85
N ALA A 137 33.36 14.32 16.13
CA ALA A 137 34.59 13.70 16.67
C ALA A 137 35.75 14.69 16.59
N ALA A 138 35.67 15.72 15.76
CA ALA A 138 36.66 16.83 15.80
C ALA A 138 36.37 17.80 16.94
N LEU A 139 35.11 18.05 17.25
CA LEU A 139 34.68 18.99 18.31
C LEU A 139 34.96 18.39 19.71
N TYR A 140 34.89 17.07 19.85
CA TYR A 140 34.91 16.31 21.13
C TYR A 140 35.68 15.00 20.94
N SER A 141 36.97 14.97 21.31
CA SER A 141 37.91 13.86 21.02
C SER A 141 37.61 12.63 21.89
N THR A 142 37.05 12.82 23.08
CA THR A 142 36.57 11.67 23.89
C THR A 142 35.15 11.92 24.36
N SER A 143 34.53 10.81 24.79
CA SER A 143 33.08 10.74 25.11
C SER A 143 32.28 11.60 24.11
N THR A 144 32.46 11.32 22.82
CA THR A 144 32.00 12.18 21.70
C THR A 144 30.48 12.37 21.82
N MET A 145 29.70 11.29 21.82
CA MET A 145 28.23 11.45 21.82
C MET A 145 27.80 12.05 23.16
N GLU A 146 28.54 11.76 24.24
CA GLU A 146 28.06 12.15 25.59
C GLU A 146 28.22 13.67 25.76
N GLN A 147 29.29 14.23 25.27
CA GLN A 147 29.48 15.70 25.29
C GLN A 147 28.41 16.34 24.40
N HIS A 148 28.05 15.66 23.32
CA HIS A 148 26.98 16.15 22.42
C HIS A 148 25.66 16.15 23.20
N HIS A 149 25.34 15.04 23.88
CA HIS A 149 24.08 14.91 24.63
C HIS A 149 23.98 16.04 25.67
N PHE A 150 25.06 16.33 26.36
CA PHE A 150 25.00 17.42 27.37
C PHE A 150 24.77 18.78 26.66
N SER A 151 25.48 18.98 25.56
CA SER A 151 25.30 20.16 24.68
C SER A 151 23.83 20.30 24.29
N GLN A 152 23.19 19.22 23.83
CA GLN A 152 21.76 19.30 23.44
C GLN A 152 20.88 19.59 24.66
N THR A 153 21.29 19.17 25.84
CA THR A 153 20.51 19.44 27.06
C THR A 153 20.52 20.93 27.34
N VAL A 154 21.70 21.54 27.31
CA VAL A 154 21.89 23.00 27.55
C VAL A 154 21.06 23.77 26.52
N SER A 155 21.08 23.38 25.24
CA SER A 155 20.31 24.04 24.15
C SER A 155 18.82 24.09 24.48
N ILE A 156 18.24 22.96 24.80
CA ILE A 156 16.80 22.86 25.11
C ILE A 156 16.53 23.66 26.37
N LEU A 157 17.38 23.60 27.40
CA LEU A 157 17.17 24.43 28.61
C LEU A 157 17.13 25.95 28.28
N GLN A 158 17.75 26.39 27.19
CA GLN A 158 17.88 27.83 26.84
C GLN A 158 16.80 28.24 25.86
N LEU A 159 15.96 27.32 25.40
CA LEU A 159 14.76 27.68 24.61
C LEU A 159 13.81 28.49 25.52
N GLU A 160 13.08 29.45 24.96
CA GLU A 160 12.15 30.23 25.79
C GLU A 160 11.06 29.31 26.34
N GLY A 161 10.65 29.59 27.58
CA GLY A 161 9.64 28.83 28.36
C GLY A 161 10.15 27.48 28.82
N HIS A 162 11.43 27.14 28.59
CA HIS A 162 12.00 25.79 28.88
C HIS A 162 12.94 25.77 30.09
N ASN A 163 13.20 26.88 30.76
CA ASN A 163 14.16 26.82 31.89
C ASN A 163 13.46 26.34 33.16
N ILE A 164 13.37 25.04 33.29
CA ILE A 164 12.76 24.34 34.45
C ILE A 164 13.55 24.66 35.73
N PHE A 165 14.75 25.20 35.63
CA PHE A 165 15.60 25.51 36.80
C PHE A 165 15.57 27.01 37.13
N SER A 166 14.74 27.82 36.44
CA SER A 166 14.71 29.31 36.55
C SER A 166 14.62 29.80 38.00
N THR A 167 13.95 29.09 38.90
CA THR A 167 13.74 29.50 40.31
C THR A 167 14.99 29.28 41.18
N LEU A 168 16.05 28.62 40.68
CA LEU A 168 17.27 28.30 41.47
C LEU A 168 18.16 29.56 41.55
N SER A 169 18.92 29.73 42.64
CA SER A 169 19.97 30.76 42.76
C SER A 169 20.97 30.55 41.63
N SER A 170 21.70 31.60 41.29
CA SER A 170 22.76 31.57 40.28
C SER A 170 23.62 30.30 40.49
N SER A 171 23.97 29.98 41.74
CA SER A 171 25.05 29.00 42.07
C SER A 171 24.45 27.60 42.22
N GLU A 172 23.23 27.49 42.71
CA GLU A 172 22.43 26.25 42.67
C GLU A 172 22.29 25.84 41.19
N TYR A 173 21.91 26.77 40.34
CA TYR A 173 21.81 26.54 38.86
C TYR A 173 23.12 25.93 38.34
N GLU A 174 24.25 26.47 38.77
CA GLU A 174 25.58 26.05 38.30
C GLU A 174 25.89 24.64 38.83
N GLN A 175 25.59 24.38 40.11
CA GLN A 175 25.81 23.06 40.76
C GLN A 175 24.93 22.01 40.04
N VAL A 176 23.64 22.31 39.77
CA VAL A 176 22.72 21.34 39.08
C VAL A 176 23.24 21.09 37.65
N LEU A 177 23.70 22.09 36.87
CA LEU A 177 24.16 21.79 35.46
C LEU A 177 25.45 20.97 35.54
N GLU A 178 26.19 21.10 36.62
CA GLU A 178 27.50 20.40 36.79
C GLU A 178 27.23 18.93 37.21
N ILE A 179 26.25 18.69 38.08
CA ILE A 179 25.74 17.32 38.35
C ILE A 179 25.30 16.65 37.04
N ILE A 180 24.54 17.36 36.22
CA ILE A 180 23.95 16.79 34.98
C ILE A 180 25.11 16.47 34.04
N ARG A 181 26.06 17.39 33.89
CA ARG A 181 27.19 17.21 32.94
C ARG A 181 27.96 15.95 33.34
N LYS A 182 28.45 15.89 34.58
CA LYS A 182 29.21 14.70 35.05
C LYS A 182 28.33 13.45 34.87
N ALA A 183 27.03 13.52 35.25
CA ALA A 183 26.11 12.36 35.16
C ALA A 183 26.05 11.87 33.72
N ILE A 184 25.96 12.79 32.76
CA ILE A 184 25.81 12.38 31.35
C ILE A 184 27.15 11.87 30.82
N ILE A 185 28.27 12.50 31.16
CA ILE A 185 29.61 12.05 30.71
C ILE A 185 29.80 10.60 31.16
N ALA A 186 29.29 10.26 32.35
CA ALA A 186 29.58 8.95 33.01
C ALA A 186 28.90 7.79 32.25
N THR A 187 27.92 8.08 31.40
CA THR A 187 27.21 7.06 30.60
C THR A 187 28.12 6.59 29.47
N ASP A 188 29.30 7.20 29.31
CA ASP A 188 30.32 6.68 28.37
C ASP A 188 30.91 5.42 29.01
N LEU A 189 30.54 4.24 28.51
CA LEU A 189 30.91 2.96 29.17
C LEU A 189 32.47 2.84 29.22
N ALA A 190 33.25 3.51 28.37
CA ALA A 190 34.72 3.42 28.40
C ALA A 190 35.16 3.92 29.76
N LEU A 191 34.43 4.86 30.34
CA LEU A 191 34.81 5.49 31.63
C LEU A 191 34.35 4.66 32.84
N TYR A 192 33.37 3.80 32.66
CA TYR A 192 32.73 3.02 33.74
C TYR A 192 33.77 2.09 34.44
N PHE A 193 34.61 1.40 33.68
CA PHE A 193 35.53 0.35 34.18
C PHE A 193 36.46 0.88 35.27
N GLY A 194 37.21 1.93 34.99
CA GLY A 194 38.05 2.61 35.99
C GLY A 194 37.20 3.21 37.10
N ASN A 195 36.00 3.69 36.81
CA ASN A 195 35.21 4.37 37.86
C ASN A 195 34.79 3.29 38.87
N ARG A 196 34.36 2.13 38.41
CA ARG A 196 33.97 1.04 39.33
C ARG A 196 35.20 0.47 40.06
N LYS A 197 36.38 0.33 39.44
CA LYS A 197 37.61 -0.23 40.10
C LYS A 197 37.92 0.65 41.30
N GLN A 198 37.91 1.96 41.13
CA GLN A 198 38.18 2.95 42.18
C GLN A 198 37.13 2.79 43.27
N LEU A 199 35.86 2.68 42.88
CA LEU A 199 34.78 2.57 43.89
C LEU A 199 34.96 1.25 44.68
N GLU A 200 35.35 0.18 44.01
CA GLU A 200 35.66 -1.15 44.60
C GLU A 200 36.68 -0.85 45.70
N GLU A 201 37.85 -0.34 45.32
CA GLU A 201 38.99 -0.13 46.25
C GLU A 201 38.54 0.77 47.38
N MET A 202 37.88 1.90 47.12
CA MET A 202 37.53 2.83 48.22
C MET A 202 36.57 2.13 49.19
N TYR A 203 35.61 1.34 48.74
CA TYR A 203 34.63 0.67 49.64
C TYR A 203 35.35 -0.37 50.52
N GLN A 204 36.29 -1.13 49.93
CA GLN A 204 36.99 -2.30 50.53
C GLN A 204 38.06 -1.84 51.50
N THR A 205 38.84 -0.81 51.19
CA THR A 205 39.81 -0.20 52.14
C THR A 205 39.09 0.71 53.16
N GLY A 206 37.79 0.98 53.05
CA GLY A 206 37.07 1.75 54.09
C GLY A 206 37.15 3.26 53.90
N SER A 207 37.85 3.72 52.86
CA SER A 207 38.03 5.17 52.51
C SER A 207 36.81 5.81 51.83
N LEU A 208 35.89 5.06 51.25
CA LEU A 208 34.69 5.69 50.63
C LEU A 208 34.04 6.61 51.65
N ASN A 209 33.91 7.91 51.31
CA ASN A 209 33.34 9.00 52.14
C ASN A 209 32.35 9.82 51.31
N LEU A 210 31.07 9.80 51.64
CA LEU A 210 29.97 10.46 50.83
C LEU A 210 29.92 11.98 51.06
N ASN A 211 30.73 12.52 51.96
CA ASN A 211 30.87 13.99 52.14
C ASN A 211 31.98 14.52 51.22
N ASN A 212 32.88 13.66 50.82
CA ASN A 212 33.85 13.98 49.76
C ASN A 212 33.08 14.16 48.44
N GLN A 213 33.05 15.36 47.86
CA GLN A 213 32.33 15.62 46.58
C GLN A 213 32.86 14.72 45.43
N SER A 214 34.17 14.45 45.35
CA SER A 214 34.75 13.61 44.26
C SER A 214 34.33 12.15 44.47
N HIS A 215 33.94 11.77 45.69
CA HIS A 215 33.44 10.41 45.97
C HIS A 215 31.98 10.32 45.53
N ARG A 216 31.14 11.27 45.93
CA ARG A 216 29.75 11.38 45.45
C ARG A 216 29.73 11.23 43.93
N ASP A 217 30.57 12.02 43.29
CA ASP A 217 30.62 12.09 41.82
C ASP A 217 30.71 10.67 41.29
N ARG A 218 31.67 9.89 41.80
CA ARG A 218 31.97 8.52 41.32
C ARG A 218 30.73 7.65 41.49
N VAL A 219 30.06 7.83 42.64
CA VAL A 219 28.87 7.04 43.07
C VAL A 219 27.71 7.39 42.15
N ILE A 220 27.45 8.70 41.93
CA ILE A 220 26.45 9.13 40.91
C ILE A 220 26.83 8.59 39.53
N GLY A 221 28.10 8.60 39.18
CA GLY A 221 28.59 7.94 37.97
C GLY A 221 28.16 6.51 37.90
N LEU A 222 28.27 5.74 38.98
CA LEU A 222 28.02 4.27 38.93
C LEU A 222 26.51 4.04 38.78
N MET A 223 25.71 4.77 39.53
CA MET A 223 24.23 4.80 39.39
C MET A 223 23.84 5.07 37.92
N MET A 224 24.51 6.00 37.24
CA MET A 224 24.22 6.32 35.81
C MET A 224 24.52 5.09 34.97
N THR A 225 25.60 4.36 35.23
CA THR A 225 25.89 3.14 34.44
C THR A 225 24.77 2.13 34.76
N ALA A 226 24.41 2.03 36.03
CA ALA A 226 23.41 1.05 36.48
C ALA A 226 22.09 1.36 35.80
N CYS A 227 21.71 2.62 35.70
CA CYS A 227 20.39 2.98 35.11
C CYS A 227 20.45 2.76 33.60
N ASP A 228 21.55 3.18 33.01
CA ASP A 228 21.75 3.05 31.56
C ASP A 228 21.68 1.60 31.16
N LEU A 229 22.11 0.67 31.99
CA LEU A 229 22.15 -0.76 31.60
C LEU A 229 20.90 -1.49 32.09
N CYS A 230 19.90 -0.81 32.70
CA CYS A 230 18.81 -1.46 33.48
C CYS A 230 17.97 -2.43 32.61
N SER A 231 18.12 -2.46 31.30
CA SER A 231 17.35 -3.45 30.51
C SER A 231 17.77 -4.89 30.87
N VAL A 232 18.99 -5.12 31.37
CA VAL A 232 19.40 -6.46 31.87
C VAL A 232 18.77 -6.76 33.25
N THR A 233 18.01 -5.85 33.88
CA THR A 233 17.46 -6.06 35.23
C THR A 233 15.94 -6.22 35.14
N LYS A 234 15.44 -6.50 33.97
CA LYS A 234 13.98 -6.62 33.75
C LYS A 234 13.61 -8.09 33.68
N LEU A 235 12.32 -8.37 33.58
CA LEU A 235 11.82 -9.75 33.41
C LEU A 235 12.33 -10.27 32.08
N TRP A 236 12.60 -11.57 32.04
CA TRP A 236 13.34 -12.18 30.90
C TRP A 236 12.74 -11.71 29.56
N PRO A 237 11.41 -11.79 29.34
CA PRO A 237 10.86 -11.44 28.02
C PRO A 237 11.17 -9.98 27.59
N VAL A 238 11.18 -9.04 28.54
CA VAL A 238 11.61 -7.62 28.29
C VAL A 238 13.09 -7.58 27.91
N THR A 239 13.96 -8.13 28.74
CA THR A 239 15.43 -8.23 28.53
C THR A 239 15.77 -8.79 27.16
N LYS A 240 15.14 -9.91 26.84
CA LYS A 240 15.40 -10.63 25.59
C LYS A 240 14.97 -9.78 24.38
N LEU A 241 13.77 -9.20 24.39
CA LEU A 241 13.27 -8.41 23.25
C LEU A 241 14.09 -7.12 23.13
N THR A 242 14.48 -6.50 24.23
CA THR A 242 15.43 -5.35 24.15
C THR A 242 16.75 -5.75 23.46
N ALA A 243 17.31 -6.94 23.73
CA ALA A 243 18.57 -7.38 23.09
C ALA A 243 18.43 -7.32 21.57
N ASN A 244 17.27 -7.66 20.99
CA ASN A 244 17.03 -7.53 19.52
C ASN A 244 17.22 -6.08 19.06
N ASP A 245 16.75 -5.09 19.81
CA ASP A 245 16.90 -3.67 19.40
C ASP A 245 18.38 -3.31 19.50
N ILE A 246 18.99 -3.78 20.56
CA ILE A 246 20.41 -3.42 20.82
C ILE A 246 21.22 -3.92 19.63
N TYR A 247 21.03 -5.18 19.26
CA TYR A 247 21.85 -5.78 18.18
C TYR A 247 21.48 -5.13 16.83
N ALA A 248 20.25 -4.65 16.62
CA ALA A 248 19.82 -4.07 15.32
C ALA A 248 20.63 -2.79 15.08
N GLU A 249 21.00 -2.04 16.11
CA GLU A 249 21.88 -0.86 15.94
C GLU A 249 23.27 -1.41 15.64
N PHE A 250 23.78 -2.26 16.51
CA PHE A 250 25.17 -2.72 16.39
C PHE A 250 25.42 -3.27 15.00
N TRP A 251 24.51 -4.07 14.46
CA TRP A 251 24.68 -4.72 13.14
C TRP A 251 24.61 -3.65 12.02
N ALA A 252 23.70 -2.65 12.16
CA ALA A 252 23.66 -1.51 11.23
C ALA A 252 25.01 -0.84 11.31
N GLU A 253 25.55 -0.64 12.52
CA GLU A 253 26.90 0.01 12.63
C GLU A 253 27.93 -0.88 11.92
N GLY A 254 27.80 -2.20 12.01
CA GLY A 254 28.79 -3.09 11.38
C GLY A 254 28.73 -2.97 9.89
N ASP A 255 27.51 -2.97 9.36
CA ASP A 255 27.28 -2.69 7.93
C ASP A 255 28.08 -1.42 7.56
N GLU A 256 27.97 -0.36 8.37
CA GLU A 256 28.58 0.93 8.00
C GLU A 256 30.10 0.79 8.07
N MET A 257 30.60 0.06 9.05
CA MET A 257 32.05 -0.24 9.12
C MET A 257 32.48 -0.90 7.79
N LYS A 258 31.73 -1.91 7.34
CA LYS A 258 32.14 -2.64 6.12
C LYS A 258 32.16 -1.66 4.94
N LYS A 259 31.14 -0.81 4.80
CA LYS A 259 31.09 0.29 3.79
C LYS A 259 32.33 1.20 3.85
N LEU A 260 32.93 1.47 5.01
CA LEU A 260 34.22 2.22 5.05
C LEU A 260 35.44 1.34 4.74
N GLY A 261 35.27 0.05 4.43
CA GLY A 261 36.35 -0.94 4.21
C GLY A 261 36.97 -1.49 5.49
N ILE A 262 36.19 -1.77 6.53
CA ILE A 262 36.74 -2.19 7.86
C ILE A 262 35.91 -3.38 8.35
N GLN A 263 36.53 -4.52 8.64
CA GLN A 263 35.84 -5.66 9.30
C GLN A 263 35.42 -5.12 10.65
N PRO A 264 34.11 -5.09 10.96
CA PRO A 264 33.70 -4.72 12.29
C PRO A 264 34.13 -5.82 13.28
N ILE A 265 34.15 -5.51 14.56
CA ILE A 265 34.22 -6.55 15.64
C ILE A 265 33.05 -7.51 15.46
N PRO A 266 33.15 -8.76 15.98
CA PRO A 266 32.03 -9.68 15.81
C PRO A 266 30.71 -9.18 16.46
N MET A 267 30.76 -8.41 17.55
CA MET A 267 29.53 -7.92 18.22
C MET A 267 28.61 -7.23 17.18
N MET A 268 29.20 -6.63 16.15
CA MET A 268 28.55 -5.73 15.18
C MET A 268 28.41 -6.44 13.83
N ASP A 269 28.80 -7.71 13.73
CA ASP A 269 28.81 -8.41 12.44
C ASP A 269 27.58 -9.32 12.40
N ARG A 270 26.58 -8.96 11.60
CA ARG A 270 25.28 -9.65 11.55
C ARG A 270 25.51 -11.06 11.01
N ASP A 271 26.66 -11.30 10.38
CA ASP A 271 27.03 -12.64 9.86
C ASP A 271 27.37 -13.57 11.02
N LYS A 272 27.69 -13.00 12.18
CA LYS A 272 28.06 -13.75 13.41
C LYS A 272 26.97 -13.68 14.50
N LYS A 273 25.68 -13.49 14.12
CA LYS A 273 24.45 -13.69 14.96
C LYS A 273 24.51 -14.91 15.89
N ASP A 274 24.86 -16.08 15.33
CA ASP A 274 24.87 -17.38 16.05
C ASP A 274 25.61 -17.19 17.39
N GLU A 275 26.64 -16.35 17.50
CA GLU A 275 27.47 -16.21 18.76
C GLU A 275 26.87 -15.18 19.75
N VAL A 276 25.58 -14.82 19.62
CA VAL A 276 24.94 -13.78 20.49
C VAL A 276 24.94 -14.26 21.95
N PRO A 277 24.42 -15.48 22.24
CA PRO A 277 24.36 -15.98 23.62
C PRO A 277 25.69 -15.88 24.40
N GLN A 278 26.81 -16.24 23.78
CA GLN A 278 28.15 -16.16 24.41
C GLN A 278 28.55 -14.69 24.65
N GLY A 279 28.25 -13.79 23.72
CA GLY A 279 28.51 -12.34 23.86
C GLY A 279 27.72 -11.71 25.00
N GLN A 280 26.46 -12.07 25.14
CA GLN A 280 25.62 -11.69 26.29
C GLN A 280 26.33 -12.14 27.56
N LEU A 281 26.84 -13.39 27.61
CA LEU A 281 27.57 -13.91 28.82
C LEU A 281 28.75 -13.00 29.17
N GLY A 282 29.62 -12.78 28.19
CA GLY A 282 30.77 -11.86 28.40
C GLY A 282 30.30 -10.57 29.03
N PHE A 283 29.24 -10.00 28.44
CA PHE A 283 28.70 -8.68 28.81
C PHE A 283 28.21 -8.69 30.27
N TYR A 284 27.38 -9.67 30.64
CA TYR A 284 26.88 -9.85 32.03
C TYR A 284 28.08 -10.03 32.97
N ASN A 285 29.05 -10.90 32.62
CA ASN A 285 30.25 -11.21 33.47
C ASN A 285 31.20 -10.01 33.53
N ALA A 286 31.54 -9.42 32.39
CA ALA A 286 32.51 -8.28 32.34
C ALA A 286 31.91 -6.93 32.76
N VAL A 287 30.60 -6.70 32.53
CA VAL A 287 30.03 -5.33 32.69
C VAL A 287 28.91 -5.29 33.71
N ALA A 288 27.82 -6.01 33.46
CA ALA A 288 26.56 -5.81 34.22
C ALA A 288 26.74 -6.26 35.68
N ILE A 289 27.14 -7.51 35.89
CA ILE A 289 27.25 -8.11 37.26
C ILE A 289 28.19 -7.28 38.12
N PRO A 290 29.41 -7.00 37.66
CA PRO A 290 30.31 -6.14 38.42
C PRO A 290 29.69 -4.80 38.77
N CYS A 291 28.94 -4.20 37.82
CA CYS A 291 28.28 -2.91 38.02
C CYS A 291 27.31 -2.98 39.21
N TYR A 292 26.40 -3.93 39.15
CA TYR A 292 25.31 -4.06 40.14
C TYR A 292 25.87 -4.60 41.48
N THR A 293 26.89 -5.46 41.45
CA THR A 293 27.65 -5.88 42.67
C THR A 293 28.14 -4.63 43.45
N THR A 294 29.03 -3.85 42.84
CA THR A 294 29.65 -2.65 43.47
C THR A 294 28.53 -1.69 43.86
N LEU A 295 27.49 -1.55 43.03
CA LEU A 295 26.36 -0.64 43.39
C LEU A 295 25.66 -1.10 44.67
N THR A 296 25.40 -2.41 44.79
CA THR A 296 24.69 -2.99 45.96
C THR A 296 25.55 -2.82 47.22
N GLN A 297 26.87 -2.99 47.06
CA GLN A 297 27.87 -2.78 48.16
C GLN A 297 27.67 -1.36 48.68
N ILE A 298 27.62 -0.37 47.79
CA ILE A 298 27.63 1.06 48.23
C ILE A 298 26.23 1.46 48.69
N LEU A 299 25.21 0.97 47.98
CA LEU A 299 23.79 1.32 48.25
C LEU A 299 22.96 0.04 48.39
N PRO A 300 22.83 -0.50 49.61
CA PRO A 300 22.32 -1.85 49.78
C PRO A 300 20.90 -2.05 49.28
N PRO A 301 19.97 -1.10 49.42
CA PRO A 301 18.61 -1.32 48.88
C PRO A 301 18.49 -1.43 47.33
N THR A 302 19.59 -1.37 46.55
CA THR A 302 19.59 -1.61 45.09
C THR A 302 19.81 -3.08 44.77
N GLU A 303 19.79 -3.94 45.77
CA GLU A 303 20.10 -5.40 45.55
C GLU A 303 19.19 -6.03 44.49
N PRO A 304 17.89 -5.66 44.42
CA PRO A 304 17.02 -6.24 43.41
C PRO A 304 17.58 -6.13 41.98
N LEU A 305 18.31 -5.04 41.67
CA LEU A 305 18.95 -4.89 40.34
C LEU A 305 19.96 -6.03 40.17
N LEU A 306 20.78 -6.29 41.18
CA LEU A 306 21.79 -7.40 41.10
C LEU A 306 21.06 -8.72 40.96
N LYS A 307 20.02 -8.92 41.75
CA LYS A 307 19.32 -10.23 41.77
C LYS A 307 18.70 -10.45 40.38
N ALA A 308 18.04 -9.43 39.82
CA ALA A 308 17.40 -9.53 38.48
C ALA A 308 18.46 -9.73 37.39
N CYS A 309 19.61 -9.07 37.48
CA CYS A 309 20.70 -9.22 36.48
C CYS A 309 21.17 -10.68 36.48
N ARG A 310 21.49 -11.22 37.66
CA ARG A 310 21.92 -12.63 37.82
CA ARG A 310 21.89 -12.64 37.89
C ARG A 310 20.86 -13.56 37.23
N ASP A 311 19.57 -13.31 37.48
CA ASP A 311 18.48 -14.17 36.88
C ASP A 311 18.57 -14.16 35.37
N ASN A 312 18.83 -12.99 34.75
CA ASN A 312 18.91 -12.89 33.26
C ASN A 312 20.22 -13.55 32.78
N LEU A 313 21.30 -13.44 33.55
CA LEU A 313 22.56 -14.16 33.18
C LEU A 313 22.19 -15.65 33.06
N SER A 314 21.51 -16.16 34.06
CA SER A 314 21.12 -17.60 34.08
C SER A 314 20.17 -17.92 32.92
N GLN A 315 19.32 -16.99 32.48
CA GLN A 315 18.47 -17.23 31.28
C GLN A 315 19.34 -17.32 30.01
N TRP A 316 20.40 -16.51 29.89
CA TRP A 316 21.34 -16.61 28.73
C TRP A 316 22.12 -17.94 28.81
N GLU A 317 22.55 -18.35 29.99
CA GLU A 317 23.14 -19.72 30.16
C GLU A 317 22.18 -20.77 29.62
N LYS A 318 20.88 -20.73 30.03
CA LYS A 318 19.88 -21.64 29.42
C LYS A 318 19.88 -21.52 27.91
N VAL A 319 19.92 -20.34 27.33
CA VAL A 319 19.85 -20.28 25.84
C VAL A 319 21.01 -21.11 25.28
N ILE A 320 22.19 -21.04 25.89
CA ILE A 320 23.40 -21.65 25.26
C ILE A 320 23.22 -23.15 25.26
N ARG A 321 22.80 -23.70 26.42
CA ARG A 321 22.50 -25.15 26.65
C ARG A 321 21.32 -25.65 25.78
N GLY A 322 20.86 -24.88 24.81
CA GLY A 322 19.70 -25.26 23.98
C GLY A 322 18.47 -25.65 24.80
N GLU A 323 18.32 -25.26 26.07
CA GLU A 323 17.04 -25.34 26.87
C GLU A 323 16.06 -24.18 26.53
N GLU A 324 16.46 -23.28 25.61
CA GLU A 324 15.61 -22.37 24.78
C GLU A 324 16.51 -21.56 23.84
N GLN B 11 -19.91 26.17 -8.11
CA GLN B 11 -18.94 25.12 -7.67
C GLN B 11 -19.69 23.99 -6.93
N GLY B 12 -20.76 23.45 -7.52
CA GLY B 12 -21.55 22.34 -6.91
C GLY B 12 -21.71 21.16 -7.87
N LEU B 13 -21.65 21.42 -9.20
CA LEU B 13 -21.73 20.37 -10.27
C LEU B 13 -20.33 19.73 -10.51
N MET B 14 -19.61 19.43 -9.44
CA MET B 14 -18.31 18.72 -9.40
C MET B 14 -18.57 17.29 -8.96
N GLN B 15 -18.36 16.32 -9.84
CA GLN B 15 -18.39 14.91 -9.40
C GLN B 15 -16.94 14.46 -9.33
N PHE B 16 -16.57 13.72 -8.28
CA PHE B 16 -15.31 12.96 -8.29
C PHE B 16 -15.40 11.88 -9.36
N THR B 17 -14.28 11.71 -10.05
CA THR B 17 -14.08 10.67 -11.10
C THR B 17 -12.85 9.85 -10.76
N LEU B 18 -12.81 8.63 -11.22
CA LEU B 18 -11.64 7.76 -11.04
C LEU B 18 -11.12 7.36 -12.42
N PRO B 19 -9.83 6.95 -12.50
CA PRO B 19 -9.34 6.26 -13.68
C PRO B 19 -10.25 5.08 -14.06
N VAL B 20 -10.30 4.75 -15.33
CA VAL B 20 -11.19 3.72 -15.91
C VAL B 20 -11.14 2.50 -15.00
N ARG B 21 -9.93 1.91 -14.77
CA ARG B 21 -9.81 0.59 -14.10
C ARG B 21 -10.40 0.64 -12.67
N LEU B 22 -10.26 1.76 -11.94
CA LEU B 22 -10.81 1.88 -10.56
C LEU B 22 -12.32 2.08 -10.63
N CYS B 23 -12.76 2.88 -11.60
CA CYS B 23 -14.19 3.18 -11.82
C CYS B 23 -14.97 1.85 -11.90
N LYS B 24 -14.45 0.87 -12.65
CA LYS B 24 -15.17 -0.39 -12.90
C LYS B 24 -14.96 -1.36 -11.73
N GLU B 25 -13.73 -1.44 -11.19
CA GLU B 25 -13.37 -2.45 -10.16
C GLU B 25 -13.96 -2.06 -8.81
N ILE B 26 -14.16 -0.77 -8.54
CA ILE B 26 -14.57 -0.31 -7.19
C ILE B 26 -15.96 -0.87 -6.87
N GLU B 27 -16.70 -1.26 -7.92
CA GLU B 27 -18.10 -1.74 -7.85
C GLU B 27 -18.07 -3.19 -7.40
N LEU B 28 -16.94 -3.87 -7.53
CA LEU B 28 -16.78 -5.29 -7.10
C LEU B 28 -16.42 -5.38 -5.61
N PHE B 29 -17.04 -6.32 -4.91
CA PHE B 29 -16.74 -6.62 -3.49
C PHE B 29 -15.25 -6.92 -3.27
N HIS B 30 -14.53 -7.51 -4.23
CA HIS B 30 -13.10 -7.91 -4.00
C HIS B 30 -12.12 -6.79 -4.39
N PHE B 31 -12.59 -5.56 -4.56
CA PHE B 31 -11.72 -4.41 -4.90
C PHE B 31 -10.66 -4.20 -3.81
N ASP B 32 -9.43 -4.00 -4.24
CA ASP B 32 -8.31 -3.53 -3.39
C ASP B 32 -8.08 -2.06 -3.76
N ILE B 33 -8.04 -1.19 -2.74
CA ILE B 33 -7.92 0.28 -2.94
C ILE B 33 -6.47 0.68 -3.31
N GLY B 34 -5.53 -0.25 -3.30
CA GLY B 34 -4.21 0.03 -3.88
C GLY B 34 -3.25 0.70 -2.90
N PRO B 35 -1.95 0.79 -3.29
CA PRO B 35 -0.89 1.29 -2.42
C PRO B 35 -0.67 2.80 -2.43
N PHE B 36 -1.45 3.56 -3.18
CA PHE B 36 -1.28 5.03 -3.28
C PHE B 36 -2.17 5.69 -2.22
N GLU B 37 -1.62 6.05 -1.05
CA GLU B 37 -2.35 6.67 0.09
C GLU B 37 -3.11 7.91 -0.38
N ASN B 38 -2.52 8.72 -1.25
CA ASN B 38 -3.05 10.05 -1.67
C ASN B 38 -4.36 9.87 -2.48
N MET B 39 -4.62 8.69 -3.04
CA MET B 39 -5.90 8.42 -3.74
C MET B 39 -7.04 8.00 -2.81
N TRP B 40 -6.75 7.58 -1.59
CA TRP B 40 -7.81 6.96 -0.75
C TRP B 40 -8.88 8.01 -0.44
N PRO B 41 -8.57 9.29 -0.10
CA PRO B 41 -9.63 10.28 0.17
C PRO B 41 -10.60 10.46 -1.00
N GLY B 42 -10.06 10.60 -2.20
CA GLY B 42 -10.84 10.73 -3.44
C GLY B 42 -11.73 9.52 -3.63
N ILE B 43 -11.18 8.33 -3.41
CA ILE B 43 -11.93 7.02 -3.50
C ILE B 43 -13.11 7.04 -2.52
N PHE B 44 -12.89 7.49 -1.31
CA PHE B 44 -13.99 7.59 -0.33
C PHE B 44 -15.04 8.62 -0.79
N VAL B 45 -14.64 9.86 -1.11
CA VAL B 45 -15.58 10.95 -1.52
C VAL B 45 -16.38 10.47 -2.73
N TYR B 46 -15.71 9.82 -3.70
CA TYR B 46 -16.37 9.18 -4.86
C TYR B 46 -17.45 8.24 -4.36
N MET B 47 -17.11 7.41 -3.35
CA MET B 47 -18.06 6.40 -2.79
C MET B 47 -19.23 7.12 -2.12
N VAL B 48 -18.98 8.15 -1.33
CA VAL B 48 -20.09 8.94 -0.75
C VAL B 48 -21.00 9.52 -1.85
N HIS B 49 -20.45 10.12 -2.91
CA HIS B 49 -21.29 10.80 -3.93
C HIS B 49 -22.17 9.79 -4.67
N ARG B 50 -21.65 8.65 -5.11
CA ARG B 50 -22.46 7.61 -5.83
C ARG B 50 -23.38 6.86 -4.85
N SER B 51 -23.23 7.04 -3.55
CA SER B 51 -23.92 6.20 -2.54
C SER B 51 -25.11 6.96 -1.98
N CYS B 52 -24.95 8.22 -1.58
CA CYS B 52 -26.12 9.00 -1.13
C CYS B 52 -26.14 10.38 -1.78
N GLY B 53 -25.21 10.67 -2.70
CA GLY B 53 -25.34 11.84 -3.58
C GLY B 53 -24.35 12.98 -3.29
N THR B 54 -24.19 13.85 -4.30
CA THR B 54 -23.31 15.05 -4.30
C THR B 54 -23.71 16.08 -3.24
N SER B 55 -24.95 16.02 -2.78
CA SER B 55 -25.61 17.04 -1.93
C SER B 55 -25.60 16.59 -0.47
N CYS B 56 -25.18 15.33 -0.21
CA CYS B 56 -25.17 14.67 1.13
C CYS B 56 -24.30 15.51 2.07
N PHE B 57 -23.17 16.03 1.57
CA PHE B 57 -22.19 16.75 2.39
C PHE B 57 -21.56 17.91 1.61
N GLU B 58 -21.47 19.04 2.27
CA GLU B 58 -20.73 20.20 1.77
C GLU B 58 -19.29 19.66 1.58
N LEU B 59 -18.78 19.72 0.35
CA LEU B 59 -17.43 19.23 -0.02
C LEU B 59 -16.32 19.85 0.84
N GLU B 60 -16.33 21.14 1.12
CA GLU B 60 -15.23 21.74 1.97
C GLU B 60 -15.13 20.96 3.29
N LYS B 61 -16.23 20.90 4.07
CA LYS B 61 -16.40 20.17 5.38
C LYS B 61 -16.02 18.69 5.25
N LEU B 62 -16.57 17.97 4.29
CA LEU B 62 -16.26 16.52 4.12
C LEU B 62 -14.74 16.31 4.04
N CME B 63 -14.07 17.01 3.13
CA CME B 63 -12.61 16.91 2.87
CB CME B 63 -12.17 17.69 1.65
SG CME B 63 -12.61 16.99 0.03
SD CME B 63 -11.33 15.35 -0.21
CE CME B 63 -9.87 15.97 -1.10
CZ CME B 63 -9.49 15.10 -2.26
OH CME B 63 -8.49 15.71 -3.06
C CME B 63 -11.88 17.29 4.16
O CME B 63 -10.89 16.67 4.52
N ARG B 64 -12.36 18.28 4.88
CA ARG B 64 -11.71 18.70 6.14
C ARG B 64 -11.88 17.56 7.15
N PHE B 65 -13.06 16.93 7.18
CA PHE B 65 -13.38 15.78 8.05
C PHE B 65 -12.48 14.56 7.73
N ILE B 66 -12.40 14.19 6.46
CA ILE B 66 -11.56 13.07 5.94
C ILE B 66 -10.13 13.27 6.37
N MET B 67 -9.59 14.49 6.30
CA MET B 67 -8.15 14.69 6.61
C MET B 67 -7.91 14.60 8.13
N SER B 68 -8.82 15.13 8.95
CA SER B 68 -8.71 15.01 10.42
C SER B 68 -8.82 13.54 10.86
N VAL B 69 -9.71 12.77 10.23
CA VAL B 69 -9.85 11.34 10.56
C VAL B 69 -8.54 10.66 10.17
N LYS B 70 -8.08 10.81 8.93
CA LYS B 70 -6.80 10.21 8.52
C LYS B 70 -5.76 10.50 9.60
N LYS B 71 -5.65 11.76 9.94
CA LYS B 71 -4.55 12.23 10.82
C LYS B 71 -4.60 11.46 12.14
N ASN B 72 -5.77 10.96 12.57
CA ASN B 72 -6.01 10.37 13.91
C ASN B 72 -6.05 8.84 13.86
N TYR B 73 -5.59 8.27 12.74
CA TYR B 73 -5.19 6.85 12.61
C TYR B 73 -3.67 6.80 12.73
N ARG B 74 -3.17 5.75 13.35
CA ARG B 74 -1.73 5.58 13.66
C ARG B 74 -1.07 4.67 12.63
N ARG B 75 0.25 4.70 12.56
CA ARG B 75 1.01 3.93 11.56
C ARG B 75 1.30 2.58 12.20
N VAL B 76 0.25 1.79 12.35
CA VAL B 76 0.32 0.42 12.92
C VAL B 76 0.21 -0.53 11.74
N PRO B 77 0.65 -1.80 11.85
CA PRO B 77 0.68 -2.68 10.70
C PRO B 77 -0.68 -2.93 9.99
N TYR B 78 -1.76 -3.02 10.75
CA TYR B 78 -3.07 -3.44 10.22
C TYR B 78 -4.17 -2.40 10.52
N HIS B 79 -4.39 -2.00 11.78
CA HIS B 79 -5.49 -1.08 12.19
C HIS B 79 -5.09 0.34 11.87
N ASN B 80 -4.87 0.55 10.57
CA ASN B 80 -4.44 1.85 10.04
C ASN B 80 -5.50 2.44 9.08
N TRP B 81 -5.13 3.58 8.52
CA TRP B 81 -5.93 4.38 7.58
C TRP B 81 -6.35 3.53 6.40
N LYS B 82 -5.48 2.65 5.92
CA LYS B 82 -5.85 1.78 4.79
C LYS B 82 -6.98 0.83 5.18
N HIS B 83 -6.95 0.27 6.39
CA HIS B 83 -8.05 -0.59 6.93
C HIS B 83 -9.34 0.23 6.90
N ALA B 84 -9.33 1.48 7.36
CA ALA B 84 -10.58 2.27 7.55
C ALA B 84 -11.28 2.46 6.20
N VAL B 85 -10.55 2.74 5.15
CA VAL B 85 -11.12 2.98 3.81
C VAL B 85 -11.56 1.64 3.24
N THR B 86 -10.77 0.59 3.41
CA THR B 86 -11.08 -0.77 2.89
C THR B 86 -12.45 -1.16 3.45
N VAL B 87 -12.68 -0.97 4.73
CA VAL B 87 -13.95 -1.33 5.41
C VAL B 87 -15.07 -0.45 4.86
N ALA B 88 -14.83 0.84 4.57
CA ALA B 88 -15.88 1.70 4.01
C ALA B 88 -16.15 1.24 2.59
N HIS B 89 -15.12 0.82 1.84
CA HIS B 89 -15.33 0.35 0.47
C HIS B 89 -16.27 -0.86 0.49
N CYS B 90 -16.02 -1.87 1.31
CA CYS B 90 -16.96 -3.01 1.49
C CYS B 90 -18.39 -2.53 1.78
N MET B 91 -18.56 -1.58 2.67
CA MET B 91 -19.89 -1.12 3.08
C MET B 91 -20.52 -0.43 1.89
N TYR B 92 -19.69 0.19 1.06
CA TYR B 92 -20.09 0.83 -0.20
C TYR B 92 -20.69 -0.24 -1.10
N ALA B 93 -20.00 -1.37 -1.27
CA ALA B 93 -20.47 -2.45 -2.18
C ALA B 93 -21.80 -3.02 -1.70
N ILE B 94 -21.97 -3.12 -0.39
CA ILE B 94 -23.21 -3.68 0.22
C ILE B 94 -24.35 -2.72 -0.11
N LEU B 95 -24.15 -1.42 0.14
CA LEU B 95 -25.21 -0.40 -0.05
C LEU B 95 -25.61 -0.33 -1.53
N GLN B 96 -24.63 -0.22 -2.44
CA GLN B 96 -24.86 -0.16 -3.91
C GLN B 96 -25.64 -1.40 -4.41
N ASN B 97 -25.44 -2.63 -3.90
CA ASN B 97 -26.24 -3.82 -4.30
C ASN B 97 -27.48 -4.08 -3.39
N ASN B 98 -27.81 -3.22 -2.44
CA ASN B 98 -29.11 -3.27 -1.73
C ASN B 98 -29.64 -1.84 -1.53
N HIS B 99 -29.71 -1.04 -2.60
CA HIS B 99 -29.84 0.45 -2.49
C HIS B 99 -31.19 0.81 -1.85
N THR B 100 -32.23 0.02 -2.10
CA THR B 100 -33.62 0.38 -1.71
C THR B 100 -33.92 -0.03 -0.27
N LEU B 101 -33.03 -0.76 0.41
CA LEU B 101 -33.32 -1.24 1.79
C LEU B 101 -33.01 -0.15 2.83
N PHE B 102 -32.25 0.90 2.51
CA PHE B 102 -31.71 1.77 3.58
C PHE B 102 -32.20 3.21 3.43
N THR B 103 -32.45 3.85 4.57
CA THR B 103 -32.86 5.27 4.68
C THR B 103 -31.69 6.13 4.23
N ASP B 104 -31.91 7.44 4.08
CA ASP B 104 -30.91 8.39 3.52
C ASP B 104 -29.89 8.61 4.64
N LEU B 105 -30.38 8.70 5.87
CA LEU B 105 -29.59 8.80 7.10
C LEU B 105 -28.63 7.62 7.16
N GLU B 106 -29.13 6.39 7.02
CA GLU B 106 -28.31 5.16 7.12
C GLU B 106 -27.19 5.20 6.07
N ARG B 107 -27.46 5.59 4.83
CA ARG B 107 -26.38 5.65 3.79
C ARG B 107 -25.31 6.69 4.22
N LYS B 108 -25.70 7.83 4.78
CA LYS B 108 -24.77 8.88 5.25
C LYS B 108 -23.97 8.33 6.44
N GLY B 109 -24.68 7.80 7.42
CA GLY B 109 -24.11 7.32 8.69
C GLY B 109 -23.11 6.20 8.51
N LEU B 110 -23.40 5.23 7.66
CA LEU B 110 -22.70 3.93 7.69
C LEU B 110 -21.32 4.07 7.07
N LEU B 111 -21.17 4.84 5.99
CA LEU B 111 -19.86 5.01 5.36
C LEU B 111 -18.97 5.82 6.30
N ILE B 112 -19.53 6.79 6.99
CA ILE B 112 -18.80 7.63 7.99
C ILE B 112 -18.39 6.71 9.13
N ALA B 113 -19.33 5.87 9.57
CA ALA B 113 -19.08 4.89 10.64
C ALA B 113 -17.89 4.00 10.28
N CYS B 114 -17.91 3.45 9.07
CA CYS B 114 -16.83 2.59 8.58
C CYS B 114 -15.48 3.35 8.60
N LEU B 115 -15.45 4.57 8.10
CA LEU B 115 -14.18 5.36 8.03
C LEU B 115 -13.66 5.64 9.43
N CYS B 116 -14.54 5.87 10.39
CA CYS B 116 -14.18 6.23 11.78
C CYS B 116 -14.05 5.02 12.71
N HIS B 117 -14.35 3.78 12.31
CA HIS B 117 -14.63 2.67 13.27
C HIS B 117 -13.40 2.23 14.07
N ASP B 118 -12.18 2.52 13.63
CA ASP B 118 -10.98 2.13 14.40
C ASP B 118 -10.16 3.39 14.78
N LEU B 119 -10.77 4.58 14.85
CA LEU B 119 -10.03 5.85 15.07
C LEU B 119 -9.09 5.64 16.27
N ASP B 120 -7.81 5.91 16.06
CA ASP B 120 -6.81 6.11 17.13
C ASP B 120 -6.54 4.75 17.75
N HIS B 121 -6.68 3.69 16.92
CA HIS B 121 -6.27 2.33 17.32
C HIS B 121 -4.77 2.29 17.57
N ARG B 122 -4.34 1.54 18.59
CA ARG B 122 -2.92 1.49 18.98
C ARG B 122 -2.32 0.16 18.58
N GLY B 123 -3.11 -0.76 18.01
CA GLY B 123 -2.67 -2.09 17.50
C GLY B 123 -2.78 -3.17 18.55
N PHE B 124 -3.50 -2.88 19.62
CA PHE B 124 -3.71 -3.80 20.76
C PHE B 124 -5.20 -4.03 21.00
N SER B 125 -5.55 -5.25 21.41
CA SER B 125 -6.92 -5.71 21.73
C SER B 125 -7.39 -5.09 23.04
N ASN B 126 -8.69 -5.13 23.28
CA ASN B 126 -9.35 -4.79 24.56
C ASN B 126 -8.75 -5.59 25.73
N SER B 127 -8.48 -6.87 25.56
CA SER B 127 -7.90 -7.73 26.63
C SER B 127 -6.56 -7.16 27.05
N TYR B 128 -5.72 -6.77 26.08
CA TYR B 128 -4.38 -6.21 26.38
C TYR B 128 -4.55 -4.90 27.17
N LEU B 129 -5.39 -4.01 26.67
CA LEU B 129 -5.63 -2.74 27.39
C LEU B 129 -6.11 -3.09 28.83
N GLN B 130 -6.89 -4.16 29.04
CA GLN B 130 -7.47 -4.48 30.38
C GLN B 130 -6.33 -4.99 31.29
N LYS B 131 -5.54 -5.93 30.81
CA LYS B 131 -4.42 -6.52 31.58
C LYS B 131 -3.36 -5.45 31.84
N PHE B 132 -3.11 -4.57 30.88
CA PHE B 132 -2.09 -3.53 31.08
C PHE B 132 -2.60 -2.52 32.11
N ASP B 133 -3.93 -2.39 32.19
CA ASP B 133 -4.58 -1.37 33.03
C ASP B 133 -4.32 0.00 32.40
N HIS B 134 -4.46 0.09 31.09
CA HIS B 134 -4.58 1.37 30.36
C HIS B 134 -5.74 2.20 30.93
N PRO B 135 -5.57 3.52 31.09
CA PRO B 135 -6.67 4.44 31.43
C PRO B 135 -7.99 4.18 30.69
N LEU B 136 -7.92 3.95 29.38
CA LEU B 136 -9.15 3.68 28.63
C LEU B 136 -9.89 2.48 29.22
N ALA B 137 -9.21 1.52 29.83
CA ALA B 137 -9.92 0.34 30.37
C ALA B 137 -10.80 0.75 31.55
N ALA B 138 -10.46 1.83 32.26
CA ALA B 138 -11.17 2.28 33.47
C ALA B 138 -12.33 3.16 33.09
N LEU B 139 -12.23 3.78 31.94
CA LEU B 139 -13.25 4.70 31.40
C LEU B 139 -14.33 3.88 30.71
N TYR B 140 -13.95 2.82 29.99
CA TYR B 140 -14.86 1.96 29.20
C TYR B 140 -14.60 0.50 29.57
N SER B 141 -15.45 -0.05 30.42
CA SER B 141 -15.26 -1.39 31.05
C SER B 141 -15.45 -2.49 29.99
N THR B 142 -16.34 -2.31 29.01
CA THR B 142 -16.52 -3.26 27.88
C THR B 142 -16.42 -2.52 26.54
N SER B 143 -16.24 -3.27 25.48
CA SER B 143 -16.00 -2.69 24.14
C SER B 143 -15.02 -1.49 24.28
N THR B 144 -13.90 -1.68 24.98
CA THR B 144 -13.05 -0.55 25.41
C THR B 144 -12.64 0.30 24.20
N MET B 145 -12.00 -0.29 23.17
CA MET B 145 -11.50 0.52 22.04
C MET B 145 -12.69 1.05 21.25
N GLU B 146 -13.78 0.30 21.12
CA GLU B 146 -14.84 0.68 20.18
C GLU B 146 -15.51 1.92 20.77
N GLN B 147 -15.59 2.02 22.09
CA GLN B 147 -16.21 3.22 22.70
C GLN B 147 -15.24 4.38 22.50
N HIS B 148 -13.94 4.09 22.59
CA HIS B 148 -12.91 5.10 22.28
C HIS B 148 -13.00 5.56 20.81
N HIS B 149 -13.21 4.65 19.87
CA HIS B 149 -13.36 5.03 18.45
C HIS B 149 -14.54 6.00 18.29
N PHE B 150 -15.66 5.75 18.97
CA PHE B 150 -16.90 6.56 18.82
C PHE B 150 -16.65 7.96 19.40
N SER B 151 -16.08 8.02 20.61
CA SER B 151 -15.71 9.28 21.30
C SER B 151 -14.73 10.06 20.43
N GLN B 152 -13.80 9.41 19.74
CA GLN B 152 -12.90 10.15 18.82
C GLN B 152 -13.69 10.72 17.66
N THR B 153 -14.68 9.98 17.18
CA THR B 153 -15.53 10.39 16.04
C THR B 153 -16.25 11.67 16.46
N VAL B 154 -16.77 11.71 17.68
CA VAL B 154 -17.57 12.86 18.17
C VAL B 154 -16.66 14.08 18.25
N SER B 155 -15.48 13.90 18.85
CA SER B 155 -14.43 14.94 18.93
C SER B 155 -14.14 15.57 17.56
N ILE B 156 -13.83 14.77 16.56
CA ILE B 156 -13.47 15.30 15.24
C ILE B 156 -14.68 16.05 14.68
N LEU B 157 -15.90 15.54 14.85
CA LEU B 157 -17.17 16.19 14.34
C LEU B 157 -17.39 17.60 14.93
N GLN B 158 -16.87 17.85 16.12
CA GLN B 158 -17.03 19.14 16.84
C GLN B 158 -15.86 20.10 16.58
N LEU B 159 -14.87 19.73 15.75
CA LEU B 159 -13.78 20.65 15.37
C LEU B 159 -14.42 21.67 14.43
N GLU B 160 -14.16 22.97 14.66
CA GLU B 160 -14.57 24.07 13.74
C GLU B 160 -14.37 23.61 12.28
N GLY B 161 -15.47 23.70 11.52
CA GLY B 161 -15.52 23.43 10.07
C GLY B 161 -15.63 21.95 9.75
N HIS B 162 -15.77 21.07 10.76
CA HIS B 162 -15.81 19.59 10.54
C HIS B 162 -17.23 19.02 10.64
N ASN B 163 -18.23 19.78 11.09
CA ASN B 163 -19.60 19.21 11.29
C ASN B 163 -20.28 18.98 9.94
N ILE B 164 -19.94 17.85 9.29
CA ILE B 164 -20.50 17.37 8.00
C ILE B 164 -21.99 17.11 8.10
N PHE B 165 -22.56 17.04 9.30
CA PHE B 165 -24.04 16.81 9.47
C PHE B 165 -24.77 18.13 9.81
N SER B 166 -24.14 19.30 9.61
CA SER B 166 -24.67 20.63 10.02
C SER B 166 -26.06 20.83 9.41
N THR B 167 -26.31 20.40 8.17
CA THR B 167 -27.60 20.60 7.44
C THR B 167 -28.79 19.90 8.16
N LEU B 168 -28.60 18.71 8.75
CA LEU B 168 -29.65 17.84 9.38
C LEU B 168 -30.38 18.56 10.53
N SER B 169 -31.65 18.23 10.80
CA SER B 169 -32.40 18.69 12.01
C SER B 169 -31.70 18.20 13.27
N SER B 170 -31.98 18.80 14.41
CA SER B 170 -31.48 18.31 15.72
C SER B 170 -31.91 16.86 15.95
N SER B 171 -33.05 16.44 15.38
CA SER B 171 -33.63 15.06 15.47
C SER B 171 -32.81 14.12 14.60
N GLU B 172 -32.78 14.34 13.28
CA GLU B 172 -31.96 13.56 12.33
C GLU B 172 -30.49 13.50 12.85
N TYR B 173 -29.90 14.60 13.32
CA TYR B 173 -28.50 14.67 13.81
C TYR B 173 -28.36 13.66 14.93
N GLU B 174 -29.35 13.57 15.82
CA GLU B 174 -29.30 12.59 16.93
C GLU B 174 -29.44 11.17 16.37
N GLN B 175 -30.30 10.99 15.37
CA GLN B 175 -30.52 9.65 14.81
C GLN B 175 -29.22 9.14 14.14
N VAL B 176 -28.48 10.01 13.43
CA VAL B 176 -27.33 9.57 12.61
C VAL B 176 -26.17 9.31 13.59
N LEU B 177 -26.04 10.06 14.69
CA LEU B 177 -24.99 9.76 15.69
C LEU B 177 -25.30 8.44 16.39
N GLU B 178 -26.57 8.10 16.49
CA GLU B 178 -27.00 6.84 17.16
C GLU B 178 -26.74 5.66 16.21
N ILE B 179 -26.96 5.83 14.91
CA ILE B 179 -26.57 4.83 13.89
C ILE B 179 -25.05 4.59 14.03
N ILE B 180 -24.27 5.66 14.08
CA ILE B 180 -22.79 5.57 14.04
C ILE B 180 -22.31 4.92 15.33
N ARG B 181 -22.80 5.34 16.49
CA ARG B 181 -22.40 4.68 17.76
C ARG B 181 -22.65 3.17 17.65
N LYS B 182 -23.84 2.74 17.26
CA LYS B 182 -24.20 1.29 17.27
C LYS B 182 -23.33 0.55 16.26
N ALA B 183 -23.13 1.13 15.08
CA ALA B 183 -22.32 0.50 14.05
C ALA B 183 -20.90 0.28 14.59
N ILE B 184 -20.33 1.26 15.25
CA ILE B 184 -18.92 1.17 15.74
C ILE B 184 -18.81 0.21 16.91
N ILE B 185 -19.75 0.27 17.84
CA ILE B 185 -19.80 -0.71 18.96
C ILE B 185 -19.86 -2.14 18.39
N ALA B 186 -20.55 -2.33 17.29
CA ALA B 186 -20.81 -3.67 16.72
C ALA B 186 -19.51 -4.23 16.14
N THR B 187 -18.48 -3.42 15.91
CA THR B 187 -17.23 -3.98 15.33
C THR B 187 -16.43 -4.67 16.43
N ASP B 188 -16.89 -4.62 17.67
CA ASP B 188 -16.30 -5.41 18.77
C ASP B 188 -16.64 -6.88 18.49
N LEU B 189 -15.67 -7.69 18.03
CA LEU B 189 -15.94 -9.08 17.59
C LEU B 189 -16.58 -9.88 18.75
N ALA B 190 -16.38 -9.54 20.02
CA ALA B 190 -17.01 -10.20 21.19
C ALA B 190 -18.54 -10.12 21.07
N LEU B 191 -19.08 -9.05 20.49
CA LEU B 191 -20.56 -8.86 20.38
C LEU B 191 -21.07 -9.57 19.13
N TYR B 192 -20.22 -9.84 18.17
CA TYR B 192 -20.65 -10.44 16.90
C TYR B 192 -21.38 -11.77 17.14
N PHE B 193 -20.77 -12.70 17.88
CA PHE B 193 -21.30 -14.10 18.03
C PHE B 193 -22.79 -14.11 18.44
N GLY B 194 -23.17 -13.40 19.52
CA GLY B 194 -24.56 -13.18 19.98
C GLY B 194 -25.41 -12.60 18.84
N ASN B 195 -24.95 -11.52 18.23
CA ASN B 195 -25.74 -10.79 17.22
C ASN B 195 -26.02 -11.74 16.06
N ARG B 196 -25.01 -12.40 15.49
CA ARG B 196 -25.25 -13.38 14.41
C ARG B 196 -26.22 -14.49 14.86
N LYS B 197 -26.05 -15.04 16.04
CA LYS B 197 -26.98 -16.10 16.53
C LYS B 197 -28.43 -15.58 16.50
N GLN B 198 -28.73 -14.45 17.13
CA GLN B 198 -30.11 -13.88 17.13
C GLN B 198 -30.66 -13.68 15.71
N LEU B 199 -29.80 -13.30 14.78
CA LEU B 199 -30.23 -13.01 13.37
C LEU B 199 -30.44 -14.33 12.63
N GLU B 200 -29.56 -15.33 12.80
CA GLU B 200 -29.73 -16.69 12.21
C GLU B 200 -31.06 -17.27 12.70
N GLU B 201 -31.46 -16.97 13.93
CA GLU B 201 -32.72 -17.46 14.50
C GLU B 201 -33.86 -16.72 13.85
N MET B 202 -33.95 -15.40 14.06
CA MET B 202 -35.01 -14.53 13.47
C MET B 202 -35.20 -14.84 11.97
N TYR B 203 -34.13 -15.01 11.21
CA TYR B 203 -34.24 -15.21 9.75
C TYR B 203 -34.87 -16.55 9.49
N GLN B 204 -34.31 -17.60 10.08
CA GLN B 204 -34.68 -18.97 9.67
C GLN B 204 -36.07 -19.38 10.16
N THR B 205 -36.66 -18.65 11.13
CA THR B 205 -38.09 -18.74 11.53
C THR B 205 -38.96 -17.73 10.76
N GLY B 206 -38.37 -16.81 10.00
CA GLY B 206 -39.09 -15.73 9.28
C GLY B 206 -39.66 -14.65 10.18
N SER B 207 -39.30 -14.57 11.47
CA SER B 207 -39.64 -13.39 12.32
C SER B 207 -38.81 -12.12 11.97
N LEU B 208 -37.86 -12.16 11.02
CA LEU B 208 -36.94 -11.02 10.79
C LEU B 208 -37.73 -9.91 10.06
N ASN B 209 -37.73 -8.72 10.64
CA ASN B 209 -38.60 -7.60 10.21
C ASN B 209 -37.79 -6.29 10.08
N LEU B 210 -37.31 -5.97 8.89
CA LEU B 210 -36.51 -4.74 8.66
C LEU B 210 -37.30 -3.46 9.04
N ASN B 211 -38.60 -3.49 9.38
CA ASN B 211 -39.31 -2.27 9.87
C ASN B 211 -39.22 -2.21 11.40
N ASN B 212 -38.60 -3.20 12.00
CA ASN B 212 -38.38 -3.23 13.45
C ASN B 212 -36.99 -2.62 13.71
N GLN B 213 -36.89 -1.53 14.49
CA GLN B 213 -35.64 -0.74 14.63
C GLN B 213 -34.55 -1.65 15.19
N SER B 214 -34.94 -2.42 16.20
CA SER B 214 -34.08 -3.39 16.93
C SER B 214 -33.54 -4.45 15.96
N HIS B 215 -34.30 -4.88 14.97
CA HIS B 215 -33.84 -5.85 13.94
C HIS B 215 -32.89 -5.16 12.98
N ARG B 216 -33.23 -3.94 12.57
CA ARG B 216 -32.37 -3.13 11.66
C ARG B 216 -30.99 -2.97 12.32
N ASP B 217 -30.96 -2.48 13.57
CA ASP B 217 -29.74 -2.36 14.40
C ASP B 217 -28.94 -3.66 14.24
N ARG B 218 -29.58 -4.81 14.33
CA ARG B 218 -28.80 -6.07 14.34
C ARG B 218 -28.25 -6.35 12.94
N VAL B 219 -29.05 -6.10 11.92
CA VAL B 219 -28.61 -6.38 10.52
C VAL B 219 -27.46 -5.40 10.26
N ILE B 220 -27.50 -4.19 10.81
CA ILE B 220 -26.42 -3.22 10.50
C ILE B 220 -25.18 -3.73 11.24
N GLY B 221 -25.37 -4.13 12.48
CA GLY B 221 -24.31 -4.80 13.26
C GLY B 221 -23.56 -5.81 12.38
N LEU B 222 -24.28 -6.67 11.69
CA LEU B 222 -23.65 -7.85 11.04
C LEU B 222 -22.96 -7.29 9.80
N MET B 223 -23.60 -6.33 9.15
CA MET B 223 -23.00 -5.60 8.00
C MET B 223 -21.64 -5.02 8.42
N MET B 224 -21.55 -4.46 9.62
CA MET B 224 -20.28 -3.90 10.12
C MET B 224 -19.23 -4.99 10.34
N THR B 225 -19.55 -6.11 10.99
CA THR B 225 -18.61 -7.26 11.13
C THR B 225 -18.11 -7.68 9.75
N ALA B 226 -19.01 -7.81 8.79
CA ALA B 226 -18.68 -8.33 7.45
C ALA B 226 -17.71 -7.39 6.74
N CYS B 227 -17.95 -6.09 6.79
CA CYS B 227 -17.02 -5.04 6.30
C CYS B 227 -15.69 -5.10 7.07
N ASP B 228 -15.75 -5.19 8.39
CA ASP B 228 -14.58 -5.29 9.27
C ASP B 228 -13.72 -6.50 8.90
N LEU B 229 -14.32 -7.62 8.46
CA LEU B 229 -13.52 -8.82 8.17
C LEU B 229 -13.20 -8.92 6.67
N CYS B 230 -13.54 -7.92 5.88
CA CYS B 230 -13.68 -8.09 4.40
C CYS B 230 -12.34 -8.48 3.79
N SER B 231 -11.22 -8.35 4.52
CA SER B 231 -9.91 -8.81 4.03
C SER B 231 -9.94 -10.30 3.66
N VAL B 232 -10.79 -11.12 4.29
CA VAL B 232 -10.91 -12.57 3.93
C VAL B 232 -11.73 -12.72 2.64
N THR B 233 -12.26 -11.65 2.03
CA THR B 233 -13.18 -11.78 0.87
C THR B 233 -12.51 -11.27 -0.40
N LYS B 234 -11.21 -10.97 -0.32
CA LYS B 234 -10.44 -10.46 -1.46
C LYS B 234 -9.86 -11.69 -2.17
N LEU B 235 -9.20 -11.48 -3.31
CA LEU B 235 -8.55 -12.61 -3.99
C LEU B 235 -7.36 -13.06 -3.16
N TRP B 236 -7.00 -14.32 -3.28
CA TRP B 236 -5.98 -14.96 -2.43
C TRP B 236 -4.75 -14.05 -2.22
N PRO B 237 -4.10 -13.48 -3.25
CA PRO B 237 -2.84 -12.74 -3.00
C PRO B 237 -3.01 -11.53 -2.07
N VAL B 238 -4.13 -10.81 -2.17
CA VAL B 238 -4.44 -9.72 -1.21
C VAL B 238 -4.63 -10.36 0.19
N THR B 239 -5.48 -11.38 0.29
CA THR B 239 -5.88 -12.00 1.58
C THR B 239 -4.62 -12.52 2.28
N LYS B 240 -3.76 -13.19 1.53
CA LYS B 240 -2.52 -13.80 2.09
C LYS B 240 -1.62 -12.72 2.69
N LEU B 241 -1.38 -11.67 1.92
CA LEU B 241 -0.48 -10.58 2.38
C LEU B 241 -1.14 -9.86 3.55
N THR B 242 -2.46 -9.66 3.55
CA THR B 242 -3.10 -8.94 4.68
C THR B 242 -2.88 -9.73 5.98
N ALA B 243 -2.86 -11.06 5.92
CA ALA B 243 -2.64 -11.95 7.06
C ALA B 243 -1.30 -11.65 7.72
N ASN B 244 -0.28 -11.25 6.95
CA ASN B 244 1.04 -10.85 7.50
C ASN B 244 0.85 -9.66 8.45
N ASP B 245 0.05 -8.66 8.05
CA ASP B 245 -0.15 -7.40 8.81
C ASP B 245 -0.91 -7.74 10.09
N ILE B 246 -1.93 -8.56 9.96
CA ILE B 246 -2.77 -8.89 11.13
C ILE B 246 -1.87 -9.56 12.18
N TYR B 247 -1.05 -10.52 11.78
CA TYR B 247 -0.19 -11.29 12.72
C TYR B 247 0.93 -10.36 13.22
N ALA B 248 1.42 -9.42 12.41
CA ALA B 248 2.48 -8.51 12.90
C ALA B 248 1.95 -7.82 14.17
N GLU B 249 0.70 -7.36 14.17
CA GLU B 249 0.08 -6.78 15.39
C GLU B 249 -0.08 -7.85 16.46
N PHE B 250 -0.63 -9.00 16.13
CA PHE B 250 -0.94 -10.00 17.16
C PHE B 250 0.36 -10.36 17.86
N TRP B 251 1.44 -10.50 17.09
CA TRP B 251 2.70 -10.98 17.66
C TRP B 251 3.29 -9.88 18.55
N ALA B 252 3.13 -8.60 18.21
CA ALA B 252 3.63 -7.52 19.08
C ALA B 252 2.78 -7.52 20.35
N GLU B 253 1.49 -7.76 20.23
CA GLU B 253 0.62 -7.82 21.42
C GLU B 253 1.06 -9.02 22.26
N GLY B 254 1.34 -10.16 21.63
CA GLY B 254 1.91 -11.34 22.34
C GLY B 254 3.16 -10.96 23.08
N ASP B 255 4.08 -10.30 22.41
CA ASP B 255 5.33 -9.88 23.09
C ASP B 255 4.99 -9.07 24.36
N GLU B 256 3.96 -8.23 24.30
CA GLU B 256 3.66 -7.27 25.39
C GLU B 256 2.97 -8.01 26.53
N MET B 257 2.15 -9.00 26.23
CA MET B 257 1.63 -9.96 27.23
C MET B 257 2.81 -10.57 27.99
N LYS B 258 3.83 -11.08 27.27
CA LYS B 258 4.97 -11.76 27.90
C LYS B 258 5.68 -10.74 28.79
N LYS B 259 5.70 -9.46 28.41
CA LYS B 259 6.41 -8.43 29.22
C LYS B 259 5.64 -8.15 30.52
N LEU B 260 4.32 -8.36 30.54
CA LEU B 260 3.49 -8.31 31.78
C LEU B 260 3.58 -9.62 32.54
N GLY B 261 4.27 -10.62 32.00
CA GLY B 261 4.44 -11.93 32.65
C GLY B 261 3.21 -12.79 32.44
N ILE B 262 2.54 -12.70 31.28
CA ILE B 262 1.34 -13.52 30.96
C ILE B 262 1.56 -14.26 29.66
N GLN B 263 1.37 -15.58 29.63
CA GLN B 263 1.53 -16.38 28.40
C GLN B 263 0.43 -15.94 27.44
N PRO B 264 0.75 -15.45 26.25
CA PRO B 264 -0.31 -15.10 25.32
C PRO B 264 -1.05 -16.34 24.82
N ILE B 265 -2.25 -16.16 24.33
CA ILE B 265 -2.92 -17.22 23.52
C ILE B 265 -2.05 -17.40 22.28
N PRO B 266 -2.01 -18.62 21.70
CA PRO B 266 -1.05 -18.95 20.65
C PRO B 266 -1.07 -18.07 19.40
N MET B 267 -2.27 -17.59 19.07
CA MET B 267 -2.53 -16.72 17.91
C MET B 267 -1.55 -15.53 17.98
N MET B 268 -1.17 -15.15 19.21
CA MET B 268 -0.42 -13.91 19.54
C MET B 268 1.04 -14.24 19.87
N ASP B 269 1.44 -15.50 19.77
CA ASP B 269 2.78 -15.96 20.18
C ASP B 269 3.62 -16.20 18.93
N ARG B 270 4.60 -15.34 18.66
CA ARG B 270 5.41 -15.46 17.44
C ARG B 270 6.13 -16.82 17.48
N ASP B 271 6.35 -17.40 18.65
CA ASP B 271 7.00 -18.75 18.70
C ASP B 271 6.05 -19.79 18.10
N LYS B 272 4.77 -19.49 17.87
CA LYS B 272 3.87 -20.54 17.35
C LYS B 272 3.46 -20.25 15.91
N LYS B 273 4.29 -19.50 15.20
CA LYS B 273 4.16 -19.10 13.77
C LYS B 273 3.75 -20.28 12.89
N ASP B 274 4.19 -21.49 13.20
CA ASP B 274 4.05 -22.65 12.29
C ASP B 274 2.59 -23.17 12.36
N GLU B 275 1.79 -22.81 13.38
CA GLU B 275 0.34 -23.17 13.49
C GLU B 275 -0.58 -22.09 12.84
N VAL B 276 -0.04 -21.14 12.07
CA VAL B 276 -0.85 -20.08 11.40
C VAL B 276 -1.89 -20.71 10.46
N PRO B 277 -1.56 -21.62 9.52
CA PRO B 277 -2.55 -22.14 8.59
C PRO B 277 -3.75 -22.81 9.29
N GLN B 278 -3.45 -23.58 10.33
CA GLN B 278 -4.47 -24.23 11.15
C GLN B 278 -5.31 -23.15 11.84
N GLY B 279 -4.68 -22.06 12.32
CA GLY B 279 -5.35 -21.00 13.09
C GLY B 279 -6.30 -20.21 12.20
N GLN B 280 -5.90 -20.01 10.93
CA GLN B 280 -6.72 -19.34 9.91
C GLN B 280 -7.94 -20.22 9.59
N LEU B 281 -7.72 -21.53 9.44
CA LEU B 281 -8.81 -22.52 9.19
C LEU B 281 -9.86 -22.34 10.31
N GLY B 282 -9.43 -22.32 11.57
CA GLY B 282 -10.38 -22.20 12.69
C GLY B 282 -11.10 -20.89 12.60
N PHE B 283 -10.41 -19.82 12.19
CA PHE B 283 -11.00 -18.46 12.07
C PHE B 283 -12.13 -18.45 11.01
N TYR B 284 -11.88 -19.01 9.84
CA TYR B 284 -12.88 -19.08 8.74
C TYR B 284 -14.07 -19.96 9.17
N ASN B 285 -13.80 -21.07 9.86
CA ASN B 285 -14.85 -22.08 10.17
C ASN B 285 -15.74 -21.52 11.28
N ALA B 286 -15.15 -20.83 12.26
CA ALA B 286 -15.80 -20.34 13.51
C ALA B 286 -16.38 -18.92 13.37
N VAL B 287 -15.83 -18.06 12.49
CA VAL B 287 -16.19 -16.60 12.45
C VAL B 287 -16.57 -16.17 11.03
N ALA B 288 -15.67 -16.28 10.08
CA ALA B 288 -15.89 -15.63 8.77
C ALA B 288 -17.04 -16.28 7.99
N ILE B 289 -17.03 -17.62 7.83
CA ILE B 289 -18.05 -18.34 7.02
C ILE B 289 -19.43 -18.12 7.63
N PRO B 290 -19.65 -18.36 8.93
CA PRO B 290 -20.96 -18.06 9.50
C PRO B 290 -21.41 -16.59 9.28
N CYS B 291 -20.45 -15.67 9.39
CA CYS B 291 -20.73 -14.23 9.23
C CYS B 291 -21.31 -14.02 7.82
N TYR B 292 -20.59 -14.43 6.76
CA TYR B 292 -20.97 -14.17 5.36
C TYR B 292 -22.16 -15.05 4.95
N THR B 293 -22.33 -16.19 5.63
CA THR B 293 -23.44 -17.12 5.36
C THR B 293 -24.71 -16.42 5.84
N THR B 294 -24.79 -16.06 7.11
CA THR B 294 -25.99 -15.33 7.64
C THR B 294 -26.22 -14.07 6.82
N LEU B 295 -25.16 -13.34 6.42
CA LEU B 295 -25.35 -12.03 5.72
C LEU B 295 -26.01 -12.31 4.35
N THR B 296 -25.55 -13.33 3.62
CA THR B 296 -26.09 -13.73 2.30
C THR B 296 -27.57 -14.11 2.44
N GLN B 297 -27.93 -14.83 3.47
CA GLN B 297 -29.33 -15.16 3.74
C GLN B 297 -30.12 -13.86 3.85
N ILE B 298 -29.62 -12.90 4.59
CA ILE B 298 -30.46 -11.71 4.82
C ILE B 298 -30.42 -10.80 3.57
N LEU B 299 -29.32 -10.80 2.82
CA LEU B 299 -29.03 -9.79 1.78
C LEU B 299 -28.37 -10.53 0.64
N PRO B 300 -29.19 -11.32 -0.07
CA PRO B 300 -28.68 -12.22 -1.11
C PRO B 300 -27.69 -11.59 -2.07
N PRO B 301 -27.75 -10.29 -2.44
CA PRO B 301 -26.70 -9.71 -3.29
C PRO B 301 -25.30 -9.62 -2.63
N THR B 302 -25.13 -9.88 -1.32
CA THR B 302 -23.81 -9.99 -0.62
C THR B 302 -23.12 -11.34 -0.82
N GLU B 303 -23.63 -12.15 -1.72
CA GLU B 303 -23.17 -13.54 -1.99
C GLU B 303 -21.69 -13.56 -2.36
N PRO B 304 -21.19 -12.66 -3.22
CA PRO B 304 -19.80 -12.70 -3.65
C PRO B 304 -18.78 -12.62 -2.51
N LEU B 305 -19.19 -12.02 -1.38
CA LEU B 305 -18.40 -12.04 -0.14
C LEU B 305 -18.26 -13.50 0.31
N LEU B 306 -19.37 -14.20 0.52
CA LEU B 306 -19.32 -15.62 0.97
C LEU B 306 -18.53 -16.44 -0.06
N LYS B 307 -18.74 -16.25 -1.35
CA LYS B 307 -18.04 -17.07 -2.37
C LYS B 307 -16.52 -16.88 -2.23
N ALA B 308 -16.03 -15.64 -2.18
CA ALA B 308 -14.61 -15.30 -1.97
C ALA B 308 -14.08 -15.87 -0.64
N CYS B 309 -14.88 -15.77 0.43
CA CYS B 309 -14.52 -16.32 1.77
C CYS B 309 -14.27 -17.82 1.67
N ARG B 310 -15.13 -18.55 0.94
CA ARG B 310 -14.98 -20.03 0.75
CA ARG B 310 -15.02 -20.02 0.67
C ARG B 310 -13.73 -20.28 -0.11
N ASP B 311 -13.51 -19.51 -1.17
CA ASP B 311 -12.27 -19.66 -1.97
C ASP B 311 -11.02 -19.57 -1.07
N ASN B 312 -11.00 -18.61 -0.14
CA ASN B 312 -9.84 -18.35 0.73
C ASN B 312 -9.73 -19.48 1.78
N LEU B 313 -10.83 -19.94 2.37
CA LEU B 313 -10.89 -21.18 3.21
C LEU B 313 -10.22 -22.34 2.44
N SER B 314 -10.59 -22.56 1.19
CA SER B 314 -10.04 -23.65 0.34
C SER B 314 -8.54 -23.43 0.06
N GLN B 315 -8.11 -22.19 -0.16
CA GLN B 315 -6.66 -21.86 -0.36
C GLN B 315 -5.84 -22.15 0.92
N TRP B 316 -6.33 -21.83 2.13
CA TRP B 316 -5.63 -22.16 3.41
C TRP B 316 -5.56 -23.69 3.58
N GLU B 317 -6.58 -24.43 3.12
CA GLU B 317 -6.61 -25.92 3.26
C GLU B 317 -5.46 -26.50 2.45
N LYS B 318 -5.29 -26.03 1.22
CA LYS B 318 -4.14 -26.37 0.34
C LYS B 318 -2.82 -26.08 1.07
N VAL B 319 -2.68 -24.93 1.68
CA VAL B 319 -1.45 -24.57 2.45
C VAL B 319 -1.25 -25.55 3.63
N ILE B 320 -2.29 -25.90 4.36
CA ILE B 320 -2.10 -26.84 5.50
C ILE B 320 -1.50 -28.17 5.00
N ARG B 321 -1.81 -28.55 3.76
CA ARG B 321 -1.43 -29.86 3.16
C ARG B 321 -0.06 -29.77 2.48
N GLY B 322 0.48 -28.58 2.21
CA GLY B 322 1.79 -28.43 1.54
C GLY B 322 1.67 -28.36 0.02
N GLU B 323 0.48 -28.04 -0.52
CA GLU B 323 0.18 -27.99 -1.98
C GLU B 323 0.29 -26.57 -2.55
N GLU B 324 0.50 -25.54 -1.71
CA GLU B 324 0.59 -24.10 -2.08
C GLU B 324 1.58 -23.38 -1.13
N THR B 325 2.34 -22.39 -1.66
CA THR B 325 3.34 -21.53 -0.95
C THR B 325 2.63 -20.31 -0.33
N GLY C 12 29.19 35.59 -1.32
CA GLY C 12 29.77 34.23 -1.44
C GLY C 12 31.06 34.10 -0.67
N LEU C 13 31.06 34.57 0.59
CA LEU C 13 32.25 34.52 1.49
C LEU C 13 32.33 33.21 2.29
N MET C 14 31.20 32.52 2.51
CA MET C 14 31.09 31.21 3.19
C MET C 14 31.41 30.11 2.19
N GLN C 15 32.46 29.33 2.41
CA GLN C 15 32.73 28.06 1.70
C GLN C 15 32.37 26.91 2.64
N PHE C 16 31.89 25.80 2.09
CA PHE C 16 31.67 24.57 2.88
C PHE C 16 33.01 23.84 2.90
N THR C 17 33.37 23.24 4.03
CA THR C 17 34.46 22.24 4.13
C THR C 17 33.92 20.98 4.79
N LEU C 18 34.55 19.88 4.45
CA LEU C 18 34.27 18.51 4.89
C LEU C 18 35.40 18.08 5.82
N PRO C 19 35.13 17.25 6.86
CA PRO C 19 36.20 16.63 7.60
C PRO C 19 37.17 16.05 6.57
N VAL C 20 38.42 15.88 6.98
CA VAL C 20 39.56 15.46 6.12
C VAL C 20 39.22 14.17 5.34
N ARG C 21 38.72 13.11 6.00
CA ARG C 21 38.47 11.84 5.25
C ARG C 21 37.45 12.14 4.14
N LEU C 22 36.42 12.96 4.37
CA LEU C 22 35.36 13.21 3.33
C LEU C 22 35.95 14.05 2.20
N CYS C 23 36.76 15.05 2.55
CA CYS C 23 37.48 16.00 1.65
C CYS C 23 38.27 15.20 0.61
N LYS C 24 38.98 14.18 1.07
CA LYS C 24 39.86 13.34 0.23
C LYS C 24 39.01 12.32 -0.53
N GLU C 25 38.16 11.56 0.15
CA GLU C 25 37.41 10.43 -0.45
C GLU C 25 36.32 10.93 -1.42
N ILE C 26 35.79 12.16 -1.27
CA ILE C 26 34.61 12.59 -2.09
C ILE C 26 35.02 12.72 -3.56
N GLU C 27 36.31 12.86 -3.80
CA GLU C 27 36.89 13.04 -5.15
C GLU C 27 36.87 11.70 -5.86
N LEU C 28 36.74 10.59 -5.14
CA LEU C 28 36.73 9.24 -5.77
C LEU C 28 35.33 8.80 -6.26
N PHE C 29 35.30 8.10 -7.39
CA PHE C 29 34.08 7.56 -8.00
C PHE C 29 33.31 6.69 -6.99
N HIS C 30 33.98 5.96 -6.11
CA HIS C 30 33.32 4.91 -5.30
C HIS C 30 32.92 5.46 -3.91
N PHE C 31 33.16 6.72 -3.62
CA PHE C 31 32.72 7.33 -2.35
C PHE C 31 31.29 6.93 -2.00
N ASP C 32 31.04 6.63 -0.72
CA ASP C 32 29.72 6.43 -0.12
C ASP C 32 29.41 7.68 0.71
N ILE C 33 28.25 8.30 0.54
CA ILE C 33 27.99 9.57 1.30
C ILE C 33 27.74 9.28 2.81
N GLY C 34 27.62 8.03 3.21
CA GLY C 34 27.53 7.69 4.64
C GLY C 34 26.10 7.76 5.20
N PRO C 35 25.84 7.28 6.44
CA PRO C 35 24.48 7.14 6.97
C PRO C 35 23.94 8.36 7.75
N PHE C 36 24.70 9.46 7.83
CA PHE C 36 24.30 10.69 8.52
C PHE C 36 23.55 11.66 7.61
N GLU C 37 22.22 11.56 7.52
CA GLU C 37 21.36 12.40 6.66
C GLU C 37 21.71 13.91 6.76
N ASN C 38 21.97 14.41 7.97
CA ASN C 38 22.08 15.88 8.19
C ASN C 38 23.35 16.42 7.55
N MET C 39 24.26 15.57 7.09
CA MET C 39 25.46 16.00 6.34
C MET C 39 25.23 16.06 4.83
N TRP C 40 24.19 15.45 4.32
CA TRP C 40 24.03 15.26 2.85
C TRP C 40 23.87 16.62 2.19
N PRO C 41 23.06 17.55 2.76
CA PRO C 41 22.90 18.87 2.18
C PRO C 41 24.27 19.56 2.07
N GLY C 42 25.01 19.63 3.18
CA GLY C 42 26.35 20.22 3.22
C GLY C 42 27.25 19.62 2.15
N ILE C 43 27.21 18.29 1.98
CA ILE C 43 28.03 17.57 0.98
C ILE C 43 27.63 17.99 -0.44
N PHE C 44 26.35 18.21 -0.69
CA PHE C 44 25.87 18.66 -2.01
C PHE C 44 26.32 20.10 -2.27
N VAL C 45 26.23 20.97 -1.27
CA VAL C 45 26.63 22.38 -1.44
C VAL C 45 28.12 22.38 -1.76
N TYR C 46 28.92 21.63 -1.03
CA TYR C 46 30.37 21.50 -1.28
C TYR C 46 30.61 21.08 -2.74
N MET C 47 29.82 20.15 -3.26
CA MET C 47 30.07 19.66 -4.62
C MET C 47 29.69 20.76 -5.59
N VAL C 48 28.66 21.52 -5.30
CA VAL C 48 28.25 22.66 -6.15
C VAL C 48 29.33 23.75 -6.13
N HIS C 49 29.87 24.15 -4.98
CA HIS C 49 30.94 25.17 -4.91
C HIS C 49 32.17 24.70 -5.69
N ARG C 50 32.59 23.46 -5.53
CA ARG C 50 33.80 22.98 -6.24
C ARG C 50 33.54 22.81 -7.74
N SER C 51 32.37 22.38 -8.19
CA SER C 51 32.23 21.90 -9.59
C SER C 51 31.66 23.00 -10.47
N CYS C 52 31.03 23.98 -9.85
CA CYS C 52 30.34 25.10 -10.52
C CYS C 52 31.06 26.40 -10.15
N GLY C 53 31.19 26.67 -8.84
CA GLY C 53 31.75 27.91 -8.23
C GLY C 53 30.93 28.39 -7.04
N THR C 54 31.58 29.10 -6.11
CA THR C 54 31.00 29.65 -4.84
C THR C 54 29.92 30.72 -5.13
N SER C 55 29.78 31.08 -6.40
CA SER C 55 28.95 32.19 -6.90
C SER C 55 27.85 31.68 -7.86
N CYS C 56 27.81 30.39 -8.20
CA CYS C 56 26.82 29.87 -9.17
C CYS C 56 25.39 30.15 -8.68
N PHE C 57 25.15 30.06 -7.37
CA PHE C 57 23.80 30.15 -6.76
C PHE C 57 23.92 30.97 -5.49
N GLU C 58 22.91 31.76 -5.19
CA GLU C 58 22.86 32.47 -3.91
C GLU C 58 22.68 31.40 -2.82
N LEU C 59 23.52 31.40 -1.78
CA LEU C 59 23.54 30.32 -0.77
C LEU C 59 22.17 30.18 -0.11
N GLU C 60 21.51 31.27 0.32
CA GLU C 60 20.21 31.16 1.06
C GLU C 60 19.18 30.45 0.17
N LYS C 61 19.11 30.85 -1.10
CA LYS C 61 18.16 30.30 -2.11
C LYS C 61 18.46 28.81 -2.29
N LEU C 62 19.74 28.48 -2.40
CA LEU C 62 20.18 27.09 -2.62
C LEU C 62 19.70 26.24 -1.45
N CME C 63 20.09 26.62 -0.24
CA CME C 63 19.70 25.92 1.01
CB CME C 63 20.28 26.54 2.28
SG CME C 63 22.03 26.11 2.53
SD CME C 63 21.99 24.07 2.89
CE CME C 63 23.25 23.82 4.16
CZ CME C 63 22.57 23.36 5.39
OH CME C 63 23.40 22.47 6.07
C CME C 63 18.20 25.76 1.04
O CME C 63 17.75 24.68 1.30
N ARG C 64 17.38 26.77 0.76
CA ARG C 64 15.93 26.48 0.91
C ARG C 64 15.46 25.60 -0.26
N PHE C 65 16.07 25.66 -1.46
CA PHE C 65 15.77 24.73 -2.59
C PHE C 65 16.03 23.27 -2.16
N ILE C 66 17.22 23.06 -1.60
CA ILE C 66 17.68 21.71 -1.17
C ILE C 66 16.70 21.16 -0.15
N MET C 67 16.28 21.94 0.84
CA MET C 67 15.43 21.37 1.91
C MET C 67 14.01 21.12 1.38
N SER C 68 13.49 21.88 0.40
CA SER C 68 12.17 21.57 -0.21
C SER C 68 12.24 20.28 -1.07
N VAL C 69 13.36 20.11 -1.79
CA VAL C 69 13.63 18.87 -2.59
C VAL C 69 13.67 17.68 -1.66
N LYS C 70 14.42 17.76 -0.56
CA LYS C 70 14.52 16.68 0.46
C LYS C 70 13.12 16.31 0.96
N LYS C 71 12.33 17.33 1.26
CA LYS C 71 10.97 17.19 1.86
C LYS C 71 10.06 16.51 0.83
N ASN C 72 10.36 16.58 -0.47
CA ASN C 72 9.51 15.91 -1.49
C ASN C 72 10.12 14.59 -1.98
N TYR C 73 11.18 14.06 -1.36
CA TYR C 73 11.53 12.62 -1.47
C TYR C 73 10.78 11.84 -0.38
N ARG C 74 10.28 10.67 -0.70
CA ARG C 74 9.51 9.85 0.25
C ARG C 74 10.43 8.81 0.91
N ARG C 75 9.96 8.22 2.00
CA ARG C 75 10.72 7.28 2.83
C ARG C 75 10.42 5.87 2.30
N VAL C 76 10.94 5.61 1.12
CA VAL C 76 10.96 4.28 0.48
C VAL C 76 12.37 3.68 0.58
N PRO C 77 12.51 2.38 0.33
CA PRO C 77 13.80 1.72 0.65
C PRO C 77 15.01 2.19 -0.19
N TYR C 78 14.79 2.56 -1.45
CA TYR C 78 15.89 2.80 -2.40
C TYR C 78 15.75 4.18 -3.03
N HIS C 79 14.59 4.48 -3.60
CA HIS C 79 14.38 5.74 -4.36
C HIS C 79 14.10 6.91 -3.40
N ASN C 80 15.03 7.15 -2.46
CA ASN C 80 14.90 8.14 -1.38
C ASN C 80 15.90 9.29 -1.56
N TRP C 81 15.91 10.19 -0.59
CA TRP C 81 16.86 11.33 -0.54
C TRP C 81 18.31 10.87 -0.70
N LYS C 82 18.68 9.72 -0.12
CA LYS C 82 20.05 9.20 -0.15
C LYS C 82 20.43 8.85 -1.59
N HIS C 83 19.53 8.26 -2.34
CA HIS C 83 19.75 7.95 -3.77
C HIS C 83 20.03 9.25 -4.52
N ALA C 84 19.22 10.27 -4.28
CA ALA C 84 19.34 11.60 -4.90
C ALA C 84 20.74 12.16 -4.71
N VAL C 85 21.24 12.23 -3.48
CA VAL C 85 22.58 12.80 -3.23
C VAL C 85 23.68 11.89 -3.83
N THR C 86 23.52 10.57 -3.78
CA THR C 86 24.48 9.59 -4.33
C THR C 86 24.59 9.79 -5.85
N VAL C 87 23.47 10.06 -6.52
CA VAL C 87 23.50 10.24 -7.99
C VAL C 87 24.18 11.57 -8.28
N ALA C 88 23.97 12.57 -7.44
CA ALA C 88 24.57 13.90 -7.64
C ALA C 88 26.06 13.77 -7.50
N HIS C 89 26.54 13.05 -6.48
CA HIS C 89 27.99 12.83 -6.21
C HIS C 89 28.65 12.13 -7.39
N CYS C 90 28.00 11.13 -7.98
CA CYS C 90 28.56 10.50 -9.19
C CYS C 90 28.73 11.57 -10.27
N MET C 91 27.72 12.39 -10.51
CA MET C 91 27.77 13.45 -11.54
C MET C 91 28.91 14.41 -11.18
N TYR C 92 29.09 14.72 -9.90
CA TYR C 92 30.23 15.55 -9.42
C TYR C 92 31.56 14.95 -9.89
N ALA C 93 31.73 13.65 -9.70
CA ALA C 93 32.97 12.98 -10.06
C ALA C 93 33.17 12.98 -11.59
N ILE C 94 32.14 12.75 -12.38
CA ILE C 94 32.30 12.76 -13.86
C ILE C 94 32.74 14.18 -14.25
N LEU C 95 32.06 15.20 -13.75
CA LEU C 95 32.30 16.63 -14.10
C LEU C 95 33.72 17.06 -13.71
N GLN C 96 34.19 16.69 -12.52
CA GLN C 96 35.53 17.10 -12.03
C GLN C 96 36.62 16.39 -12.85
N ASN C 97 36.42 15.19 -13.39
CA ASN C 97 37.48 14.47 -14.14
C ASN C 97 37.38 14.73 -15.66
N ASN C 98 36.46 15.59 -16.08
CA ASN C 98 36.19 16.02 -17.48
C ASN C 98 35.90 17.54 -17.48
N HIS C 99 36.61 18.35 -16.72
CA HIS C 99 36.18 19.74 -16.43
C HIS C 99 36.30 20.61 -17.70
N THR C 100 37.12 20.23 -18.68
CA THR C 100 37.27 21.07 -19.89
C THR C 100 36.04 20.98 -20.81
N LEU C 101 35.17 19.96 -20.67
CA LEU C 101 34.18 19.57 -21.69
C LEU C 101 32.79 20.21 -21.50
N PHE C 102 32.44 20.75 -20.33
CA PHE C 102 31.02 21.15 -20.09
C PHE C 102 30.92 22.67 -19.87
N THR C 103 29.75 23.21 -20.18
CA THR C 103 29.50 24.66 -20.07
C THR C 103 29.18 25.00 -18.62
N ASP C 104 29.13 26.29 -18.34
CA ASP C 104 28.69 26.87 -17.04
C ASP C 104 27.24 26.40 -16.74
N LEU C 105 26.35 26.53 -17.72
CA LEU C 105 24.94 26.14 -17.62
C LEU C 105 24.85 24.65 -17.31
N GLU C 106 25.57 23.83 -18.07
CA GLU C 106 25.57 22.36 -17.90
C GLU C 106 26.06 22.00 -16.49
N ARG C 107 27.09 22.65 -16.02
CA ARG C 107 27.65 22.34 -14.66
C ARG C 107 26.57 22.58 -13.60
N LYS C 108 26.09 23.84 -13.54
CA LYS C 108 24.90 24.29 -12.76
C LYS C 108 23.76 23.27 -12.85
N GLY C 109 23.32 23.00 -14.08
CA GLY C 109 22.13 22.17 -14.39
C GLY C 109 22.17 20.73 -13.93
N LEU C 110 23.31 20.04 -14.02
CA LEU C 110 23.34 18.56 -13.99
C LEU C 110 23.30 18.10 -12.53
N LEU C 111 24.06 18.76 -11.65
CA LEU C 111 24.00 18.48 -10.20
C LEU C 111 22.57 18.68 -9.73
N ILE C 112 21.91 19.76 -10.17
CA ILE C 112 20.48 20.03 -9.84
C ILE C 112 19.58 18.92 -10.39
N ALA C 113 19.77 18.56 -11.63
CA ALA C 113 18.94 17.52 -12.25
C ALA C 113 19.10 16.21 -11.48
N CYS C 114 20.32 15.87 -11.07
CA CYS C 114 20.66 14.63 -10.34
C CYS C 114 19.97 14.67 -8.98
N LEU C 115 20.07 15.78 -8.25
CA LEU C 115 19.40 15.94 -6.93
C LEU C 115 17.90 15.79 -7.13
N CYS C 116 17.36 16.24 -8.27
CA CYS C 116 15.88 16.30 -8.44
C CYS C 116 15.30 15.08 -9.19
N HIS C 117 16.13 14.16 -9.70
CA HIS C 117 15.75 13.26 -10.84
C HIS C 117 14.71 12.26 -10.39
N ASP C 118 14.58 12.00 -9.08
CA ASP C 118 13.56 11.01 -8.62
C ASP C 118 12.54 11.67 -7.68
N LEU C 119 12.34 12.98 -7.78
CA LEU C 119 11.44 13.71 -6.84
C LEU C 119 10.08 13.01 -6.80
N ASP C 120 9.63 12.73 -5.58
CA ASP C 120 8.29 12.21 -5.24
C ASP C 120 8.11 10.79 -5.80
N HIS C 121 9.19 10.01 -5.88
CA HIS C 121 9.07 8.60 -6.30
C HIS C 121 8.31 7.80 -5.24
N ARG C 122 7.48 6.85 -5.65
CA ARG C 122 6.63 6.12 -4.66
C ARG C 122 7.14 4.69 -4.46
N GLY C 123 8.22 4.31 -5.10
CA GLY C 123 8.78 2.94 -5.06
C GLY C 123 8.21 2.04 -6.13
N PHE C 124 7.50 2.55 -7.13
CA PHE C 124 6.88 1.71 -8.18
C PHE C 124 7.35 2.21 -9.54
N SER C 125 7.50 1.26 -10.45
CA SER C 125 7.96 1.48 -11.85
C SER C 125 6.84 2.11 -12.66
N ASN C 126 7.20 2.61 -13.82
CA ASN C 126 6.23 3.08 -14.85
C ASN C 126 5.27 1.93 -15.13
N SER C 127 5.78 0.69 -15.24
CA SER C 127 4.92 -0.48 -15.57
C SER C 127 3.77 -0.55 -14.58
N TYR C 128 4.08 -0.46 -13.29
CA TYR C 128 3.05 -0.63 -12.26
C TYR C 128 2.08 0.57 -12.30
N LEU C 129 2.56 1.80 -12.41
CA LEU C 129 1.57 2.90 -12.54
C LEU C 129 0.75 2.61 -13.79
N GLN C 130 1.32 2.01 -14.83
CA GLN C 130 0.52 1.88 -16.08
C GLN C 130 -0.59 0.88 -15.78
N LYS C 131 -0.22 -0.31 -15.33
CA LYS C 131 -1.17 -1.40 -15.02
C LYS C 131 -2.13 -0.99 -13.90
N PHE C 132 -1.69 -0.22 -12.92
CA PHE C 132 -2.58 0.23 -11.83
C PHE C 132 -3.62 1.22 -12.38
N ASP C 133 -3.28 1.91 -13.47
CA ASP C 133 -4.09 3.00 -14.05
C ASP C 133 -4.03 4.20 -13.09
N HIS C 134 -2.83 4.51 -12.63
CA HIS C 134 -2.56 5.73 -11.83
C HIS C 134 -2.85 6.93 -12.73
N PRO C 135 -3.43 8.02 -12.16
CA PRO C 135 -3.67 9.25 -12.89
C PRO C 135 -2.44 9.78 -13.61
N LEU C 136 -1.28 9.69 -12.95
CA LEU C 136 0.01 10.17 -13.49
C LEU C 136 0.22 9.53 -14.88
N ALA C 137 -0.18 8.27 -15.07
CA ALA C 137 -0.06 7.55 -16.36
C ALA C 137 -1.01 8.04 -17.44
N ALA C 138 -2.13 8.72 -17.12
CA ALA C 138 -3.01 9.40 -18.11
C ALA C 138 -2.36 10.70 -18.56
N LEU C 139 -1.84 11.46 -17.59
CA LEU C 139 -1.12 12.75 -17.79
C LEU C 139 0.16 12.54 -18.64
N TYR C 140 0.87 11.43 -18.48
CA TYR C 140 2.21 11.20 -19.09
C TYR C 140 2.29 9.74 -19.54
N SER C 141 2.01 9.49 -20.80
CA SER C 141 1.80 8.11 -21.32
C SER C 141 3.13 7.37 -21.43
N THR C 142 4.27 8.06 -21.55
CA THR C 142 5.63 7.41 -21.56
C THR C 142 6.50 8.13 -20.55
N SER C 143 7.61 7.53 -20.14
CA SER C 143 8.52 8.09 -19.09
C SER C 143 7.68 8.74 -17.98
N THR C 144 6.60 8.08 -17.58
CA THR C 144 5.58 8.58 -16.62
C THR C 144 6.21 9.24 -15.38
N MET C 145 6.99 8.45 -14.63
CA MET C 145 7.53 8.96 -13.34
C MET C 145 8.50 10.09 -13.67
N GLU C 146 9.23 9.98 -14.79
CA GLU C 146 10.31 10.94 -15.09
C GLU C 146 9.67 12.29 -15.47
N GLN C 147 8.60 12.29 -16.23
CA GLN C 147 7.90 13.56 -16.51
C GLN C 147 7.35 14.12 -15.20
N HIS C 148 6.91 13.29 -14.26
CA HIS C 148 6.50 13.81 -12.93
C HIS C 148 7.72 14.45 -12.22
N HIS C 149 8.89 13.79 -12.21
CA HIS C 149 10.07 14.32 -11.45
C HIS C 149 10.41 15.71 -11.98
N PHE C 150 10.39 15.88 -13.30
CA PHE C 150 10.67 17.19 -13.94
C PHE C 150 9.60 18.20 -13.47
N SER C 151 8.34 17.82 -13.60
CA SER C 151 7.21 18.67 -13.16
C SER C 151 7.33 19.05 -11.67
N GLN C 152 7.71 18.13 -10.79
CA GLN C 152 7.91 18.46 -9.35
C GLN C 152 9.09 19.42 -9.18
N THR C 153 10.16 19.24 -9.95
CA THR C 153 11.35 20.14 -9.98
C THR C 153 10.92 21.58 -10.27
N VAL C 154 10.21 21.78 -11.40
CA VAL C 154 9.60 23.08 -11.82
C VAL C 154 8.74 23.63 -10.68
N SER C 155 7.80 22.86 -10.14
CA SER C 155 6.99 23.29 -8.95
C SER C 155 7.86 23.94 -7.88
N ILE C 156 8.95 23.30 -7.49
CA ILE C 156 9.80 23.72 -6.34
C ILE C 156 10.56 24.99 -6.73
N LEU C 157 11.03 25.08 -7.97
CA LEU C 157 11.76 26.29 -8.44
C LEU C 157 10.87 27.54 -8.40
N GLN C 158 9.54 27.34 -8.53
CA GLN C 158 8.53 28.43 -8.62
C GLN C 158 7.99 28.82 -7.24
N LEU C 159 8.29 28.07 -6.19
CA LEU C 159 8.04 28.44 -4.77
C LEU C 159 8.79 29.72 -4.40
N GLU C 160 8.18 30.54 -3.54
CA GLU C 160 8.74 31.85 -3.19
C GLU C 160 10.09 31.59 -2.53
N GLY C 161 11.11 32.37 -2.89
CA GLY C 161 12.46 32.25 -2.33
C GLY C 161 13.25 31.05 -2.85
N HIS C 162 12.76 30.27 -3.83
CA HIS C 162 13.40 29.02 -4.28
C HIS C 162 14.03 29.16 -5.67
N ASN C 163 13.95 30.30 -6.32
CA ASN C 163 14.41 30.30 -7.73
C ASN C 163 15.90 30.54 -7.70
N ILE C 164 16.65 29.46 -7.49
CA ILE C 164 18.14 29.45 -7.56
C ILE C 164 18.67 29.93 -8.92
N PHE C 165 17.88 29.99 -10.00
CA PHE C 165 18.39 30.43 -11.34
C PHE C 165 17.95 31.87 -11.67
N SER C 166 17.67 32.69 -10.66
CA SER C 166 17.05 34.06 -10.83
C SER C 166 18.04 35.01 -11.52
N THR C 167 19.35 34.92 -11.25
CA THR C 167 20.41 35.75 -11.88
C THR C 167 20.57 35.49 -13.40
N LEU C 168 20.09 34.38 -13.93
CA LEU C 168 20.33 34.03 -15.35
C LEU C 168 19.39 34.87 -16.21
N SER C 169 19.83 35.26 -17.41
CA SER C 169 18.97 35.83 -18.48
C SER C 169 17.84 34.86 -18.82
N SER C 170 16.81 35.33 -19.50
CA SER C 170 15.61 34.52 -19.86
C SER C 170 16.01 33.36 -20.79
N SER C 171 17.04 33.56 -21.62
CA SER C 171 17.53 32.57 -22.62
C SER C 171 18.20 31.43 -21.86
N GLU C 172 19.22 31.81 -21.11
CA GLU C 172 20.03 30.96 -20.21
C GLU C 172 19.07 30.17 -19.29
N TYR C 173 18.00 30.78 -18.84
CA TYR C 173 17.05 30.16 -17.87
C TYR C 173 16.31 29.05 -18.60
N GLU C 174 15.74 29.37 -19.75
CA GLU C 174 15.10 28.39 -20.63
C GLU C 174 16.12 27.28 -21.00
N GLN C 175 17.39 27.58 -21.18
CA GLN C 175 18.38 26.54 -21.56
C GLN C 175 18.63 25.57 -20.39
N VAL C 176 18.84 26.06 -19.19
CA VAL C 176 19.18 25.24 -18.00
C VAL C 176 17.95 24.37 -17.70
N LEU C 177 16.73 24.89 -17.88
CA LEU C 177 15.48 24.12 -17.63
C LEU C 177 15.38 23.00 -18.66
N GLU C 178 15.84 23.25 -19.86
CA GLU C 178 15.80 22.27 -20.97
C GLU C 178 16.93 21.22 -20.76
N ILE C 179 18.09 21.63 -20.27
CA ILE C 179 19.14 20.67 -19.85
C ILE C 179 18.59 19.74 -18.75
N ILE C 180 17.91 20.30 -17.75
CA ILE C 180 17.42 19.52 -16.58
C ILE C 180 16.32 18.60 -17.07
N ARG C 181 15.40 19.10 -17.90
CA ARG C 181 14.31 18.26 -18.45
C ARG C 181 14.90 17.04 -19.14
N LYS C 182 15.82 17.22 -20.06
CA LYS C 182 16.34 16.10 -20.88
C LYS C 182 17.07 15.11 -19.98
N ALA C 183 17.94 15.61 -19.10
CA ALA C 183 18.72 14.82 -18.12
C ALA C 183 17.77 13.94 -17.27
N ILE C 184 16.59 14.44 -16.91
CA ILE C 184 15.69 13.67 -16.00
C ILE C 184 14.91 12.62 -16.79
N ILE C 185 14.45 12.96 -17.97
CA ILE C 185 13.77 12.00 -18.89
C ILE C 185 14.76 10.88 -19.21
N ALA C 186 16.05 11.17 -19.35
CA ALA C 186 17.08 10.18 -19.77
C ALA C 186 17.21 9.05 -18.74
N THR C 187 16.90 9.32 -17.46
CA THR C 187 16.94 8.35 -16.34
C THR C 187 15.82 7.31 -16.50
N ASP C 188 14.93 7.44 -17.49
CA ASP C 188 13.99 6.34 -17.83
C ASP C 188 14.84 5.28 -18.56
N LEU C 189 15.08 4.17 -17.90
CA LEU C 189 15.98 3.12 -18.42
C LEU C 189 15.41 2.60 -19.76
N ALA C 190 14.13 2.76 -20.04
CA ALA C 190 13.54 2.28 -21.30
C ALA C 190 14.13 3.08 -22.47
N LEU C 191 14.53 4.34 -22.24
CA LEU C 191 15.17 5.20 -23.28
C LEU C 191 16.68 4.96 -23.34
N TYR C 192 17.28 4.37 -22.33
CA TYR C 192 18.75 4.14 -22.27
C TYR C 192 19.20 3.23 -23.41
N PHE C 193 18.51 2.12 -23.69
CA PHE C 193 18.97 1.10 -24.67
C PHE C 193 19.20 1.73 -26.05
N GLY C 194 18.19 2.37 -26.64
CA GLY C 194 18.31 3.23 -27.85
C GLY C 194 19.39 4.32 -27.74
N ASN C 195 19.49 5.01 -26.61
CA ASN C 195 20.44 6.12 -26.45
C ASN C 195 21.85 5.56 -26.57
N ARG C 196 22.14 4.51 -25.84
CA ARG C 196 23.50 3.93 -25.77
C ARG C 196 23.83 3.41 -27.17
N LYS C 197 22.89 2.75 -27.82
CA LYS C 197 23.20 2.14 -29.14
C LYS C 197 23.49 3.27 -30.15
N GLN C 198 22.65 4.30 -30.21
CA GLN C 198 22.89 5.46 -31.09
C GLN C 198 24.29 6.00 -30.81
N LEU C 199 24.66 6.15 -29.55
CA LEU C 199 25.91 6.81 -29.14
C LEU C 199 27.07 5.91 -29.53
N GLU C 200 26.89 4.60 -29.38
CA GLU C 200 27.92 3.58 -29.73
C GLU C 200 28.22 3.75 -31.22
N GLU C 201 27.21 3.79 -32.07
CA GLU C 201 27.42 3.95 -33.54
C GLU C 201 28.17 5.27 -33.80
N MET C 202 27.83 6.36 -33.15
CA MET C 202 28.46 7.66 -33.46
C MET C 202 29.93 7.62 -33.10
N TYR C 203 30.26 7.14 -31.89
CA TYR C 203 31.65 6.95 -31.41
C TYR C 203 32.43 6.09 -32.42
N GLN C 204 31.89 4.94 -32.84
CA GLN C 204 32.64 3.93 -33.61
C GLN C 204 32.85 4.45 -35.05
N THR C 205 31.95 5.24 -35.63
CA THR C 205 32.08 5.83 -36.98
C THR C 205 32.85 7.17 -36.92
N GLY C 206 33.24 7.66 -35.77
CA GLY C 206 33.93 8.96 -35.68
C GLY C 206 33.04 10.16 -35.87
N SER C 207 31.73 10.01 -36.13
CA SER C 207 30.78 11.14 -36.34
C SER C 207 30.41 11.89 -35.02
N LEU C 208 30.69 11.30 -33.86
CA LEU C 208 30.40 11.94 -32.55
C LEU C 208 31.05 13.33 -32.49
N ASN C 209 30.27 14.37 -32.22
CA ASN C 209 30.71 15.78 -32.30
C ASN C 209 30.09 16.56 -31.11
N LEU C 210 30.86 16.84 -30.06
CA LEU C 210 30.35 17.59 -28.87
C LEU C 210 29.95 19.04 -29.21
N ASN C 211 30.15 19.55 -30.42
CA ASN C 211 29.61 20.88 -30.82
C ASN C 211 28.25 20.67 -31.45
N ASN C 212 27.90 19.45 -31.85
CA ASN C 212 26.51 19.15 -32.20
C ASN C 212 25.66 18.95 -30.92
N GLN C 213 24.56 19.71 -30.76
CA GLN C 213 23.77 19.84 -29.49
C GLN C 213 22.97 18.57 -29.27
N SER C 214 22.46 17.92 -30.31
CA SER C 214 21.72 16.64 -30.18
C SER C 214 22.69 15.53 -29.72
N HIS C 215 23.96 15.61 -30.11
CA HIS C 215 24.99 14.65 -29.67
C HIS C 215 25.30 14.91 -28.20
N ARG C 216 25.45 16.17 -27.82
CA ARG C 216 25.74 16.56 -26.40
C ARG C 216 24.63 16.01 -25.51
N ASP C 217 23.38 16.13 -25.96
CA ASP C 217 22.14 15.69 -25.28
C ASP C 217 22.25 14.20 -25.03
N ARG C 218 22.76 13.45 -26.00
CA ARG C 218 22.86 11.97 -25.92
C ARG C 218 23.95 11.62 -24.91
N VAL C 219 25.09 12.31 -24.93
CA VAL C 219 26.20 12.05 -23.97
C VAL C 219 25.71 12.35 -22.54
N ILE C 220 25.04 13.49 -22.31
CA ILE C 220 24.50 13.84 -20.98
C ILE C 220 23.49 12.75 -20.57
N GLY C 221 22.70 12.24 -21.51
CA GLY C 221 21.78 11.13 -21.20
C GLY C 221 22.51 9.91 -20.67
N LEU C 222 23.63 9.54 -21.27
CA LEU C 222 24.36 8.32 -20.84
C LEU C 222 25.00 8.58 -19.47
N MET C 223 25.55 9.77 -19.30
CA MET C 223 26.07 10.27 -18.00
C MET C 223 24.97 10.11 -16.96
N MET C 224 23.72 10.46 -17.28
CA MET C 224 22.62 10.37 -16.28
C MET C 224 22.34 8.91 -15.92
N THR C 225 22.23 8.04 -16.92
CA THR C 225 22.09 6.60 -16.66
C THR C 225 23.26 6.14 -15.78
N ALA C 226 24.49 6.52 -16.11
CA ALA C 226 25.67 6.00 -15.40
C ALA C 226 25.59 6.44 -13.92
N CYS C 227 25.19 7.68 -13.68
CA CYS C 227 25.04 8.20 -12.30
C CYS C 227 23.84 7.51 -11.64
N ASP C 228 22.75 7.29 -12.35
CA ASP C 228 21.60 6.56 -11.80
C ASP C 228 22.01 5.17 -11.29
N LEU C 229 22.89 4.47 -12.03
CA LEU C 229 23.22 3.06 -11.73
C LEU C 229 24.41 2.99 -10.79
N CYS C 230 24.97 4.10 -10.32
CA CYS C 230 26.37 4.13 -9.78
C CYS C 230 26.48 3.28 -8.51
N SER C 231 25.38 2.76 -8.00
CA SER C 231 25.39 1.79 -6.87
C SER C 231 26.13 0.51 -7.23
N VAL C 232 26.23 0.16 -8.52
CA VAL C 232 26.98 -1.05 -8.99
C VAL C 232 28.46 -0.68 -9.16
N THR C 233 28.87 0.55 -8.85
CA THR C 233 30.28 0.97 -8.98
C THR C 233 30.90 1.27 -7.63
N LYS C 234 30.23 0.87 -6.54
CA LYS C 234 30.76 1.02 -5.18
C LYS C 234 31.56 -0.23 -4.84
N LEU C 235 32.34 -0.11 -3.77
CA LEU C 235 32.92 -1.27 -3.05
C LEU C 235 31.81 -2.24 -2.66
N TRP C 236 32.19 -3.52 -2.62
CA TRP C 236 31.24 -4.64 -2.63
C TRP C 236 30.28 -4.57 -1.44
N PRO C 237 30.72 -4.27 -0.21
CA PRO C 237 29.79 -4.19 0.91
C PRO C 237 28.73 -3.10 0.67
N VAL C 238 29.07 -1.96 0.05
CA VAL C 238 28.04 -0.95 -0.33
C VAL C 238 27.11 -1.55 -1.38
N THR C 239 27.64 -2.16 -2.43
CA THR C 239 26.84 -2.61 -3.58
C THR C 239 25.89 -3.71 -3.12
N LYS C 240 26.41 -4.62 -2.30
CA LYS C 240 25.63 -5.73 -1.70
C LYS C 240 24.49 -5.17 -0.82
N LEU C 241 24.77 -4.28 0.11
CA LEU C 241 23.69 -3.73 0.99
C LEU C 241 22.66 -2.96 0.13
N THR C 242 23.07 -2.23 -0.90
CA THR C 242 22.13 -1.41 -1.71
C THR C 242 21.18 -2.34 -2.47
N ALA C 243 21.64 -3.51 -2.91
CA ALA C 243 20.81 -4.49 -3.62
C ALA C 243 19.62 -4.98 -2.75
N ASN C 244 19.78 -5.15 -1.42
CA ASN C 244 18.63 -5.41 -0.48
C ASN C 244 17.57 -4.28 -0.61
N ASP C 245 17.99 -3.02 -0.58
CA ASP C 245 17.09 -1.85 -0.66
C ASP C 245 16.39 -1.88 -2.02
N ILE C 246 17.09 -2.27 -3.08
CA ILE C 246 16.48 -2.28 -4.45
C ILE C 246 15.38 -3.35 -4.54
N TYR C 247 15.67 -4.50 -3.98
CA TYR C 247 14.76 -5.67 -4.05
C TYR C 247 13.59 -5.48 -3.07
N ALA C 248 13.79 -4.83 -1.94
CA ALA C 248 12.65 -4.51 -1.06
C ALA C 248 11.63 -3.76 -1.93
N GLU C 249 12.05 -2.83 -2.78
CA GLU C 249 11.08 -2.07 -3.61
C GLU C 249 10.47 -2.98 -4.66
N PHE C 250 11.30 -3.75 -5.33
CA PHE C 250 10.82 -4.69 -6.35
C PHE C 250 9.81 -5.68 -5.77
N TRP C 251 10.12 -6.21 -4.59
CA TRP C 251 9.28 -7.34 -4.10
C TRP C 251 7.94 -6.73 -3.68
N ALA C 252 7.95 -5.56 -3.03
CA ALA C 252 6.70 -4.83 -2.72
C ALA C 252 5.91 -4.58 -4.00
N GLU C 253 6.57 -4.21 -5.09
CA GLU C 253 5.87 -3.95 -6.37
C GLU C 253 5.25 -5.25 -6.85
N GLY C 254 6.01 -6.35 -6.81
CA GLY C 254 5.51 -7.67 -7.23
C GLY C 254 4.27 -8.06 -6.44
N ASP C 255 4.30 -7.84 -5.14
CA ASP C 255 3.14 -8.06 -4.25
C ASP C 255 1.97 -7.31 -4.84
N GLU C 256 2.18 -6.03 -5.16
CA GLU C 256 1.08 -5.17 -5.65
C GLU C 256 0.63 -5.74 -7.00
N MET C 257 1.54 -6.27 -7.82
CA MET C 257 1.14 -6.79 -9.15
C MET C 257 0.17 -7.95 -8.88
N LYS C 258 0.47 -8.77 -7.89
CA LYS C 258 -0.28 -9.99 -7.56
C LYS C 258 -1.66 -9.55 -7.11
N LYS C 259 -1.74 -8.46 -6.34
CA LYS C 259 -3.04 -7.90 -5.88
C LYS C 259 -3.88 -7.42 -7.09
N LEU C 260 -3.25 -7.01 -8.17
CA LEU C 260 -3.98 -6.59 -9.39
C LEU C 260 -4.44 -7.80 -10.20
N GLY C 261 -4.02 -9.00 -9.83
CA GLY C 261 -4.35 -10.19 -10.63
C GLY C 261 -3.33 -10.47 -11.72
N ILE C 262 -2.13 -9.91 -11.64
CA ILE C 262 -1.04 -10.13 -12.65
C ILE C 262 0.15 -10.79 -11.96
N GLN C 263 0.62 -11.91 -12.51
CA GLN C 263 1.88 -12.57 -12.06
C GLN C 263 3.00 -11.61 -12.44
N PRO C 264 3.86 -11.21 -11.48
CA PRO C 264 5.00 -10.33 -11.80
C PRO C 264 6.14 -11.07 -12.50
N ILE C 265 7.03 -10.32 -13.13
CA ILE C 265 8.30 -10.89 -13.61
C ILE C 265 9.08 -11.35 -12.38
N PRO C 266 9.86 -12.42 -12.56
CA PRO C 266 10.63 -13.02 -11.47
C PRO C 266 11.44 -12.06 -10.58
N MET C 267 11.96 -11.01 -11.20
CA MET C 267 12.81 -10.00 -10.53
C MET C 267 12.03 -9.39 -9.36
N MET C 268 10.70 -9.38 -9.45
CA MET C 268 9.81 -8.67 -8.50
C MET C 268 9.01 -9.69 -7.70
N ASP C 269 9.22 -10.97 -7.96
CA ASP C 269 8.55 -12.05 -7.19
C ASP C 269 9.45 -12.49 -6.01
N ARG C 270 9.01 -12.24 -4.78
CA ARG C 270 9.81 -12.55 -3.56
C ARG C 270 9.90 -14.07 -3.36
N ASP C 271 9.05 -14.84 -4.01
CA ASP C 271 9.06 -16.32 -3.91
C ASP C 271 10.17 -16.85 -4.81
N LYS C 272 10.87 -15.98 -5.56
CA LYS C 272 12.01 -16.38 -6.41
C LYS C 272 13.31 -15.68 -6.03
N LYS C 273 13.45 -15.20 -4.78
CA LYS C 273 14.68 -14.64 -4.14
C LYS C 273 15.94 -15.43 -4.46
N ASP C 274 15.83 -16.74 -4.64
CA ASP C 274 17.01 -17.66 -4.67
C ASP C 274 17.76 -17.42 -5.99
N GLU C 275 17.04 -17.00 -7.04
CA GLU C 275 17.58 -16.72 -8.40
C GLU C 275 18.18 -15.29 -8.48
N VAL C 276 18.42 -14.61 -7.35
CA VAL C 276 18.80 -13.16 -7.36
C VAL C 276 20.20 -13.06 -7.95
N PRO C 277 21.18 -13.89 -7.52
CA PRO C 277 22.53 -13.76 -8.04
C PRO C 277 22.56 -13.95 -9.57
N GLN C 278 21.76 -14.86 -10.09
CA GLN C 278 21.62 -15.08 -11.55
C GLN C 278 21.08 -13.80 -12.21
N GLY C 279 20.10 -13.14 -11.55
CA GLY C 279 19.40 -11.98 -12.11
C GLY C 279 20.32 -10.77 -12.16
N GLN C 280 21.10 -10.57 -11.12
CA GLN C 280 22.18 -9.54 -11.04
C GLN C 280 23.16 -9.72 -12.21
N LEU C 281 23.68 -10.94 -12.39
CA LEU C 281 24.54 -11.32 -13.54
C LEU C 281 23.95 -10.81 -14.85
N GLY C 282 22.71 -11.20 -15.14
CA GLY C 282 21.99 -10.67 -16.31
C GLY C 282 21.92 -9.15 -16.32
N PHE C 283 21.70 -8.50 -15.17
CA PHE C 283 21.53 -7.02 -15.12
C PHE C 283 22.87 -6.40 -15.55
N TYR C 284 23.98 -6.90 -15.00
CA TYR C 284 25.33 -6.38 -15.26
C TYR C 284 25.73 -6.62 -16.73
N ASN C 285 25.44 -7.80 -17.27
CA ASN C 285 25.83 -8.18 -18.66
C ASN C 285 25.02 -7.34 -19.67
N ALA C 286 23.71 -7.21 -19.48
CA ALA C 286 22.76 -6.55 -20.41
C ALA C 286 22.69 -5.03 -20.23
N VAL C 287 23.03 -4.46 -19.07
CA VAL C 287 22.72 -3.01 -18.81
C VAL C 287 23.99 -2.27 -18.32
N ALA C 288 24.44 -2.60 -17.13
CA ALA C 288 25.49 -1.85 -16.42
C ALA C 288 26.79 -1.86 -17.23
N ILE C 289 27.31 -3.04 -17.59
CA ILE C 289 28.65 -3.15 -18.26
C ILE C 289 28.61 -2.36 -19.57
N PRO C 290 27.63 -2.59 -20.48
CA PRO C 290 27.56 -1.79 -21.70
C PRO C 290 27.54 -0.29 -21.41
N CYS C 291 26.77 0.08 -20.37
CA CYS C 291 26.56 1.50 -20.07
C CYS C 291 27.91 2.15 -19.76
N TYR C 292 28.64 1.59 -18.82
CA TYR C 292 29.95 2.12 -18.37
C TYR C 292 31.03 1.83 -19.42
N THR C 293 30.79 0.91 -20.36
CA THR C 293 31.77 0.60 -21.43
C THR C 293 31.77 1.77 -22.44
N THR C 294 30.58 2.04 -22.97
CA THR C 294 30.28 3.18 -23.87
C THR C 294 30.73 4.46 -23.20
N LEU C 295 30.41 4.69 -21.92
CA LEU C 295 30.76 5.98 -21.27
C LEU C 295 32.29 6.14 -21.12
N THR C 296 33.00 5.05 -20.86
CA THR C 296 34.48 5.09 -20.75
C THR C 296 35.06 5.41 -22.15
N GLN C 297 34.51 4.87 -23.24
CA GLN C 297 34.99 5.19 -24.61
C GLN C 297 34.87 6.69 -24.87
N ILE C 298 33.76 7.30 -24.50
CA ILE C 298 33.46 8.74 -24.82
C ILE C 298 34.22 9.59 -23.81
N LEU C 299 34.28 9.17 -22.55
CA LEU C 299 34.93 9.96 -21.47
C LEU C 299 35.90 9.06 -20.73
N PRO C 300 37.16 8.89 -21.23
CA PRO C 300 38.10 7.95 -20.63
C PRO C 300 38.32 8.13 -19.14
N PRO C 301 38.35 9.35 -18.57
CA PRO C 301 38.54 9.50 -17.12
C PRO C 301 37.47 8.82 -16.23
N THR C 302 36.37 8.31 -16.80
CA THR C 302 35.26 7.62 -16.09
C THR C 302 35.53 6.14 -15.96
N GLU C 303 36.66 5.67 -16.46
CA GLU C 303 37.17 4.27 -16.37
C GLU C 303 36.94 3.62 -15.00
N PRO C 304 37.33 4.21 -13.85
CA PRO C 304 37.07 3.58 -12.55
C PRO C 304 35.64 3.07 -12.35
N LEU C 305 34.64 3.77 -12.89
CA LEU C 305 33.24 3.26 -12.83
C LEU C 305 33.22 1.89 -13.52
N LEU C 306 33.76 1.78 -14.73
CA LEU C 306 33.70 0.48 -15.46
C LEU C 306 34.46 -0.58 -14.66
N LYS C 307 35.61 -0.21 -14.12
CA LYS C 307 36.48 -1.15 -13.38
C LYS C 307 35.72 -1.64 -12.15
N ALA C 308 35.11 -0.72 -11.40
CA ALA C 308 34.41 -1.08 -10.16
C ALA C 308 33.20 -1.98 -10.51
N CYS C 309 32.53 -1.70 -11.62
CA CYS C 309 31.35 -2.49 -12.05
C CYS C 309 31.79 -3.93 -12.41
N ARG C 310 32.90 -4.10 -13.16
CA ARG C 310 33.50 -5.44 -13.43
CA ARG C 310 33.58 -5.41 -13.43
C ARG C 310 33.87 -6.13 -12.10
N ASP C 311 34.48 -5.45 -11.14
CA ASP C 311 34.79 -6.07 -9.84
C ASP C 311 33.55 -6.70 -9.22
N ASN C 312 32.43 -5.96 -9.17
CA ASN C 312 31.15 -6.37 -8.54
C ASN C 312 30.51 -7.48 -9.39
N LEU C 313 30.61 -7.41 -10.72
CA LEU C 313 30.20 -8.53 -11.60
C LEU C 313 30.90 -9.83 -11.17
N SER C 314 32.21 -9.76 -10.85
CA SER C 314 33.04 -10.93 -10.48
C SER C 314 32.64 -11.42 -9.08
N GLN C 315 32.24 -10.51 -8.17
CA GLN C 315 31.67 -10.84 -6.85
C GLN C 315 30.34 -11.57 -7.00
N TRP C 316 29.44 -11.12 -7.88
CA TRP C 316 28.15 -11.82 -8.08
C TRP C 316 28.44 -13.21 -8.68
N GLU C 317 29.50 -13.37 -9.48
CA GLU C 317 29.84 -14.70 -10.09
C GLU C 317 30.27 -15.65 -8.96
N LYS C 318 31.08 -15.16 -8.00
CA LYS C 318 31.48 -15.93 -6.80
C LYS C 318 30.26 -16.32 -5.99
N VAL C 319 29.35 -15.39 -5.66
CA VAL C 319 28.08 -15.75 -4.94
C VAL C 319 27.36 -16.89 -5.70
N ILE C 320 27.23 -16.83 -7.03
CA ILE C 320 26.53 -17.88 -7.84
C ILE C 320 27.20 -19.24 -7.62
N ARG C 321 28.51 -19.27 -7.39
CA ARG C 321 29.32 -20.50 -7.28
C ARG C 321 29.48 -20.87 -5.79
N GLY C 322 28.47 -20.63 -4.94
CA GLY C 322 28.51 -20.98 -3.51
C GLY C 322 29.74 -20.49 -2.71
N GLU C 323 30.61 -19.59 -3.24
CA GLU C 323 31.83 -19.04 -2.55
C GLU C 323 31.51 -17.80 -1.71
N GLU C 324 30.25 -17.37 -1.70
CA GLU C 324 29.67 -16.36 -0.77
C GLU C 324 28.15 -16.31 -1.00
N LEU D 13 -16.45 3.45 -53.81
CA LEU D 13 -16.54 4.87 -53.28
C LEU D 13 -18.01 5.21 -52.95
N MET D 14 -18.83 4.18 -52.76
CA MET D 14 -20.29 4.27 -52.47
C MET D 14 -20.49 3.91 -50.98
N GLN D 15 -20.53 4.91 -50.10
CA GLN D 15 -20.66 4.68 -48.63
C GLN D 15 -22.12 4.77 -48.23
N PHE D 16 -22.45 4.29 -47.02
CA PHE D 16 -23.77 4.51 -46.40
C PHE D 16 -23.59 5.61 -45.39
N THR D 17 -24.63 6.42 -45.25
CA THR D 17 -24.72 7.51 -44.24
C THR D 17 -26.07 7.37 -43.55
N LEU D 18 -26.10 7.57 -42.23
CA LEU D 18 -27.36 7.64 -41.46
C LEU D 18 -27.73 9.10 -41.22
N PRO D 19 -29.01 9.38 -40.95
CA PRO D 19 -29.39 10.69 -40.43
C PRO D 19 -28.62 11.02 -39.14
N VAL D 20 -28.36 12.30 -38.91
CA VAL D 20 -27.52 12.84 -37.80
C VAL D 20 -27.85 12.15 -36.48
N ARG D 21 -29.12 12.07 -36.05
CA ARG D 21 -29.38 11.51 -34.70
C ARG D 21 -28.89 10.05 -34.69
N LEU D 22 -29.07 9.32 -35.80
CA LEU D 22 -28.77 7.87 -35.86
C LEU D 22 -27.27 7.68 -35.94
N CYS D 23 -26.63 8.45 -36.84
CA CYS D 23 -25.17 8.52 -37.11
C CYS D 23 -24.44 8.72 -35.77
N LYS D 24 -24.91 9.66 -34.94
CA LYS D 24 -24.34 9.96 -33.61
C LYS D 24 -24.72 8.89 -32.57
N GLU D 25 -25.95 8.35 -32.55
CA GLU D 25 -26.43 7.54 -31.39
C GLU D 25 -26.10 6.04 -31.57
N ILE D 26 -25.81 5.62 -32.80
CA ILE D 26 -25.51 4.20 -33.16
C ILE D 26 -24.25 3.78 -32.40
N GLU D 27 -23.45 4.74 -31.93
CA GLU D 27 -22.15 4.47 -31.25
C GLU D 27 -22.39 4.22 -29.76
N LEU D 28 -23.53 4.62 -29.21
CA LEU D 28 -23.89 4.27 -27.79
C LEU D 28 -24.34 2.79 -27.71
N PHE D 29 -23.84 2.03 -26.75
CA PHE D 29 -24.32 0.66 -26.44
C PHE D 29 -25.86 0.56 -26.43
N HIS D 30 -26.59 1.51 -25.81
CA HIS D 30 -28.06 1.40 -25.59
C HIS D 30 -28.89 1.81 -26.84
N PHE D 31 -28.27 2.27 -27.93
CA PHE D 31 -28.97 2.60 -29.20
C PHE D 31 -30.06 1.54 -29.54
N ASP D 32 -31.20 2.06 -29.98
CA ASP D 32 -32.36 1.27 -30.45
C ASP D 32 -32.46 1.46 -31.97
N ILE D 33 -32.54 0.36 -32.72
CA ILE D 33 -32.48 0.42 -34.22
C ILE D 33 -33.79 1.01 -34.76
N GLY D 34 -34.82 1.14 -33.91
CA GLY D 34 -36.09 1.86 -34.21
C GLY D 34 -37.12 0.94 -34.85
N PRO D 35 -38.36 1.44 -35.12
CA PRO D 35 -39.42 0.61 -35.69
C PRO D 35 -39.49 0.51 -37.23
N PHE D 36 -38.62 1.19 -37.98
CA PHE D 36 -38.60 1.18 -39.48
C PHE D 36 -37.70 0.05 -40.03
N GLU D 37 -38.29 -1.14 -40.22
CA GLU D 37 -37.70 -2.38 -40.78
C GLU D 37 -36.85 -2.11 -42.03
N ASN D 38 -37.27 -1.18 -42.88
CA ASN D 38 -36.64 -0.90 -44.19
C ASN D 38 -35.32 -0.15 -44.00
N MET D 39 -35.03 0.37 -42.80
CA MET D 39 -33.71 1.01 -42.48
C MET D 39 -32.72 0.02 -41.81
N TRP D 40 -33.17 -1.16 -41.38
CA TRP D 40 -32.30 -2.13 -40.65
C TRP D 40 -31.18 -2.63 -41.55
N PRO D 41 -31.44 -3.01 -42.83
CA PRO D 41 -30.36 -3.39 -43.73
C PRO D 41 -29.32 -2.28 -43.88
N GLY D 42 -29.73 -1.05 -44.17
CA GLY D 42 -28.81 0.10 -44.30
C GLY D 42 -27.97 0.29 -43.04
N ILE D 43 -28.63 0.21 -41.87
CA ILE D 43 -27.97 0.32 -40.54
C ILE D 43 -26.92 -0.77 -40.44
N PHE D 44 -27.23 -1.98 -40.85
CA PHE D 44 -26.30 -3.14 -40.72
C PHE D 44 -25.06 -2.93 -41.60
N VAL D 45 -25.27 -2.54 -42.86
CA VAL D 45 -24.18 -2.27 -43.84
C VAL D 45 -23.27 -1.16 -43.30
N TYR D 46 -23.85 -0.05 -42.83
CA TYR D 46 -23.09 1.07 -42.23
C TYR D 46 -22.14 0.51 -41.17
N MET D 47 -22.65 -0.25 -40.18
CA MET D 47 -21.83 -0.80 -39.07
C MET D 47 -20.70 -1.63 -39.67
N VAL D 48 -21.00 -2.40 -40.74
CA VAL D 48 -20.01 -3.31 -41.36
C VAL D 48 -18.92 -2.45 -42.00
N HIS D 49 -19.28 -1.31 -42.63
CA HIS D 49 -18.33 -0.35 -43.25
C HIS D 49 -17.38 0.22 -42.18
N ARG D 50 -17.92 0.81 -41.11
CA ARG D 50 -17.09 1.45 -40.05
C ARG D 50 -16.34 0.36 -39.26
N SER D 51 -16.92 -0.81 -39.05
CA SER D 51 -16.36 -1.81 -38.11
C SER D 51 -15.20 -2.60 -38.78
N CYS D 52 -15.33 -2.83 -40.10
CA CYS D 52 -14.57 -3.80 -40.93
C CYS D 52 -13.77 -3.04 -42.01
N GLY D 53 -14.44 -2.18 -42.79
CA GLY D 53 -13.87 -1.36 -43.88
C GLY D 53 -14.82 -1.31 -45.08
N THR D 54 -14.61 -0.37 -46.00
CA THR D 54 -15.53 -0.14 -47.16
C THR D 54 -15.42 -1.31 -48.17
N SER D 55 -14.38 -2.15 -48.06
CA SER D 55 -13.93 -3.13 -49.09
C SER D 55 -13.92 -4.57 -48.55
N CYS D 56 -14.18 -4.78 -47.26
CA CYS D 56 -14.45 -6.10 -46.64
C CYS D 56 -15.33 -6.98 -47.54
N PHE D 57 -16.46 -6.46 -48.01
CA PHE D 57 -17.41 -7.29 -48.80
C PHE D 57 -17.69 -6.54 -50.09
N GLU D 58 -17.93 -7.27 -51.18
CA GLU D 58 -18.57 -6.77 -52.42
C GLU D 58 -20.00 -6.36 -51.99
N LEU D 59 -20.45 -5.14 -52.31
CA LEU D 59 -21.73 -4.58 -51.80
C LEU D 59 -22.95 -5.40 -52.28
N GLU D 60 -23.02 -5.85 -53.52
CA GLU D 60 -24.23 -6.52 -54.08
C GLU D 60 -24.38 -7.93 -53.50
N LYS D 61 -23.28 -8.62 -53.25
CA LYS D 61 -23.26 -9.92 -52.52
C LYS D 61 -23.82 -9.68 -51.12
N LEU D 62 -23.27 -8.67 -50.42
CA LEU D 62 -23.67 -8.31 -49.03
C LEU D 62 -25.15 -8.01 -49.04
N CME D 63 -25.58 -7.12 -49.93
CA CME D 63 -27.01 -6.70 -50.06
CB CME D 63 -27.26 -5.61 -51.11
SG CME D 63 -27.16 -3.88 -50.54
SD CME D 63 -28.34 -3.73 -48.87
CE CME D 63 -29.89 -3.00 -49.50
CZ CME D 63 -30.16 -1.61 -48.96
OH CME D 63 -31.34 -1.08 -49.53
C CME D 63 -27.89 -7.94 -50.19
O CME D 63 -28.79 -8.08 -49.35
N ARG D 64 -27.61 -8.86 -51.13
CA ARG D 64 -28.52 -10.02 -51.31
C ARG D 64 -28.27 -11.09 -50.23
N PHE D 65 -27.08 -11.15 -49.61
CA PHE D 65 -26.88 -12.00 -48.40
C PHE D 65 -27.87 -11.58 -47.31
N ILE D 66 -27.89 -10.28 -47.01
CA ILE D 66 -28.77 -9.64 -45.97
C ILE D 66 -30.25 -9.91 -46.27
N MET D 67 -30.65 -9.85 -47.54
CA MET D 67 -32.08 -10.00 -47.90
C MET D 67 -32.49 -11.48 -47.84
N SER D 68 -31.61 -12.42 -48.18
CA SER D 68 -31.88 -13.87 -47.92
C SER D 68 -31.91 -14.15 -46.41
N VAL D 69 -30.96 -13.60 -45.63
CA VAL D 69 -30.99 -13.80 -44.13
C VAL D 69 -32.35 -13.33 -43.57
N LYS D 70 -32.72 -12.07 -43.82
CA LYS D 70 -34.00 -11.47 -43.41
C LYS D 70 -35.16 -12.40 -43.78
N LYS D 71 -35.14 -12.98 -44.97
CA LYS D 71 -36.27 -13.80 -45.50
C LYS D 71 -36.35 -15.10 -44.68
N ASN D 72 -35.25 -15.60 -44.09
CA ASN D 72 -35.19 -16.87 -43.31
C ASN D 72 -35.25 -16.61 -41.80
N TYR D 73 -35.49 -15.37 -41.36
CA TYR D 73 -36.12 -15.08 -40.03
C TYR D 73 -37.65 -15.09 -40.19
N ARG D 74 -38.34 -15.70 -39.25
CA ARG D 74 -39.82 -15.78 -39.23
C ARG D 74 -40.41 -14.62 -38.41
N ARG D 75 -41.75 -14.43 -38.51
CA ARG D 75 -42.52 -13.33 -37.85
C ARG D 75 -43.03 -13.82 -36.49
N VAL D 76 -42.11 -14.02 -35.55
CA VAL D 76 -42.40 -14.46 -34.15
C VAL D 76 -42.17 -13.27 -33.23
N PRO D 77 -42.75 -13.28 -32.01
CA PRO D 77 -42.74 -12.10 -31.14
C PRO D 77 -41.35 -11.55 -30.75
N TYR D 78 -40.35 -12.42 -30.56
CA TYR D 78 -39.01 -11.97 -30.07
C TYR D 78 -37.90 -12.45 -31.01
N HIS D 79 -37.78 -13.75 -31.32
CA HIS D 79 -36.61 -14.32 -32.05
C HIS D 79 -36.69 -13.98 -33.55
N ASN D 80 -36.64 -12.69 -33.89
CA ASN D 80 -37.06 -12.22 -35.23
C ASN D 80 -35.95 -11.35 -35.83
N TRP D 81 -36.20 -10.84 -37.04
CA TRP D 81 -35.22 -10.03 -37.80
C TRP D 81 -34.72 -8.83 -36.99
N LYS D 82 -35.61 -8.21 -36.22
CA LYS D 82 -35.22 -7.05 -35.35
C LYS D 82 -34.21 -7.49 -34.27
N HIS D 83 -34.42 -8.66 -33.63
CA HIS D 83 -33.45 -9.23 -32.66
C HIS D 83 -32.08 -9.48 -33.33
N ALA D 84 -32.07 -10.01 -34.55
CA ALA D 84 -30.86 -10.28 -35.34
C ALA D 84 -30.00 -9.02 -35.43
N VAL D 85 -30.58 -7.89 -35.86
CA VAL D 85 -29.85 -6.61 -36.13
C VAL D 85 -29.46 -5.95 -34.80
N THR D 86 -30.29 -6.02 -33.77
CA THR D 86 -30.01 -5.49 -32.42
C THR D 86 -28.78 -6.20 -31.84
N VAL D 87 -28.72 -7.52 -31.96
CA VAL D 87 -27.55 -8.32 -31.49
C VAL D 87 -26.31 -7.89 -32.29
N ALA D 88 -26.44 -7.71 -33.59
CA ALA D 88 -25.32 -7.20 -34.40
C ALA D 88 -24.89 -5.83 -33.89
N HIS D 89 -25.83 -4.95 -33.57
CA HIS D 89 -25.52 -3.53 -33.24
C HIS D 89 -24.62 -3.48 -31.98
N CYS D 90 -25.01 -4.20 -30.92
CA CYS D 90 -24.23 -4.43 -29.69
C CYS D 90 -22.82 -4.92 -30.07
N MET D 91 -22.72 -5.93 -30.93
CA MET D 91 -21.41 -6.46 -31.33
C MET D 91 -20.66 -5.31 -32.03
N TYR D 92 -21.35 -4.50 -32.82
CA TYR D 92 -20.71 -3.33 -33.46
C TYR D 92 -20.09 -2.40 -32.40
N ALA D 93 -20.91 -1.98 -31.43
CA ALA D 93 -20.48 -1.09 -30.32
C ALA D 93 -19.25 -1.71 -29.66
N ILE D 94 -19.29 -3.01 -29.33
CA ILE D 94 -18.13 -3.69 -28.66
C ILE D 94 -16.92 -3.54 -29.58
N LEU D 95 -17.07 -3.82 -30.88
CA LEU D 95 -15.88 -3.87 -31.77
C LEU D 95 -15.30 -2.47 -31.94
N GLN D 96 -16.11 -1.42 -31.96
CA GLN D 96 -15.57 -0.04 -32.15
C GLN D 96 -14.79 0.38 -30.90
N ASN D 97 -15.20 -0.08 -29.72
CA ASN D 97 -14.65 0.37 -28.42
C ASN D 97 -13.55 -0.57 -27.93
N ASN D 98 -13.16 -1.57 -28.72
CA ASN D 98 -12.06 -2.53 -28.42
C ASN D 98 -11.29 -2.83 -29.70
N HIS D 99 -11.10 -1.85 -30.60
CA HIS D 99 -10.78 -2.11 -32.03
C HIS D 99 -9.38 -2.76 -32.18
N THR D 100 -8.43 -2.52 -31.26
CA THR D 100 -7.02 -2.99 -31.35
C THR D 100 -6.93 -4.48 -30.95
N LEU D 101 -7.99 -5.04 -30.34
CA LEU D 101 -8.01 -6.42 -29.76
C LEU D 101 -8.40 -7.52 -30.78
N PHE D 102 -8.94 -7.21 -31.97
CA PHE D 102 -9.59 -8.20 -32.88
C PHE D 102 -8.93 -8.27 -34.27
N THR D 103 -8.69 -9.49 -34.76
CA THR D 103 -8.15 -9.77 -36.12
C THR D 103 -9.13 -9.27 -37.18
N ASP D 104 -8.69 -9.22 -38.45
CA ASP D 104 -9.51 -8.74 -39.61
C ASP D 104 -10.67 -9.71 -39.87
N LEU D 105 -10.41 -11.03 -39.82
CA LEU D 105 -11.36 -12.17 -39.96
C LEU D 105 -12.40 -12.13 -38.83
N GLU D 106 -11.95 -11.92 -37.58
CA GLU D 106 -12.87 -11.78 -36.42
C GLU D 106 -13.86 -10.64 -36.67
N ARG D 107 -13.40 -9.49 -37.20
CA ARG D 107 -14.25 -8.30 -37.49
C ARG D 107 -15.34 -8.71 -38.50
N LYS D 108 -14.94 -9.32 -39.63
CA LYS D 108 -15.84 -9.85 -40.71
C LYS D 108 -16.82 -10.88 -40.14
N GLY D 109 -16.27 -11.87 -39.42
CA GLY D 109 -17.01 -13.03 -38.86
C GLY D 109 -18.11 -12.66 -37.87
N LEU D 110 -17.87 -11.76 -36.93
CA LEU D 110 -18.75 -11.59 -35.72
C LEU D 110 -20.02 -10.77 -36.03
N LEU D 111 -19.92 -9.71 -36.83
CA LEU D 111 -21.13 -9.06 -37.38
C LEU D 111 -21.99 -10.13 -38.06
N ILE D 112 -21.44 -10.86 -39.04
CA ILE D 112 -22.20 -11.88 -39.81
C ILE D 112 -22.78 -12.92 -38.83
N ALA D 113 -21.98 -13.36 -37.87
CA ALA D 113 -22.42 -14.37 -36.89
C ALA D 113 -23.64 -13.84 -36.13
N CYS D 114 -23.62 -12.56 -35.75
CA CYS D 114 -24.72 -11.97 -34.93
C CYS D 114 -26.01 -11.87 -35.79
N LEU D 115 -25.91 -11.42 -37.04
CA LEU D 115 -27.08 -11.29 -37.96
C LEU D 115 -27.75 -12.67 -38.18
N CYS D 116 -26.94 -13.73 -38.15
CA CYS D 116 -27.35 -15.10 -38.50
C CYS D 116 -27.65 -15.94 -37.25
N HIS D 117 -27.35 -15.49 -36.04
CA HIS D 117 -27.25 -16.39 -34.84
C HIS D 117 -28.60 -17.03 -34.50
N ASP D 118 -29.74 -16.53 -34.98
CA ASP D 118 -31.07 -17.10 -34.63
C ASP D 118 -31.87 -17.50 -35.87
N LEU D 119 -31.19 -17.69 -37.00
CA LEU D 119 -31.79 -17.98 -38.33
C LEU D 119 -32.85 -19.07 -38.20
N ASP D 120 -34.05 -18.76 -38.70
CA ASP D 120 -35.17 -19.72 -38.82
C ASP D 120 -35.63 -20.16 -37.43
N HIS D 121 -35.52 -19.30 -36.41
CA HIS D 121 -36.03 -19.61 -35.06
C HIS D 121 -37.55 -19.74 -35.16
N ARG D 122 -38.13 -20.69 -34.42
CA ARG D 122 -39.59 -20.97 -34.40
C ARG D 122 -40.20 -20.31 -33.18
N GLY D 123 -39.37 -19.75 -32.30
CA GLY D 123 -39.78 -19.17 -31.00
C GLY D 123 -39.90 -20.23 -29.90
N PHE D 124 -39.29 -21.39 -30.10
CA PHE D 124 -39.31 -22.50 -29.10
C PHE D 124 -37.86 -22.77 -28.70
N SER D 125 -37.69 -23.02 -27.39
CA SER D 125 -36.46 -23.49 -26.71
C SER D 125 -36.07 -24.89 -27.23
N ASN D 126 -34.78 -25.21 -27.12
CA ASN D 126 -34.18 -26.55 -27.32
C ASN D 126 -34.99 -27.61 -26.55
N SER D 127 -35.35 -27.29 -25.28
CA SER D 127 -36.05 -28.22 -24.36
C SER D 127 -37.37 -28.64 -25.01
N TYR D 128 -38.09 -27.66 -25.60
CA TYR D 128 -39.43 -27.92 -26.16
C TYR D 128 -39.28 -28.87 -27.37
N LEU D 129 -38.31 -28.57 -28.25
CA LEU D 129 -38.06 -29.40 -29.46
C LEU D 129 -37.79 -30.84 -28.99
N GLN D 130 -37.12 -31.00 -27.84
CA GLN D 130 -36.73 -32.33 -27.34
C GLN D 130 -37.97 -33.04 -26.79
N LYS D 131 -38.84 -32.33 -26.05
CA LYS D 131 -40.08 -32.90 -25.46
C LYS D 131 -41.06 -33.23 -26.58
N PHE D 132 -41.09 -32.40 -27.63
CA PHE D 132 -41.97 -32.57 -28.81
C PHE D 132 -41.48 -33.74 -29.68
N ASP D 133 -40.18 -33.99 -29.65
CA ASP D 133 -39.52 -35.03 -30.46
C ASP D 133 -39.45 -34.47 -31.90
N HIS D 134 -38.97 -33.23 -32.01
CA HIS D 134 -38.81 -32.51 -33.30
C HIS D 134 -37.68 -33.19 -34.07
N PRO D 135 -37.84 -33.45 -35.40
CA PRO D 135 -36.77 -34.00 -36.23
C PRO D 135 -35.41 -33.32 -36.05
N LEU D 136 -35.37 -32.00 -35.76
CA LEU D 136 -34.12 -31.25 -35.43
C LEU D 136 -33.46 -31.87 -34.17
N ALA D 137 -34.23 -32.44 -33.23
CA ALA D 137 -33.70 -33.04 -31.97
C ALA D 137 -33.02 -34.40 -32.23
N ALA D 138 -33.43 -35.11 -33.28
CA ALA D 138 -32.75 -36.35 -33.73
C ALA D 138 -31.44 -35.96 -34.44
N LEU D 139 -31.42 -34.86 -35.19
CA LEU D 139 -30.28 -34.46 -36.05
C LEU D 139 -29.16 -33.84 -35.17
N TYR D 140 -29.54 -33.08 -34.12
CA TYR D 140 -28.65 -32.29 -33.23
C TYR D 140 -29.08 -32.48 -31.77
N SER D 141 -28.37 -33.30 -30.99
CA SER D 141 -28.78 -33.80 -29.64
C SER D 141 -28.65 -32.72 -28.57
N THR D 142 -27.69 -31.81 -28.73
CA THR D 142 -27.45 -30.64 -27.84
C THR D 142 -27.27 -29.38 -28.70
N SER D 143 -27.52 -28.20 -28.13
CA SER D 143 -27.50 -26.90 -28.84
C SER D 143 -28.31 -27.03 -30.15
N THR D 144 -29.52 -27.61 -30.02
CA THR D 144 -30.35 -28.10 -31.15
C THR D 144 -30.54 -26.91 -32.12
N MET D 145 -31.26 -25.87 -31.69
CA MET D 145 -31.56 -24.68 -32.55
C MET D 145 -30.23 -24.05 -33.03
N GLU D 146 -29.24 -23.96 -32.12
CA GLU D 146 -27.94 -23.31 -32.42
C GLU D 146 -27.23 -24.01 -33.59
N GLN D 147 -27.23 -25.35 -33.63
CA GLN D 147 -26.61 -26.09 -34.76
C GLN D 147 -27.48 -25.88 -36.02
N HIS D 148 -28.80 -25.78 -35.88
CA HIS D 148 -29.71 -25.44 -37.00
C HIS D 148 -29.39 -24.05 -37.53
N HIS D 149 -29.16 -23.05 -36.67
CA HIS D 149 -28.91 -21.65 -37.10
C HIS D 149 -27.63 -21.58 -37.94
N PHE D 150 -26.57 -22.26 -37.49
CA PHE D 150 -25.29 -22.31 -38.24
C PHE D 150 -25.49 -23.05 -39.58
N SER D 151 -26.31 -24.12 -39.61
CA SER D 151 -26.60 -24.90 -40.83
C SER D 151 -27.26 -24.02 -41.91
N GLN D 152 -28.26 -23.23 -41.49
CA GLN D 152 -28.99 -22.22 -42.30
C GLN D 152 -28.06 -21.11 -42.83
N THR D 153 -27.09 -20.70 -42.02
CA THR D 153 -26.05 -19.70 -42.38
C THR D 153 -25.28 -20.27 -43.57
N VAL D 154 -24.87 -21.55 -43.50
CA VAL D 154 -24.00 -22.17 -44.53
C VAL D 154 -24.84 -22.32 -45.82
N SER D 155 -26.08 -22.81 -45.71
CA SER D 155 -26.99 -22.87 -46.87
C SER D 155 -27.02 -21.53 -47.61
N ILE D 156 -27.23 -20.43 -46.87
CA ILE D 156 -27.40 -19.09 -47.49
C ILE D 156 -26.07 -18.65 -48.12
N LEU D 157 -24.94 -18.94 -47.48
CA LEU D 157 -23.60 -18.51 -48.02
C LEU D 157 -23.33 -19.23 -49.35
N GLN D 158 -23.97 -20.38 -49.58
CA GLN D 158 -23.76 -21.25 -50.78
C GLN D 158 -24.89 -21.01 -51.79
N LEU D 159 -25.81 -20.09 -51.51
CA LEU D 159 -26.74 -19.61 -52.54
C LEU D 159 -25.89 -18.93 -53.61
N GLU D 160 -26.31 -19.00 -54.87
CA GLU D 160 -25.64 -18.30 -55.99
C GLU D 160 -25.65 -16.77 -55.78
N GLY D 161 -24.47 -16.15 -55.94
CA GLY D 161 -24.19 -14.71 -55.80
C GLY D 161 -24.19 -14.23 -54.35
N HIS D 162 -24.11 -15.12 -53.34
CA HIS D 162 -24.32 -14.78 -51.90
C HIS D 162 -23.02 -14.92 -51.09
N ASN D 163 -21.92 -15.34 -51.70
CA ASN D 163 -20.71 -15.69 -50.92
C ASN D 163 -19.89 -14.41 -50.68
N ILE D 164 -20.17 -13.76 -49.56
CA ILE D 164 -19.55 -12.48 -49.11
C ILE D 164 -18.10 -12.73 -48.69
N PHE D 165 -17.66 -13.99 -48.68
CA PHE D 165 -16.27 -14.38 -48.30
C PHE D 165 -15.53 -14.99 -49.50
N SER D 166 -15.99 -14.69 -50.71
CA SER D 166 -15.46 -15.24 -51.99
C SER D 166 -14.04 -14.73 -52.26
N THR D 167 -13.69 -13.54 -51.80
CA THR D 167 -12.33 -12.97 -51.99
C THR D 167 -11.35 -13.69 -51.05
N LEU D 168 -11.82 -14.29 -49.95
CA LEU D 168 -10.94 -14.86 -48.90
C LEU D 168 -10.26 -16.13 -49.44
N SER D 169 -9.00 -16.36 -49.06
CA SER D 169 -8.25 -17.62 -49.30
C SER D 169 -9.07 -18.79 -48.76
N SER D 170 -8.70 -20.01 -49.08
CA SER D 170 -9.41 -21.25 -48.67
C SER D 170 -9.22 -21.52 -47.17
N SER D 171 -8.07 -21.12 -46.61
CA SER D 171 -7.69 -21.17 -45.16
C SER D 171 -8.46 -20.13 -44.36
N GLU D 172 -8.37 -18.87 -44.81
CA GLU D 172 -9.04 -17.68 -44.24
C GLU D 172 -10.54 -17.96 -44.22
N TYR D 173 -11.04 -18.63 -45.25
CA TYR D 173 -12.48 -18.95 -45.42
C TYR D 173 -12.94 -19.93 -44.33
N GLU D 174 -12.23 -21.03 -44.12
CA GLU D 174 -12.72 -22.07 -43.18
C GLU D 174 -12.43 -21.64 -41.74
N GLN D 175 -11.59 -20.61 -41.60
CA GLN D 175 -11.26 -19.91 -40.34
C GLN D 175 -12.36 -18.92 -39.94
N VAL D 176 -12.85 -18.09 -40.86
CA VAL D 176 -13.98 -17.16 -40.57
C VAL D 176 -15.26 -17.98 -40.38
N LEU D 177 -15.40 -19.12 -41.07
CA LEU D 177 -16.56 -20.03 -40.94
C LEU D 177 -16.52 -20.66 -39.54
N GLU D 178 -15.32 -20.96 -39.05
CA GLU D 178 -15.05 -21.59 -37.73
C GLU D 178 -15.37 -20.60 -36.59
N ILE D 179 -14.99 -19.33 -36.70
CA ILE D 179 -15.39 -18.21 -35.80
C ILE D 179 -16.91 -18.15 -35.73
N ILE D 180 -17.55 -18.07 -36.90
CA ILE D 180 -19.03 -17.93 -37.00
C ILE D 180 -19.70 -19.08 -36.26
N ARG D 181 -19.23 -20.31 -36.48
CA ARG D 181 -19.77 -21.54 -35.84
C ARG D 181 -19.66 -21.45 -34.30
N LYS D 182 -18.47 -21.17 -33.76
CA LYS D 182 -18.27 -21.17 -32.28
C LYS D 182 -19.14 -20.07 -31.68
N ALA D 183 -19.10 -18.88 -32.29
CA ALA D 183 -19.93 -17.71 -31.94
C ALA D 183 -21.42 -18.12 -31.91
N ILE D 184 -21.96 -18.78 -32.95
CA ILE D 184 -23.42 -19.10 -33.00
C ILE D 184 -23.70 -20.17 -31.95
N ILE D 185 -22.81 -21.15 -31.80
CA ILE D 185 -22.98 -22.25 -30.80
C ILE D 185 -23.05 -21.63 -29.40
N ALA D 186 -22.20 -20.64 -29.11
CA ALA D 186 -22.01 -20.05 -27.75
C ALA D 186 -23.25 -19.24 -27.29
N THR D 187 -24.23 -18.95 -28.19
CA THR D 187 -25.52 -18.26 -27.90
C THR D 187 -26.55 -19.22 -27.27
N ASP D 188 -26.23 -20.51 -27.22
CA ASP D 188 -26.92 -21.50 -26.35
C ASP D 188 -26.61 -21.12 -24.89
N LEU D 189 -27.58 -20.57 -24.18
CA LEU D 189 -27.39 -20.10 -22.79
C LEU D 189 -26.89 -21.27 -21.91
N ALA D 190 -27.31 -22.49 -22.14
CA ALA D 190 -26.90 -23.65 -21.30
C ALA D 190 -25.37 -23.72 -21.17
N LEU D 191 -24.64 -23.32 -22.22
CA LEU D 191 -23.15 -23.33 -22.33
C LEU D 191 -22.52 -22.08 -21.68
N TYR D 192 -23.24 -20.96 -21.64
CA TYR D 192 -22.74 -19.68 -21.08
C TYR D 192 -22.16 -19.90 -19.67
N PHE D 193 -22.99 -20.43 -18.74
CA PHE D 193 -22.71 -20.56 -17.27
C PHE D 193 -21.28 -21.07 -17.03
N GLY D 194 -20.91 -22.21 -17.65
CA GLY D 194 -19.58 -22.87 -17.61
C GLY D 194 -18.49 -22.04 -18.27
N ASN D 195 -18.79 -21.34 -19.38
CA ASN D 195 -17.86 -20.43 -20.10
C ASN D 195 -17.60 -19.17 -19.26
N ARG D 196 -18.60 -18.65 -18.55
CA ARG D 196 -18.41 -17.48 -17.64
C ARG D 196 -17.56 -17.88 -16.43
N LYS D 197 -17.89 -19.00 -15.75
CA LYS D 197 -17.19 -19.51 -14.54
C LYS D 197 -15.69 -19.64 -14.82
N GLN D 198 -15.31 -20.23 -15.96
CA GLN D 198 -13.90 -20.42 -16.47
C GLN D 198 -13.16 -19.09 -16.73
N LEU D 199 -13.73 -18.11 -17.45
CA LEU D 199 -13.08 -16.79 -17.75
C LEU D 199 -12.86 -15.94 -16.47
N GLU D 200 -13.80 -16.06 -15.52
CA GLU D 200 -13.76 -15.31 -14.23
C GLU D 200 -12.52 -15.84 -13.49
N GLU D 201 -12.42 -17.17 -13.37
CA GLU D 201 -11.24 -17.86 -12.79
C GLU D 201 -9.94 -17.55 -13.55
N MET D 202 -9.92 -17.66 -14.88
CA MET D 202 -8.73 -17.27 -15.69
C MET D 202 -8.42 -15.78 -15.44
N TYR D 203 -9.39 -14.87 -15.53
CA TYR D 203 -9.11 -13.40 -15.47
C TYR D 203 -8.55 -13.00 -14.09
N GLN D 204 -9.18 -13.49 -13.02
CA GLN D 204 -8.92 -13.12 -11.60
C GLN D 204 -7.53 -13.60 -11.16
N THR D 205 -7.18 -14.86 -11.44
CA THR D 205 -5.83 -15.46 -11.14
C THR D 205 -4.78 -15.06 -12.20
N GLY D 206 -5.16 -14.21 -13.17
CA GLY D 206 -4.28 -13.58 -14.18
C GLY D 206 -3.64 -14.55 -15.15
N SER D 207 -4.24 -15.72 -15.41
CA SER D 207 -3.79 -16.68 -16.47
C SER D 207 -4.57 -16.46 -17.79
N LEU D 208 -5.39 -15.39 -17.92
CA LEU D 208 -6.08 -15.09 -19.21
C LEU D 208 -5.05 -14.55 -20.21
N ASN D 209 -5.08 -15.08 -21.44
CA ASN D 209 -4.06 -14.84 -22.48
C ASN D 209 -4.74 -14.83 -23.87
N LEU D 210 -4.95 -13.64 -24.44
CA LEU D 210 -5.61 -13.43 -25.77
C LEU D 210 -4.74 -13.95 -26.94
N ASN D 211 -3.50 -14.37 -26.72
CA ASN D 211 -2.67 -15.02 -27.77
C ASN D 211 -3.02 -16.52 -27.83
N ASN D 212 -3.68 -17.07 -26.81
CA ASN D 212 -4.17 -18.47 -26.74
C ASN D 212 -5.53 -18.54 -27.47
N GLN D 213 -5.61 -19.24 -28.60
CA GLN D 213 -6.84 -19.33 -29.42
C GLN D 213 -8.02 -19.81 -28.55
N SER D 214 -7.82 -20.85 -27.74
CA SER D 214 -8.83 -21.49 -26.83
C SER D 214 -9.46 -20.42 -25.93
N HIS D 215 -8.66 -19.46 -25.46
CA HIS D 215 -9.12 -18.32 -24.61
C HIS D 215 -9.95 -17.33 -25.45
N ARG D 216 -9.51 -17.00 -26.66
CA ARG D 216 -10.20 -16.04 -27.55
C ARG D 216 -11.64 -16.52 -27.81
N ASP D 217 -11.81 -17.80 -28.09
CA ASP D 217 -13.13 -18.46 -28.35
C ASP D 217 -14.04 -18.24 -27.15
N ARG D 218 -13.51 -18.41 -25.94
CA ARG D 218 -14.21 -18.12 -24.66
C ARG D 218 -14.63 -16.64 -24.56
N VAL D 219 -13.70 -15.71 -24.75
CA VAL D 219 -14.01 -14.24 -24.71
C VAL D 219 -15.07 -13.94 -25.78
N ILE D 220 -14.95 -14.52 -26.98
CA ILE D 220 -15.93 -14.32 -28.10
C ILE D 220 -17.27 -14.94 -27.68
N GLY D 221 -17.25 -16.13 -27.08
CA GLY D 221 -18.47 -16.75 -26.49
C GLY D 221 -19.20 -15.79 -25.57
N LEU D 222 -18.47 -15.19 -24.63
CA LEU D 222 -19.10 -14.27 -23.64
C LEU D 222 -19.63 -13.03 -24.36
N MET D 223 -18.85 -12.45 -25.29
CA MET D 223 -19.30 -11.31 -26.14
C MET D 223 -20.64 -11.65 -26.84
N MET D 224 -20.75 -12.84 -27.42
CA MET D 224 -21.99 -13.34 -28.05
C MET D 224 -23.15 -13.38 -27.03
N THR D 225 -22.96 -14.00 -25.84
CA THR D 225 -23.98 -13.98 -24.75
C THR D 225 -24.37 -12.50 -24.47
N ALA D 226 -23.41 -11.60 -24.30
CA ALA D 226 -23.63 -10.19 -23.92
C ALA D 226 -24.50 -9.52 -24.98
N CYS D 227 -24.10 -9.71 -26.23
CA CYS D 227 -24.81 -9.25 -27.45
C CYS D 227 -26.23 -9.88 -27.46
N ASP D 228 -26.32 -11.18 -27.24
CA ASP D 228 -27.59 -11.93 -27.29
C ASP D 228 -28.54 -11.42 -26.18
N LEU D 229 -28.03 -10.98 -25.04
CA LEU D 229 -28.91 -10.58 -23.90
C LEU D 229 -29.10 -9.06 -23.89
N CYS D 230 -28.73 -8.32 -24.94
CA CYS D 230 -28.43 -6.87 -24.85
C CYS D 230 -29.70 -6.03 -24.69
N SER D 231 -30.90 -6.63 -24.74
CA SER D 231 -32.18 -5.92 -24.42
C SER D 231 -32.22 -5.49 -22.94
N VAL D 232 -31.60 -6.21 -21.99
CA VAL D 232 -31.50 -5.77 -20.56
C VAL D 232 -30.56 -4.55 -20.40
N THR D 233 -29.80 -4.16 -21.42
CA THR D 233 -28.83 -3.04 -21.39
C THR D 233 -29.33 -1.82 -22.20
N LYS D 234 -30.62 -1.75 -22.48
CA LYS D 234 -31.26 -0.58 -23.14
C LYS D 234 -31.79 0.35 -22.02
N LEU D 235 -32.21 1.56 -22.39
CA LEU D 235 -33.08 2.45 -21.55
C LEU D 235 -34.33 1.66 -21.13
N TRP D 236 -34.93 2.05 -19.99
CA TRP D 236 -35.97 1.26 -19.27
C TRP D 236 -37.22 1.06 -20.12
N PRO D 237 -37.72 2.06 -20.89
CA PRO D 237 -38.86 1.82 -21.78
C PRO D 237 -38.64 0.74 -22.86
N VAL D 238 -37.43 0.64 -23.44
CA VAL D 238 -37.08 -0.39 -24.49
C VAL D 238 -37.08 -1.77 -23.82
N THR D 239 -36.35 -1.90 -22.70
CA THR D 239 -36.18 -3.16 -21.91
C THR D 239 -37.54 -3.69 -21.41
N LYS D 240 -38.38 -2.79 -20.88
CA LYS D 240 -39.69 -3.16 -20.32
C LYS D 240 -40.56 -3.73 -21.46
N LEU D 241 -40.65 -3.03 -22.60
CA LEU D 241 -41.48 -3.44 -23.77
C LEU D 241 -40.89 -4.70 -24.47
N THR D 242 -39.57 -4.96 -24.40
CA THR D 242 -38.94 -6.15 -25.03
C THR D 242 -39.29 -7.39 -24.20
N ALA D 243 -39.31 -7.24 -22.87
CA ALA D 243 -39.83 -8.24 -21.92
C ALA D 243 -41.16 -8.84 -22.39
N ASN D 244 -42.13 -8.03 -22.86
CA ASN D 244 -43.48 -8.47 -23.35
C ASN D 244 -43.32 -9.43 -24.56
N ASP D 245 -42.54 -9.06 -25.57
CA ASP D 245 -42.15 -9.95 -26.70
C ASP D 245 -41.60 -11.26 -26.13
N ILE D 246 -40.59 -11.19 -25.26
CA ILE D 246 -39.90 -12.38 -24.71
C ILE D 246 -40.94 -13.29 -24.06
N TYR D 247 -41.84 -12.74 -23.24
CA TYR D 247 -42.78 -13.52 -22.39
C TYR D 247 -43.85 -14.12 -23.31
N ALA D 248 -44.23 -13.39 -24.37
CA ALA D 248 -45.26 -13.86 -25.33
C ALA D 248 -44.78 -15.21 -25.91
N GLU D 249 -43.51 -15.34 -26.27
CA GLU D 249 -42.94 -16.65 -26.71
C GLU D 249 -42.97 -17.70 -25.60
N PHE D 250 -42.43 -17.37 -24.43
CA PHE D 250 -42.39 -18.26 -23.25
C PHE D 250 -43.80 -18.79 -22.98
N TRP D 251 -44.79 -17.92 -22.97
CA TRP D 251 -46.17 -18.34 -22.63
C TRP D 251 -46.73 -19.28 -23.73
N ALA D 252 -46.57 -18.95 -25.03
CA ALA D 252 -46.93 -19.83 -26.17
C ALA D 252 -46.18 -21.15 -26.01
N GLU D 253 -44.92 -21.12 -25.56
CA GLU D 253 -44.16 -22.39 -25.33
C GLU D 253 -44.72 -23.13 -24.11
N GLY D 254 -45.08 -22.43 -23.05
CA GLY D 254 -45.70 -23.09 -21.89
C GLY D 254 -47.01 -23.72 -22.27
N ASP D 255 -47.87 -22.98 -23.00
CA ASP D 255 -49.17 -23.51 -23.53
C ASP D 255 -48.91 -24.82 -24.30
N GLU D 256 -47.84 -24.86 -25.09
CA GLU D 256 -47.53 -26.04 -25.94
C GLU D 256 -47.07 -27.18 -25.01
N MET D 257 -46.36 -26.86 -23.92
CA MET D 257 -45.95 -27.85 -22.89
C MET D 257 -47.22 -28.46 -22.27
N LYS D 258 -48.20 -27.64 -21.88
CA LYS D 258 -49.48 -28.13 -21.31
C LYS D 258 -50.17 -29.03 -22.34
N LYS D 259 -50.06 -28.71 -23.64
CA LYS D 259 -50.67 -29.52 -24.71
C LYS D 259 -49.95 -30.88 -24.82
N LEU D 260 -48.66 -30.96 -24.46
CA LEU D 260 -47.91 -32.25 -24.44
C LEU D 260 -48.21 -33.02 -23.14
N GLY D 261 -49.01 -32.46 -22.20
CA GLY D 261 -49.37 -33.09 -20.92
C GLY D 261 -48.39 -32.75 -19.79
N ILE D 262 -47.60 -31.70 -19.94
CA ILE D 262 -46.44 -31.37 -19.06
C ILE D 262 -46.60 -29.95 -18.45
N GLN D 263 -46.60 -29.84 -17.12
CA GLN D 263 -46.65 -28.54 -16.41
C GLN D 263 -45.35 -27.79 -16.73
N PRO D 264 -45.38 -26.67 -17.48
CA PRO D 264 -44.13 -25.99 -17.83
C PRO D 264 -43.57 -25.38 -16.54
N ILE D 265 -42.31 -24.94 -16.54
CA ILE D 265 -41.71 -24.11 -15.46
C ILE D 265 -42.50 -22.80 -15.32
N PRO D 266 -42.51 -22.14 -14.14
CA PRO D 266 -43.39 -20.98 -13.91
C PRO D 266 -43.20 -19.80 -14.88
N MET D 267 -41.94 -19.62 -15.30
CA MET D 267 -41.45 -18.58 -16.24
C MET D 267 -42.32 -18.53 -17.50
N MET D 268 -42.65 -19.72 -18.01
CA MET D 268 -43.38 -19.97 -19.28
C MET D 268 -44.88 -20.20 -18.99
N ASP D 269 -45.34 -20.17 -17.73
CA ASP D 269 -46.79 -20.37 -17.42
C ASP D 269 -47.50 -19.01 -17.33
N ARG D 270 -48.48 -18.78 -18.23
CA ARG D 270 -49.22 -17.50 -18.37
C ARG D 270 -50.25 -17.38 -17.23
N ASP D 271 -50.54 -18.45 -16.49
CA ASP D 271 -51.37 -18.31 -15.26
C ASP D 271 -50.51 -17.76 -14.10
N LYS D 272 -49.24 -17.42 -14.34
CA LYS D 272 -48.34 -16.90 -13.29
C LYS D 272 -47.77 -15.55 -13.71
N LYS D 273 -48.37 -14.89 -14.72
CA LYS D 273 -48.02 -13.51 -15.22
C LYS D 273 -47.66 -12.56 -14.07
N ASP D 274 -48.38 -12.65 -12.94
CA ASP D 274 -48.28 -11.71 -11.80
C ASP D 274 -46.87 -11.80 -11.16
N GLU D 275 -46.20 -12.97 -11.18
CA GLU D 275 -44.86 -13.21 -10.55
C GLU D 275 -43.72 -12.82 -11.51
N VAL D 276 -44.01 -12.03 -12.55
CA VAL D 276 -43.03 -11.65 -13.63
C VAL D 276 -41.94 -10.77 -13.01
N PRO D 277 -42.28 -9.68 -12.27
CA PRO D 277 -41.25 -8.82 -11.69
C PRO D 277 -40.23 -9.62 -10.84
N GLN D 278 -40.70 -10.58 -10.05
CA GLN D 278 -39.87 -11.51 -9.23
C GLN D 278 -38.98 -12.40 -10.14
N GLY D 279 -39.49 -12.89 -11.27
CA GLY D 279 -38.75 -13.78 -12.19
C GLY D 279 -37.58 -13.08 -12.88
N GLN D 280 -37.87 -11.89 -13.43
CA GLN D 280 -36.93 -10.90 -13.99
C GLN D 280 -35.76 -10.64 -13.04
N LEU D 281 -36.09 -10.26 -11.79
CA LEU D 281 -35.14 -9.95 -10.71
C LEU D 281 -34.10 -11.09 -10.64
N GLY D 282 -34.59 -12.33 -10.51
CA GLY D 282 -33.81 -13.59 -10.45
C GLY D 282 -32.92 -13.81 -11.68
N PHE D 283 -33.44 -13.45 -12.85
CA PHE D 283 -32.72 -13.52 -14.16
C PHE D 283 -31.56 -12.51 -14.18
N TYR D 284 -31.75 -11.26 -13.73
CA TYR D 284 -30.67 -10.25 -13.57
C TYR D 284 -29.54 -10.72 -12.61
N ASN D 285 -29.88 -11.26 -11.43
CA ASN D 285 -28.87 -11.70 -10.43
C ASN D 285 -28.16 -12.98 -10.88
N ALA D 286 -28.93 -13.99 -11.37
CA ALA D 286 -28.39 -15.32 -11.76
C ALA D 286 -27.74 -15.30 -13.16
N VAL D 287 -28.13 -14.40 -14.09
CA VAL D 287 -27.67 -14.49 -15.51
C VAL D 287 -27.11 -13.15 -16.00
N ALA D 288 -27.95 -12.11 -16.14
CA ALA D 288 -27.57 -10.81 -16.75
C ALA D 288 -26.38 -10.17 -16.00
N ILE D 289 -26.49 -9.89 -14.69
CA ILE D 289 -25.47 -9.08 -13.95
C ILE D 289 -24.15 -9.84 -14.01
N PRO D 290 -24.07 -11.13 -13.60
CA PRO D 290 -22.80 -11.85 -13.70
C PRO D 290 -22.24 -11.68 -15.13
N CYS D 291 -23.07 -11.89 -16.18
CA CYS D 291 -22.63 -11.81 -17.61
C CYS D 291 -21.83 -10.53 -17.88
N TYR D 292 -22.46 -9.37 -17.69
CA TYR D 292 -21.87 -8.04 -17.98
C TYR D 292 -20.73 -7.70 -17.00
N THR D 293 -20.72 -8.31 -15.80
CA THR D 293 -19.63 -8.12 -14.79
C THR D 293 -18.35 -8.78 -15.34
N THR D 294 -18.37 -10.06 -15.70
CA THR D 294 -17.16 -10.71 -16.28
C THR D 294 -16.69 -9.94 -17.53
N LEU D 295 -17.60 -9.44 -18.37
CA LEU D 295 -17.23 -8.86 -19.69
C LEU D 295 -16.62 -7.46 -19.50
N THR D 296 -17.15 -6.66 -18.56
CA THR D 296 -16.58 -5.33 -18.17
C THR D 296 -15.18 -5.57 -17.57
N GLN D 297 -14.98 -6.67 -16.82
CA GLN D 297 -13.64 -7.06 -16.28
C GLN D 297 -12.67 -7.20 -17.47
N ILE D 298 -12.98 -8.07 -18.43
CA ILE D 298 -12.08 -8.48 -19.55
C ILE D 298 -11.88 -7.33 -20.58
N LEU D 299 -12.93 -6.55 -20.90
CA LEU D 299 -12.91 -5.43 -21.88
C LEU D 299 -13.57 -4.22 -21.22
N PRO D 300 -12.79 -3.43 -20.45
CA PRO D 300 -13.31 -2.27 -19.71
C PRO D 300 -14.23 -1.31 -20.46
N PRO D 301 -14.04 -1.05 -21.79
CA PRO D 301 -14.92 -0.12 -22.51
C PRO D 301 -16.35 -0.64 -22.77
N THR D 302 -16.66 -1.92 -22.44
CA THR D 302 -18.01 -2.54 -22.40
C THR D 302 -18.79 -2.19 -21.11
N GLU D 303 -18.22 -1.36 -20.22
CA GLU D 303 -18.82 -1.00 -18.90
C GLU D 303 -20.24 -0.43 -19.07
N PRO D 304 -20.53 0.47 -20.05
CA PRO D 304 -21.90 0.95 -20.25
C PRO D 304 -23.00 -0.14 -20.31
N LEU D 305 -22.74 -1.33 -20.87
CA LEU D 305 -23.69 -2.47 -20.77
C LEU D 305 -23.98 -2.74 -19.28
N LEU D 306 -22.96 -2.91 -18.45
CA LEU D 306 -23.15 -3.29 -17.01
C LEU D 306 -23.93 -2.18 -16.27
N LYS D 307 -23.58 -0.91 -16.46
CA LYS D 307 -24.29 0.23 -15.81
C LYS D 307 -25.78 0.18 -16.18
N ALA D 308 -26.07 0.10 -17.48
CA ALA D 308 -27.43 -0.01 -18.09
C ALA D 308 -28.18 -1.24 -17.53
N CYS D 309 -27.55 -2.41 -17.43
CA CYS D 309 -28.11 -3.62 -16.77
C CYS D 309 -28.51 -3.34 -15.30
N ARG D 310 -27.63 -2.70 -14.53
CA ARG D 310 -27.85 -2.39 -13.08
C ARG D 310 -29.06 -1.46 -12.93
N ASP D 311 -29.14 -0.43 -13.75
CA ASP D 311 -30.30 0.51 -13.74
C ASP D 311 -31.59 -0.29 -13.91
N ASN D 312 -31.67 -1.13 -14.97
CA ASN D 312 -32.89 -1.92 -15.31
C ASN D 312 -33.19 -2.89 -14.15
N LEU D 313 -32.18 -3.38 -13.42
CA LEU D 313 -32.39 -4.24 -12.20
C LEU D 313 -33.14 -3.41 -11.15
N SER D 314 -32.63 -2.22 -10.85
CA SER D 314 -33.21 -1.26 -9.88
C SER D 314 -34.62 -0.84 -10.34
N GLN D 315 -34.87 -0.87 -11.66
CA GLN D 315 -36.19 -0.56 -12.26
C GLN D 315 -37.17 -1.71 -12.00
N TRP D 316 -36.73 -2.99 -12.05
CA TRP D 316 -37.56 -4.19 -11.70
C TRP D 316 -37.81 -4.24 -10.17
N GLU D 317 -36.80 -3.93 -9.35
CA GLU D 317 -36.92 -3.70 -7.88
C GLU D 317 -38.05 -2.69 -7.56
N LYS D 318 -38.12 -1.54 -8.25
CA LYS D 318 -39.18 -0.50 -8.03
C LYS D 318 -40.57 -0.97 -8.49
N VAL D 319 -40.68 -1.85 -9.50
CA VAL D 319 -41.98 -2.44 -9.95
C VAL D 319 -42.48 -3.40 -8.87
N ILE D 320 -41.60 -4.13 -8.18
CA ILE D 320 -42.00 -5.15 -7.17
C ILE D 320 -42.65 -4.47 -5.95
N ARG D 321 -42.67 -3.12 -5.88
CA ARG D 321 -43.44 -2.30 -4.90
C ARG D 321 -44.22 -1.14 -5.58
N GLY D 322 -43.57 -0.02 -5.96
CA GLY D 322 -44.22 1.22 -6.46
C GLY D 322 -43.68 1.69 -7.80
C10 IIR E . 27.45 -11.86 18.67
C10 IIR E . 27.48 -11.89 18.74
C11 IIR E . 27.57 -11.06 19.82
C11 IIR E . 27.60 -11.08 19.88
C13 IIR E . 27.39 -7.83 24.19
C13 IIR E . 27.45 -7.75 24.20
C15 IIR E . 26.42 -4.54 24.36
C15 IIR E . 26.43 -4.55 24.36
C16 IIR E . 25.86 -5.89 24.23
C16 IIR E . 25.86 -5.89 24.23
C18 IIR E . 24.57 -3.91 25.87
C18 IIR E . 24.60 -3.92 25.90
C20 IIR E . 22.96 -5.35 26.49
C20 IIR E . 22.98 -5.36 26.53
C21 IIR E . 22.77 -4.08 27.10
C21 IIR E . 22.81 -4.10 27.15
C23 IIR E . 21.61 -3.72 28.02
C23 IIR E . 21.67 -3.74 28.08
C24 IIR E . 20.87 -2.51 27.59
C24 IIR E . 20.78 -2.66 27.59
C25 IIR E . 21.86 -2.44 28.71
C25 IIR E . 21.81 -2.37 28.63
C26 IIR E . 22.07 -6.52 26.67
C26 IIR E . 22.09 -6.54 26.71
C28 IIR E . 26.50 -6.93 23.35
C28 IIR E . 26.50 -6.93 23.35
N1 IIR E . 29.63 -8.73 23.33
N1 IIR E . 29.68 -8.71 23.35
C2 IIR E . 30.05 -9.49 22.30
C2 IIR E . 30.09 -9.49 22.32
C3 IIR E . 28.92 -9.88 21.58
C3 IIR E . 28.94 -9.85 21.62
N4 IIR E . 27.83 -9.34 22.20
N4 IIR E . 27.88 -9.29 22.22
C5 IIR E . 28.28 -8.62 23.26
C5 IIR E . 28.33 -8.57 23.28
C6 IIR E . 28.81 -10.76 20.36
C6 IIR E . 28.84 -10.76 20.39
C7 IIR E . 29.94 -11.30 19.79
C7 IIR E . 29.98 -11.27 19.81
C8 IIR E . 29.84 -12.11 18.66
C8 IIR E . 29.86 -12.09 18.69
C9 IIR E . 28.60 -12.38 18.09
C9 IIR E . 28.62 -12.39 18.16
C12 IIR E . 30.43 -8.08 24.35
C12 IIR E . 30.49 -8.06 24.37
C14 IIR E . 25.79 -3.52 25.16
C14 IIR E . 25.80 -3.53 25.18
N17 IIR E . 24.67 -6.22 24.95
N17 IIR E . 24.68 -6.22 24.96
N19 IIR E . 24.06 -5.25 25.73
N19 IIR E . 24.09 -5.27 25.75
N22 IIR E . 23.77 -3.20 26.70
N22 IIR E . 23.80 -3.22 26.74
O27 IIR E . 22.79 -7.54 27.25
O27 IIR E . 21.45 -6.89 25.52
ZN ZN F . 21.83 5.26 27.26
MG MG G . 24.64 6.95 25.69
C10 IIR H . -1.14 -19.48 15.13
C11 IIR H . -2.38 -18.91 14.84
C13 IIR H . -7.07 -16.40 13.56
C15 IIR H . -7.88 -13.08 13.88
C16 IIR H . -7.17 -14.04 13.01
C18 IIR H . -8.67 -11.87 11.92
C20 IIR H . -8.17 -12.63 9.81
C21 IIR H . -9.00 -11.45 9.79
C23 IIR H . -9.49 -10.76 8.52
C24 IIR H . -8.87 -9.45 8.22
C25 IIR H . -10.23 -9.50 8.83
C26 IIR H . -7.62 -13.46 8.68
C28 IIR H . -6.31 -15.14 13.55
N1 IIR H . -6.99 -18.18 15.42
C2 IIR H . -6.02 -18.93 15.97
C3 IIR H . -4.81 -18.60 15.34
N4 IIR H . -5.02 -17.70 14.37
C5 IIR H . -6.35 -17.40 14.45
C6 IIR H . -3.47 -19.22 15.67
C7 IIR H . -3.38 -20.13 16.74
C8 IIR H . -2.14 -20.74 16.98
C9 IIR H . -1.02 -20.40 16.19
C12 IIR H . -8.42 -18.19 15.74
C14 IIR H . -8.61 -11.93 13.34
N17 IIR H . -7.20 -13.91 11.61
N19 IIR H . -7.97 -12.89 11.11
N22 IIR H . -9.32 -11.00 11.11
O27 IIR H . -6.39 -12.97 8.24
ZN ZN I . -11.60 -2.73 12.13
MG MG J . -11.93 -2.33 15.86
C10 IIR K . 15.39 -13.00 -9.12
C11 IIR K . 15.98 -11.85 -9.68
C13 IIR K . 18.39 -7.31 -11.57
C15 IIR K . 17.35 -3.93 -11.55
C16 IIR K . 18.08 -4.98 -10.79
C18 IIR K . 18.98 -2.26 -10.81
C20 IIR K . 20.74 -2.83 -9.48
C21 IIR K . 20.72 -1.41 -9.80
C23 IIR K . 21.80 -0.43 -9.35
C24 IIR K . 21.68 0.46 -8.20
C25 IIR K . 21.25 0.92 -9.55
C26 IIR K . 21.75 -3.58 -8.66
C28 IIR K . 17.57 -6.41 -10.70
N1 IIR K . 17.13 -8.91 -13.21
C2 IIR K . 16.45 -10.07 -13.03
C3 IIR K . 16.51 -10.38 -11.66
N4 IIR K . 17.23 -9.42 -10.97
C5 IIR K . 17.59 -8.52 -11.92
C6 IIR K . 15.89 -11.63 -11.06
C7 IIR K . 15.23 -12.53 -11.91
C8 IIR K . 14.65 -13.68 -11.35
C9 IIR K . 14.72 -13.91 -9.96
C12 IIR K . 17.28 -8.25 -14.51
C14 IIR K . 17.79 -2.56 -11.56
N17 IIR K . 19.27 -4.66 -10.05
N19 IIR K . 19.69 -3.35 -10.10
N22 IIR K . 19.65 -1.08 -10.66
O27 IIR K . 21.17 -4.53 -7.92
ZN ZN L . 17.21 7.15 -9.82
MG MG M . 13.91 7.41 -11.61
C10 IIR N . -43.16 -15.21 -14.19
C11 IIR N . -41.84 -15.16 -14.66
C13 IIR N . -36.69 -14.50 -16.65
C15 IIR N . -35.29 -15.25 -19.81
C16 IIR N . -36.16 -14.29 -19.10
C18 IIR N . -34.28 -13.36 -21.10
C20 IIR N . -34.94 -11.15 -20.78
C21 IIR N . -33.91 -11.24 -21.78
C23 IIR N . -33.36 -10.05 -22.57
C24 IIR N . -33.58 -10.13 -24.04
C25 IIR N . -32.23 -10.37 -23.49
C26 IIR N . -35.68 -9.93 -20.28
C28 IIR N . -37.18 -14.73 -18.06
N1 IIR N . -37.21 -16.33 -14.86
C2 IIR N . -38.34 -16.73 -14.18
C3 IIR N . -39.41 -15.91 -14.58
N4 IIR N . -38.97 -15.01 -15.48
C5 IIR N . -37.62 -15.27 -15.68
C6 IIR N . -40.84 -15.99 -14.06
C7 IIR N . -41.16 -16.87 -13.00
C8 IIR N . -42.49 -16.90 -12.54
C9 IIR N . -43.47 -16.08 -13.13
C12 IIR N . -35.87 -16.90 -14.76
C14 IIR N . -34.35 -14.79 -20.82
N17 IIR N . -36.11 -12.89 -19.42
N19 IIR N . -35.18 -12.44 -20.36
N22 IIR N . -33.51 -12.59 -21.99
O27 IIR N . -35.47 -9.74 -18.92
ZN ZN O . -30.70 -14.57 -29.90
MG MG P . -30.76 -18.39 -30.19
#